data_3NXV
# 
_entry.id   3NXV 
# 
_audit_conform.dict_name       mmcif_pdbx.dic 
_audit_conform.dict_version    5.389 
_audit_conform.dict_location   http://mmcif.pdb.org/dictionaries/ascii/mmcif_pdbx.dic 
# 
loop_
_database_2.database_id 
_database_2.database_code 
_database_2.pdbx_database_accession 
_database_2.pdbx_DOI 
PDB   3NXV         pdb_00003nxv 10.2210/pdb3nxv/pdb 
RCSB  RCSB060415   ?            ?                   
WWPDB D_1000060415 ?            ?                   
# 
loop_
_pdbx_audit_revision_history.ordinal 
_pdbx_audit_revision_history.data_content_type 
_pdbx_audit_revision_history.major_revision 
_pdbx_audit_revision_history.minor_revision 
_pdbx_audit_revision_history.revision_date 
1 'Structure model' 1 0 2010-12-01 
2 'Structure model' 1 1 2011-07-13 
3 'Structure model' 1 2 2012-03-21 
4 'Structure model' 1 3 2017-11-08 
5 'Structure model' 1 4 2024-02-21 
6 'Structure model' 1 5 2024-04-03 
# 
_pdbx_audit_revision_details.ordinal             1 
_pdbx_audit_revision_details.revision_ordinal    1 
_pdbx_audit_revision_details.data_content_type   'Structure model' 
_pdbx_audit_revision_details.provider            repository 
_pdbx_audit_revision_details.type                'Initial release' 
_pdbx_audit_revision_details.description         ? 
_pdbx_audit_revision_details.details             ? 
# 
loop_
_pdbx_audit_revision_group.ordinal 
_pdbx_audit_revision_group.revision_ordinal 
_pdbx_audit_revision_group.data_content_type 
_pdbx_audit_revision_group.group 
1 2 'Structure model' 'Version format compliance' 
2 3 'Structure model' 'Database references'       
3 4 'Structure model' 'Refinement description'    
4 5 'Structure model' 'Data collection'           
5 5 'Structure model' 'Database references'       
6 5 'Structure model' 'Derived calculations'      
7 6 'Structure model' 'Refinement description'    
# 
loop_
_pdbx_audit_revision_category.ordinal 
_pdbx_audit_revision_category.revision_ordinal 
_pdbx_audit_revision_category.data_content_type 
_pdbx_audit_revision_category.category 
1 4 'Structure model' software                      
2 5 'Structure model' chem_comp_atom                
3 5 'Structure model' chem_comp_bond                
4 5 'Structure model' database_2                    
5 5 'Structure model' struct_site                   
6 6 'Structure model' pdbx_initial_refinement_model 
# 
loop_
_pdbx_audit_revision_item.ordinal 
_pdbx_audit_revision_item.revision_ordinal 
_pdbx_audit_revision_item.data_content_type 
_pdbx_audit_revision_item.item 
1 5 'Structure model' '_database_2.pdbx_DOI'                
2 5 'Structure model' '_database_2.pdbx_database_accession' 
3 5 'Structure model' '_struct_site.pdbx_auth_asym_id'      
4 5 'Structure model' '_struct_site.pdbx_auth_comp_id'      
5 5 'Structure model' '_struct_site.pdbx_auth_seq_id'       
# 
_pdbx_database_status.status_code                     REL 
_pdbx_database_status.entry_id                        3NXV 
_pdbx_database_status.recvd_initial_deposition_date   2010-07-14 
_pdbx_database_status.deposit_site                    RCSB 
_pdbx_database_status.process_site                    RCSB 
_pdbx_database_status.status_code_sf                  REL 
_pdbx_database_status.status_code_mr                  ? 
_pdbx_database_status.SG_entry                        ? 
_pdbx_database_status.status_code_cs                  ? 
_pdbx_database_status.pdb_format_compatible           Y 
_pdbx_database_status.methods_development_category    ? 
_pdbx_database_status.status_code_nmr_data            ? 
# 
loop_
_pdbx_database_related.db_name 
_pdbx_database_related.db_id 
_pdbx_database_related.details 
_pdbx_database_related.content_type 
PDB 3NXO . unspecified 
PDB 3NXR . unspecified 
PDB 3NXT . unspecified 
PDB 3NXX . unspecified 
PDB 3NXY . unspecified 
PDB 3NZ6 . unspecified 
PDB 3NZ9 . unspecified 
PDB 3NZA . unspecified 
PDB 3NZB . unspecified 
PDB 3NZC . unspecified 
PDB 3NZD . unspecified 
PDB 3gyf . unspecified 
PDB 3d7y . unspecified 
PDB 3d7x . unspecified 
# 
_audit_author.name           'Cody, V.' 
_audit_author.pdbx_ordinal   1 
# 
_citation.id                        primary 
_citation.title                     
;Preferential selection of isomer binding from chiral mixtures: alternate binding modes observed for the E and Z isomers of a series of 5-substituted 2,4-diaminofuro[2,3-d]pyrimidines as ternary complexes with NADPH and human dihydrofolate reductase.
;
_citation.journal_abbrev            'Acta Crystallogr.,Sect.D' 
_citation.journal_volume            66 
_citation.page_first                1271 
_citation.page_last                 1277 
_citation.year                      2010 
_citation.journal_id_ASTM           ABCRE6 
_citation.country                   DK 
_citation.journal_id_ISSN           0907-4449 
_citation.journal_id_CSD            0766 
_citation.book_publisher            ? 
_citation.pdbx_database_id_PubMed   21123866 
_citation.pdbx_database_id_DOI      10.1107/S0907444910035808 
# 
loop_
_citation_author.citation_id 
_citation_author.name 
_citation_author.ordinal 
_citation_author.identifier_ORCID 
primary 'Cody, V.'    1 ? 
primary 'Piraino, J.' 2 ? 
primary 'Pace, J.'    3 ? 
primary 'Li, W.'      4 ? 
primary 'Gangjee, A.' 5 ? 
# 
loop_
_entity.id 
_entity.type 
_entity.src_method 
_entity.pdbx_description 
_entity.formula_weight 
_entity.pdbx_number_of_molecules 
_entity.pdbx_ec 
_entity.pdbx_mutation 
_entity.pdbx_fragment 
_entity.details 
1 polymer     man 'Dihydrofolate reductase'                                                    21349.525 1  1.5.1.3 ? ? ? 
2 non-polymer syn '5-[(1E)-2-(2-methoxyphenyl)hex-1-en-1-yl]furo[2,3-d]pyrimidine-2,4-diamine' 338.404   1  ?       ? ? ? 
3 non-polymer syn 'NADPH DIHYDRO-NICOTINAMIDE-ADENINE-DINUCLEOTIDE PHOSPHATE'                  745.421   1  ?       ? ? ? 
4 non-polymer syn 'SULFATE ION'                                                                96.063    1  ?       ? ? ? 
5 water       nat water                                                                        18.015    92 ?       ? ? ? 
# 
_entity_poly.entity_id                      1 
_entity_poly.type                           'polypeptide(L)' 
_entity_poly.nstd_linkage                   no 
_entity_poly.nstd_monomer                   no 
_entity_poly.pdbx_seq_one_letter_code       
;VGSLNCIVAVSQNMGIGKNGDLPWPPLRNEFRYFQRMTTTSSVEGKQNLVIMGKKTWFSIPEKNRPLKGRINLVLSRELK
EPPQGAHFLSRSLDDALKLTEQPELANKVDMVWIVGGSSVYKEAMNHPGHLKLFVTRIMQDFESDTFFPEIDLEKYKLLP
EYPGVLSDVQEEKGIKYKFEVYEKND
;
_entity_poly.pdbx_seq_one_letter_code_can   
;VGSLNCIVAVSQNMGIGKNGDLPWPPLRNEFRYFQRMTTTSSVEGKQNLVIMGKKTWFSIPEKNRPLKGRINLVLSRELK
EPPQGAHFLSRSLDDALKLTEQPELANKVDMVWIVGGSSVYKEAMNHPGHLKLFVTRIMQDFESDTFFPEIDLEKYKLLP
EYPGVLSDVQEEKGIKYKFEVYEKND
;
_entity_poly.pdbx_strand_id                 A 
_entity_poly.pdbx_target_identifier         ? 
# 
loop_
_pdbx_entity_nonpoly.entity_id 
_pdbx_entity_nonpoly.name 
_pdbx_entity_nonpoly.comp_id 
2 '5-[(1E)-2-(2-methoxyphenyl)hex-1-en-1-yl]furo[2,3-d]pyrimidine-2,4-diamine' D2F 
3 'NADPH DIHYDRO-NICOTINAMIDE-ADENINE-DINUCLEOTIDE PHOSPHATE'                  NDP 
4 'SULFATE ION'                                                                SO4 
5 water                                                                        HOH 
# 
loop_
_entity_poly_seq.entity_id 
_entity_poly_seq.num 
_entity_poly_seq.mon_id 
_entity_poly_seq.hetero 
1 1   VAL n 
1 2   GLY n 
1 3   SER n 
1 4   LEU n 
1 5   ASN n 
1 6   CYS n 
1 7   ILE n 
1 8   VAL n 
1 9   ALA n 
1 10  VAL n 
1 11  SER n 
1 12  GLN n 
1 13  ASN n 
1 14  MET n 
1 15  GLY n 
1 16  ILE n 
1 17  GLY n 
1 18  LYS n 
1 19  ASN n 
1 20  GLY n 
1 21  ASP n 
1 22  LEU n 
1 23  PRO n 
1 24  TRP n 
1 25  PRO n 
1 26  PRO n 
1 27  LEU n 
1 28  ARG n 
1 29  ASN n 
1 30  GLU n 
1 31  PHE n 
1 32  ARG n 
1 33  TYR n 
1 34  PHE n 
1 35  GLN n 
1 36  ARG n 
1 37  MET n 
1 38  THR n 
1 39  THR n 
1 40  THR n 
1 41  SER n 
1 42  SER n 
1 43  VAL n 
1 44  GLU n 
1 45  GLY n 
1 46  LYS n 
1 47  GLN n 
1 48  ASN n 
1 49  LEU n 
1 50  VAL n 
1 51  ILE n 
1 52  MET n 
1 53  GLY n 
1 54  LYS n 
1 55  LYS n 
1 56  THR n 
1 57  TRP n 
1 58  PHE n 
1 59  SER n 
1 60  ILE n 
1 61  PRO n 
1 62  GLU n 
1 63  LYS n 
1 64  ASN n 
1 65  ARG n 
1 66  PRO n 
1 67  LEU n 
1 68  LYS n 
1 69  GLY n 
1 70  ARG n 
1 71  ILE n 
1 72  ASN n 
1 73  LEU n 
1 74  VAL n 
1 75  LEU n 
1 76  SER n 
1 77  ARG n 
1 78  GLU n 
1 79  LEU n 
1 80  LYS n 
1 81  GLU n 
1 82  PRO n 
1 83  PRO n 
1 84  GLN n 
1 85  GLY n 
1 86  ALA n 
1 87  HIS n 
1 88  PHE n 
1 89  LEU n 
1 90  SER n 
1 91  ARG n 
1 92  SER n 
1 93  LEU n 
1 94  ASP n 
1 95  ASP n 
1 96  ALA n 
1 97  LEU n 
1 98  LYS n 
1 99  LEU n 
1 100 THR n 
1 101 GLU n 
1 102 GLN n 
1 103 PRO n 
1 104 GLU n 
1 105 LEU n 
1 106 ALA n 
1 107 ASN n 
1 108 LYS n 
1 109 VAL n 
1 110 ASP n 
1 111 MET n 
1 112 VAL n 
1 113 TRP n 
1 114 ILE n 
1 115 VAL n 
1 116 GLY n 
1 117 GLY n 
1 118 SER n 
1 119 SER n 
1 120 VAL n 
1 121 TYR n 
1 122 LYS n 
1 123 GLU n 
1 124 ALA n 
1 125 MET n 
1 126 ASN n 
1 127 HIS n 
1 128 PRO n 
1 129 GLY n 
1 130 HIS n 
1 131 LEU n 
1 132 LYS n 
1 133 LEU n 
1 134 PHE n 
1 135 VAL n 
1 136 THR n 
1 137 ARG n 
1 138 ILE n 
1 139 MET n 
1 140 GLN n 
1 141 ASP n 
1 142 PHE n 
1 143 GLU n 
1 144 SER n 
1 145 ASP n 
1 146 THR n 
1 147 PHE n 
1 148 PHE n 
1 149 PRO n 
1 150 GLU n 
1 151 ILE n 
1 152 ASP n 
1 153 LEU n 
1 154 GLU n 
1 155 LYS n 
1 156 TYR n 
1 157 LYS n 
1 158 LEU n 
1 159 LEU n 
1 160 PRO n 
1 161 GLU n 
1 162 TYR n 
1 163 PRO n 
1 164 GLY n 
1 165 VAL n 
1 166 LEU n 
1 167 SER n 
1 168 ASP n 
1 169 VAL n 
1 170 GLN n 
1 171 GLU n 
1 172 GLU n 
1 173 LYS n 
1 174 GLY n 
1 175 ILE n 
1 176 LYS n 
1 177 TYR n 
1 178 LYS n 
1 179 PHE n 
1 180 GLU n 
1 181 VAL n 
1 182 TYR n 
1 183 GLU n 
1 184 LYS n 
1 185 ASN n 
1 186 ASP n 
# 
_entity_src_gen.entity_id                          1 
_entity_src_gen.pdbx_src_id                        1 
_entity_src_gen.pdbx_alt_source_flag               sample 
_entity_src_gen.pdbx_seq_type                      ? 
_entity_src_gen.pdbx_beg_seq_num                   ? 
_entity_src_gen.pdbx_end_seq_num                   ? 
_entity_src_gen.gene_src_common_name               human 
_entity_src_gen.gene_src_genus                     ? 
_entity_src_gen.pdbx_gene_src_gene                 'DHFR, DHFRP1' 
_entity_src_gen.gene_src_species                   ? 
_entity_src_gen.gene_src_strain                    ? 
_entity_src_gen.gene_src_tissue                    ? 
_entity_src_gen.gene_src_tissue_fraction           ? 
_entity_src_gen.gene_src_details                   ? 
_entity_src_gen.pdbx_gene_src_fragment             ? 
_entity_src_gen.pdbx_gene_src_scientific_name      'Homo sapiens' 
_entity_src_gen.pdbx_gene_src_ncbi_taxonomy_id     9606 
_entity_src_gen.pdbx_gene_src_variant              ? 
_entity_src_gen.pdbx_gene_src_cell_line            ? 
_entity_src_gen.pdbx_gene_src_atcc                 ? 
_entity_src_gen.pdbx_gene_src_organ                ? 
_entity_src_gen.pdbx_gene_src_organelle            ? 
_entity_src_gen.pdbx_gene_src_cell                 ? 
_entity_src_gen.pdbx_gene_src_cellular_location    ? 
_entity_src_gen.host_org_common_name               ? 
_entity_src_gen.pdbx_host_org_scientific_name      'Escherichia coli' 
_entity_src_gen.pdbx_host_org_ncbi_taxonomy_id     562 
_entity_src_gen.host_org_genus                     ? 
_entity_src_gen.pdbx_host_org_gene                 ? 
_entity_src_gen.pdbx_host_org_organ                ? 
_entity_src_gen.host_org_species                   ? 
_entity_src_gen.pdbx_host_org_tissue               ? 
_entity_src_gen.pdbx_host_org_tissue_fraction      ? 
_entity_src_gen.pdbx_host_org_strain               ? 
_entity_src_gen.pdbx_host_org_variant              ? 
_entity_src_gen.pdbx_host_org_cell_line            ? 
_entity_src_gen.pdbx_host_org_atcc                 ? 
_entity_src_gen.pdbx_host_org_culture_collection   ? 
_entity_src_gen.pdbx_host_org_cell                 ? 
_entity_src_gen.pdbx_host_org_organelle            ? 
_entity_src_gen.pdbx_host_org_cellular_location    ? 
_entity_src_gen.pdbx_host_org_vector_type          ? 
_entity_src_gen.pdbx_host_org_vector               ? 
_entity_src_gen.host_org_details                   ? 
_entity_src_gen.expression_system_id               ? 
_entity_src_gen.plasmid_name                       ? 
_entity_src_gen.plasmid_details                    ? 
_entity_src_gen.pdbx_description                   ? 
# 
loop_
_chem_comp.id 
_chem_comp.type 
_chem_comp.mon_nstd_flag 
_chem_comp.name 
_chem_comp.pdbx_synonyms 
_chem_comp.formula 
_chem_comp.formula_weight 
ALA 'L-peptide linking' y ALANINE                                                                      ? 'C3 H7 N O2'        
89.093  
ARG 'L-peptide linking' y ARGININE                                                                     ? 'C6 H15 N4 O2 1'    
175.209 
ASN 'L-peptide linking' y ASPARAGINE                                                                   ? 'C4 H8 N2 O3'       
132.118 
ASP 'L-peptide linking' y 'ASPARTIC ACID'                                                              ? 'C4 H7 N O4'        
133.103 
CYS 'L-peptide linking' y CYSTEINE                                                                     ? 'C3 H7 N O2 S'      
121.158 
D2F non-polymer         . '5-[(1E)-2-(2-methoxyphenyl)hex-1-en-1-yl]furo[2,3-d]pyrimidine-2,4-diamine' ? 'C19 H22 N4 O2'     
338.404 
GLN 'L-peptide linking' y GLUTAMINE                                                                    ? 'C5 H10 N2 O3'      
146.144 
GLU 'L-peptide linking' y 'GLUTAMIC ACID'                                                              ? 'C5 H9 N O4'        
147.129 
GLY 'peptide linking'   y GLYCINE                                                                      ? 'C2 H5 N O2'        
75.067  
HIS 'L-peptide linking' y HISTIDINE                                                                    ? 'C6 H10 N3 O2 1'    
156.162 
HOH non-polymer         . WATER                                                                        ? 'H2 O'              
18.015  
ILE 'L-peptide linking' y ISOLEUCINE                                                                   ? 'C6 H13 N O2'       
131.173 
LEU 'L-peptide linking' y LEUCINE                                                                      ? 'C6 H13 N O2'       
131.173 
LYS 'L-peptide linking' y LYSINE                                                                       ? 'C6 H15 N2 O2 1'    
147.195 
MET 'L-peptide linking' y METHIONINE                                                                   ? 'C5 H11 N O2 S'     
149.211 
NDP non-polymer         . 'NADPH DIHYDRO-NICOTINAMIDE-ADENINE-DINUCLEOTIDE PHOSPHATE'                  ? 'C21 H30 N7 O17 P3' 
745.421 
PHE 'L-peptide linking' y PHENYLALANINE                                                                ? 'C9 H11 N O2'       
165.189 
PRO 'L-peptide linking' y PROLINE                                                                      ? 'C5 H9 N O2'        
115.130 
SER 'L-peptide linking' y SERINE                                                                       ? 'C3 H7 N O3'        
105.093 
SO4 non-polymer         . 'SULFATE ION'                                                                ? 'O4 S -2'           
96.063  
THR 'L-peptide linking' y THREONINE                                                                    ? 'C4 H9 N O3'        
119.119 
TRP 'L-peptide linking' y TRYPTOPHAN                                                                   ? 'C11 H12 N2 O2'     
204.225 
TYR 'L-peptide linking' y TYROSINE                                                                     ? 'C9 H11 N O3'       
181.189 
VAL 'L-peptide linking' y VALINE                                                                       ? 'C5 H11 N O2'       
117.146 
# 
loop_
_pdbx_poly_seq_scheme.asym_id 
_pdbx_poly_seq_scheme.entity_id 
_pdbx_poly_seq_scheme.seq_id 
_pdbx_poly_seq_scheme.mon_id 
_pdbx_poly_seq_scheme.ndb_seq_num 
_pdbx_poly_seq_scheme.pdb_seq_num 
_pdbx_poly_seq_scheme.auth_seq_num 
_pdbx_poly_seq_scheme.pdb_mon_id 
_pdbx_poly_seq_scheme.auth_mon_id 
_pdbx_poly_seq_scheme.pdb_strand_id 
_pdbx_poly_seq_scheme.pdb_ins_code 
_pdbx_poly_seq_scheme.hetero 
A 1 1   VAL 1   1   1   VAL VAL A . n 
A 1 2   GLY 2   2   2   GLY GLY A . n 
A 1 3   SER 3   3   3   SER SER A . n 
A 1 4   LEU 4   4   4   LEU LEU A . n 
A 1 5   ASN 5   5   5   ASN ASN A . n 
A 1 6   CYS 6   6   6   CYS CYS A . n 
A 1 7   ILE 7   7   7   ILE ILE A . n 
A 1 8   VAL 8   8   8   VAL VAL A . n 
A 1 9   ALA 9   9   9   ALA ALA A . n 
A 1 10  VAL 10  10  10  VAL VAL A . n 
A 1 11  SER 11  11  11  SER SER A . n 
A 1 12  GLN 12  12  12  GLN GLN A . n 
A 1 13  ASN 13  13  13  ASN ASN A . n 
A 1 14  MET 14  14  14  MET MET A . n 
A 1 15  GLY 15  15  15  GLY GLY A . n 
A 1 16  ILE 16  16  16  ILE ILE A . n 
A 1 17  GLY 17  17  17  GLY GLY A . n 
A 1 18  LYS 18  18  18  LYS LYS A . n 
A 1 19  ASN 19  19  19  ASN ASN A . n 
A 1 20  GLY 20  20  20  GLY GLY A . n 
A 1 21  ASP 21  21  21  ASP ASP A . n 
A 1 22  LEU 22  22  22  LEU LEU A . n 
A 1 23  PRO 23  23  23  PRO PRO A . n 
A 1 24  TRP 24  24  24  TRP TRP A . n 
A 1 25  PRO 25  25  25  PRO PRO A . n 
A 1 26  PRO 26  26  26  PRO PRO A . n 
A 1 27  LEU 27  27  27  LEU LEU A . n 
A 1 28  ARG 28  28  28  ARG ARG A . n 
A 1 29  ASN 29  29  29  ASN ASN A . n 
A 1 30  GLU 30  30  30  GLU GLU A . n 
A 1 31  PHE 31  31  31  PHE PHE A . n 
A 1 32  ARG 32  32  32  ARG ARG A . n 
A 1 33  TYR 33  33  33  TYR TYR A . n 
A 1 34  PHE 34  34  34  PHE PHE A . n 
A 1 35  GLN 35  35  35  GLN GLN A . n 
A 1 36  ARG 36  36  36  ARG ARG A . n 
A 1 37  MET 37  37  37  MET MET A . n 
A 1 38  THR 38  38  38  THR THR A . n 
A 1 39  THR 39  39  39  THR THR A . n 
A 1 40  THR 40  40  40  THR THR A . n 
A 1 41  SER 41  41  41  SER SER A . n 
A 1 42  SER 42  42  42  SER SER A . n 
A 1 43  VAL 43  43  43  VAL VAL A . n 
A 1 44  GLU 44  44  44  GLU GLU A . n 
A 1 45  GLY 45  45  45  GLY GLY A . n 
A 1 46  LYS 46  46  46  LYS LYS A . n 
A 1 47  GLN 47  47  47  GLN GLN A . n 
A 1 48  ASN 48  48  48  ASN ASN A . n 
A 1 49  LEU 49  49  49  LEU LEU A . n 
A 1 50  VAL 50  50  50  VAL VAL A . n 
A 1 51  ILE 51  51  51  ILE ILE A . n 
A 1 52  MET 52  52  52  MET MET A . n 
A 1 53  GLY 53  53  53  GLY GLY A . n 
A 1 54  LYS 54  54  54  LYS LYS A . n 
A 1 55  LYS 55  55  55  LYS LYS A . n 
A 1 56  THR 56  56  56  THR THR A . n 
A 1 57  TRP 57  57  57  TRP TRP A . n 
A 1 58  PHE 58  58  58  PHE PHE A . n 
A 1 59  SER 59  59  59  SER SER A . n 
A 1 60  ILE 60  60  60  ILE ILE A . n 
A 1 61  PRO 61  61  61  PRO PRO A . n 
A 1 62  GLU 62  62  62  GLU GLU A . n 
A 1 63  LYS 63  63  63  LYS LYS A . n 
A 1 64  ASN 64  64  64  ASN ASN A . n 
A 1 65  ARG 65  65  65  ARG ARG A . n 
A 1 66  PRO 66  66  66  PRO PRO A . n 
A 1 67  LEU 67  67  67  LEU LEU A . n 
A 1 68  LYS 68  68  68  LYS LYS A . n 
A 1 69  GLY 69  69  69  GLY GLY A . n 
A 1 70  ARG 70  70  70  ARG ARG A . n 
A 1 71  ILE 71  71  71  ILE ILE A . n 
A 1 72  ASN 72  72  72  ASN ASN A . n 
A 1 73  LEU 73  73  73  LEU LEU A . n 
A 1 74  VAL 74  74  74  VAL VAL A . n 
A 1 75  LEU 75  75  75  LEU LEU A . n 
A 1 76  SER 76  76  76  SER SER A . n 
A 1 77  ARG 77  77  77  ARG ARG A . n 
A 1 78  GLU 78  78  78  GLU GLU A . n 
A 1 79  LEU 79  79  79  LEU LEU A . n 
A 1 80  LYS 80  80  80  LYS LYS A . n 
A 1 81  GLU 81  81  81  GLU GLU A . n 
A 1 82  PRO 82  82  82  PRO PRO A . n 
A 1 83  PRO 83  83  83  PRO PRO A . n 
A 1 84  GLN 84  84  84  GLN GLN A . n 
A 1 85  GLY 85  85  85  GLY GLY A . n 
A 1 86  ALA 86  86  86  ALA ALA A . n 
A 1 87  HIS 87  87  87  HIS HIS A . n 
A 1 88  PHE 88  88  88  PHE PHE A . n 
A 1 89  LEU 89  89  89  LEU LEU A . n 
A 1 90  SER 90  90  90  SER SER A . n 
A 1 91  ARG 91  91  91  ARG ARG A . n 
A 1 92  SER 92  92  92  SER SER A . n 
A 1 93  LEU 93  93  93  LEU LEU A . n 
A 1 94  ASP 94  94  94  ASP ASP A . n 
A 1 95  ASP 95  95  95  ASP ASP A . n 
A 1 96  ALA 96  96  96  ALA ALA A . n 
A 1 97  LEU 97  97  97  LEU LEU A . n 
A 1 98  LYS 98  98  98  LYS LYS A . n 
A 1 99  LEU 99  99  99  LEU LEU A . n 
A 1 100 THR 100 100 100 THR THR A . n 
A 1 101 GLU 101 101 101 GLU GLU A . n 
A 1 102 GLN 102 102 102 GLN GLN A . n 
A 1 103 PRO 103 103 103 PRO PRO A . n 
A 1 104 GLU 104 104 104 GLU GLU A . n 
A 1 105 LEU 105 105 105 LEU LEU A . n 
A 1 106 ALA 106 106 106 ALA ALA A . n 
A 1 107 ASN 107 107 107 ASN ASN A . n 
A 1 108 LYS 108 108 108 LYS LYS A . n 
A 1 109 VAL 109 109 109 VAL VAL A . n 
A 1 110 ASP 110 110 110 ASP ASP A . n 
A 1 111 MET 111 111 111 MET MET A . n 
A 1 112 VAL 112 112 112 VAL VAL A . n 
A 1 113 TRP 113 113 113 TRP TRP A . n 
A 1 114 ILE 114 114 114 ILE ILE A . n 
A 1 115 VAL 115 115 115 VAL VAL A . n 
A 1 116 GLY 116 116 116 GLY GLY A . n 
A 1 117 GLY 117 117 117 GLY GLY A . n 
A 1 118 SER 118 118 118 SER SER A . n 
A 1 119 SER 119 119 119 SER SER A . n 
A 1 120 VAL 120 120 120 VAL VAL A . n 
A 1 121 TYR 121 121 121 TYR TYR A . n 
A 1 122 LYS 122 122 122 LYS LYS A . n 
A 1 123 GLU 123 123 123 GLU GLU A . n 
A 1 124 ALA 124 124 124 ALA ALA A . n 
A 1 125 MET 125 125 125 MET MET A . n 
A 1 126 ASN 126 126 126 ASN ASN A . n 
A 1 127 HIS 127 127 127 HIS HIS A . n 
A 1 128 PRO 128 128 128 PRO PRO A . n 
A 1 129 GLY 129 129 129 GLY GLY A . n 
A 1 130 HIS 130 130 130 HIS HIS A . n 
A 1 131 LEU 131 131 131 LEU LEU A . n 
A 1 132 LYS 132 132 132 LYS LYS A . n 
A 1 133 LEU 133 133 133 LEU LEU A . n 
A 1 134 PHE 134 134 134 PHE PHE A . n 
A 1 135 VAL 135 135 135 VAL VAL A . n 
A 1 136 THR 136 136 136 THR THR A . n 
A 1 137 ARG 137 137 137 ARG ARG A . n 
A 1 138 ILE 138 138 138 ILE ILE A . n 
A 1 139 MET 139 139 139 MET MET A . n 
A 1 140 GLN 140 140 140 GLN GLN A . n 
A 1 141 ASP 141 141 141 ASP ASP A . n 
A 1 142 PHE 142 142 142 PHE PHE A . n 
A 1 143 GLU 143 143 143 GLU GLU A . n 
A 1 144 SER 144 144 144 SER SER A . n 
A 1 145 ASP 145 145 145 ASP ASP A . n 
A 1 146 THR 146 146 146 THR THR A . n 
A 1 147 PHE 147 147 147 PHE PHE A . n 
A 1 148 PHE 148 148 148 PHE PHE A . n 
A 1 149 PRO 149 149 149 PRO PRO A . n 
A 1 150 GLU 150 150 150 GLU GLU A . n 
A 1 151 ILE 151 151 151 ILE ILE A . n 
A 1 152 ASP 152 152 152 ASP ASP A . n 
A 1 153 LEU 153 153 153 LEU LEU A . n 
A 1 154 GLU 154 154 154 GLU GLU A . n 
A 1 155 LYS 155 155 155 LYS LYS A . n 
A 1 156 TYR 156 156 156 TYR TYR A . n 
A 1 157 LYS 157 157 157 LYS LYS A . n 
A 1 158 LEU 158 158 158 LEU LEU A . n 
A 1 159 LEU 159 159 159 LEU LEU A . n 
A 1 160 PRO 160 160 160 PRO PRO A . n 
A 1 161 GLU 161 161 161 GLU GLU A . n 
A 1 162 TYR 162 162 162 TYR TYR A . n 
A 1 163 PRO 163 163 163 PRO PRO A . n 
A 1 164 GLY 164 164 164 GLY GLY A . n 
A 1 165 VAL 165 165 165 VAL VAL A . n 
A 1 166 LEU 166 166 166 LEU LEU A . n 
A 1 167 SER 167 167 167 SER SER A . n 
A 1 168 ASP 168 168 168 ASP ASP A . n 
A 1 169 VAL 169 169 169 VAL VAL A . n 
A 1 170 GLN 170 170 170 GLN GLN A . n 
A 1 171 GLU 171 171 171 GLU GLU A . n 
A 1 172 GLU 172 172 172 GLU GLU A . n 
A 1 173 LYS 173 173 173 LYS LYS A . n 
A 1 174 GLY 174 174 174 GLY GLY A . n 
A 1 175 ILE 175 175 175 ILE ILE A . n 
A 1 176 LYS 176 176 176 LYS LYS A . n 
A 1 177 TYR 177 177 177 TYR TYR A . n 
A 1 178 LYS 178 178 178 LYS LYS A . n 
A 1 179 PHE 179 179 179 PHE PHE A . n 
A 1 180 GLU 180 180 180 GLU GLU A . n 
A 1 181 VAL 181 181 181 VAL VAL A . n 
A 1 182 TYR 182 182 182 TYR TYR A . n 
A 1 183 GLU 183 183 183 GLU GLU A . n 
A 1 184 LYS 184 184 184 LYS LYS A . n 
A 1 185 ASN 185 185 185 ASN ASN A . n 
A 1 186 ASP 186 186 186 ASP ASP A . n 
# 
loop_
_pdbx_nonpoly_scheme.asym_id 
_pdbx_nonpoly_scheme.entity_id 
_pdbx_nonpoly_scheme.mon_id 
_pdbx_nonpoly_scheme.ndb_seq_num 
_pdbx_nonpoly_scheme.pdb_seq_num 
_pdbx_nonpoly_scheme.auth_seq_num 
_pdbx_nonpoly_scheme.pdb_mon_id 
_pdbx_nonpoly_scheme.auth_mon_id 
_pdbx_nonpoly_scheme.pdb_strand_id 
_pdbx_nonpoly_scheme.pdb_ins_code 
B 2 D2F 1  187 1  D2F D2F A . 
C 3 NDP 1  188 1  NDP NDP A . 
D 4 SO4 1  189 1  SO4 SO4 A . 
E 5 HOH 1  190 1  HOH HOH A . 
E 5 HOH 2  191 2  HOH HOH A . 
E 5 HOH 3  192 3  HOH HOH A . 
E 5 HOH 4  193 4  HOH HOH A . 
E 5 HOH 5  194 5  HOH HOH A . 
E 5 HOH 6  195 6  HOH HOH A . 
E 5 HOH 7  196 7  HOH HOH A . 
E 5 HOH 8  197 8  HOH HOH A . 
E 5 HOH 9  198 9  HOH HOH A . 
E 5 HOH 10 199 10 HOH HOH A . 
E 5 HOH 11 200 11 HOH HOH A . 
E 5 HOH 12 201 12 HOH HOH A . 
E 5 HOH 13 202 13 HOH HOH A . 
E 5 HOH 14 203 14 HOH HOH A . 
E 5 HOH 15 204 15 HOH HOH A . 
E 5 HOH 16 205 17 HOH HOH A . 
E 5 HOH 17 206 18 HOH HOH A . 
E 5 HOH 18 207 19 HOH HOH A . 
E 5 HOH 19 208 20 HOH HOH A . 
E 5 HOH 20 209 21 HOH HOH A . 
E 5 HOH 21 210 22 HOH HOH A . 
E 5 HOH 22 211 23 HOH HOH A . 
E 5 HOH 23 212 24 HOH HOH A . 
E 5 HOH 24 213 25 HOH HOH A . 
E 5 HOH 25 214 26 HOH HOH A . 
E 5 HOH 26 215 27 HOH HOH A . 
E 5 HOH 27 216 29 HOH HOH A . 
E 5 HOH 28 217 30 HOH HOH A . 
E 5 HOH 29 218 31 HOH HOH A . 
E 5 HOH 30 219 32 HOH HOH A . 
E 5 HOH 31 220 33 HOH HOH A . 
E 5 HOH 32 221 34 HOH HOH A . 
E 5 HOH 33 222 35 HOH HOH A . 
E 5 HOH 34 223 36 HOH HOH A . 
E 5 HOH 35 224 37 HOH HOH A . 
E 5 HOH 36 225 38 HOH HOH A . 
E 5 HOH 37 226 39 HOH HOH A . 
E 5 HOH 38 227 40 HOH HOH A . 
E 5 HOH 39 228 41 HOH HOH A . 
E 5 HOH 40 229 42 HOH HOH A . 
E 5 HOH 41 230 43 HOH HOH A . 
E 5 HOH 42 231 44 HOH HOH A . 
E 5 HOH 43 232 45 HOH HOH A . 
E 5 HOH 44 233 46 HOH HOH A . 
E 5 HOH 45 234 47 HOH HOH A . 
E 5 HOH 46 235 48 HOH HOH A . 
E 5 HOH 47 236 49 HOH HOH A . 
E 5 HOH 48 237 50 HOH HOH A . 
E 5 HOH 49 238 51 HOH HOH A . 
E 5 HOH 50 239 52 HOH HOH A . 
E 5 HOH 51 240 53 HOH HOH A . 
E 5 HOH 52 241 54 HOH HOH A . 
E 5 HOH 53 242 55 HOH HOH A . 
E 5 HOH 54 243 56 HOH HOH A . 
E 5 HOH 55 244 57 HOH HOH A . 
E 5 HOH 56 245 58 HOH HOH A . 
E 5 HOH 57 246 59 HOH HOH A . 
E 5 HOH 58 247 60 HOH HOH A . 
E 5 HOH 59 248 61 HOH HOH A . 
E 5 HOH 60 249 62 HOH HOH A . 
E 5 HOH 61 250 63 HOH HOH A . 
E 5 HOH 62 251 64 HOH HOH A . 
E 5 HOH 63 252 65 HOH HOH A . 
E 5 HOH 64 253 66 HOH HOH A . 
E 5 HOH 65 254 67 HOH HOH A . 
E 5 HOH 66 255 68 HOH HOH A . 
E 5 HOH 67 256 69 HOH HOH A . 
E 5 HOH 68 257 70 HOH HOH A . 
E 5 HOH 69 258 71 HOH HOH A . 
E 5 HOH 70 259 72 HOH HOH A . 
E 5 HOH 71 260 73 HOH HOH A . 
E 5 HOH 72 261 74 HOH HOH A . 
E 5 HOH 73 262 75 HOH HOH A . 
E 5 HOH 74 263 76 HOH HOH A . 
E 5 HOH 75 264 77 HOH HOH A . 
E 5 HOH 76 265 78 HOH HOH A . 
E 5 HOH 77 266 79 HOH HOH A . 
E 5 HOH 78 267 80 HOH HOH A . 
E 5 HOH 79 268 81 HOH HOH A . 
E 5 HOH 80 269 82 HOH HOH A . 
E 5 HOH 81 270 83 HOH HOH A . 
E 5 HOH 82 271 84 HOH HOH A . 
E 5 HOH 83 272 85 HOH HOH A . 
E 5 HOH 84 273 86 HOH HOH A . 
E 5 HOH 85 274 87 HOH HOH A . 
E 5 HOH 86 275 88 HOH HOH A . 
E 5 HOH 87 276 89 HOH HOH A . 
E 5 HOH 88 277 90 HOH HOH A . 
E 5 HOH 89 278 91 HOH HOH A . 
E 5 HOH 90 279 92 HOH HOH A . 
E 5 HOH 91 280 93 HOH HOH A . 
E 5 HOH 92 281 94 HOH HOH A . 
# 
loop_
_software.name 
_software.classification 
_software.version 
_software.citation_id 
_software.pdbx_ordinal 
CrystalClear 'data collection' .        ? 1 
MOLREP       phasing           .        ? 2 
REFMAC       refinement        5.5.0088 ? 3 
MOSFLM       'data reduction'  .        ? 4 
SCALA        'data scaling'    .        ? 5 
# 
_cell.entry_id           3NXV 
_cell.length_a           83.998 
_cell.length_b           83.998 
_cell.length_c           78.273 
_cell.angle_alpha        90.00 
_cell.angle_beta         90.00 
_cell.angle_gamma        120.00 
_cell.Z_PDB              9 
_cell.pdbx_unique_axis   ? 
_cell.length_a_esd       ? 
_cell.length_b_esd       ? 
_cell.length_c_esd       ? 
_cell.angle_alpha_esd    ? 
_cell.angle_beta_esd     ? 
_cell.angle_gamma_esd    ? 
# 
_symmetry.entry_id                         3NXV 
_symmetry.space_group_name_H-M             'H 3' 
_symmetry.pdbx_full_space_group_name_H-M   ? 
_symmetry.cell_setting                     ? 
_symmetry.Int_Tables_number                146 
_symmetry.space_group_name_Hall            ? 
# 
_exptl.entry_id          3NXV 
_exptl.method            'X-RAY DIFFRACTION' 
_exptl.crystals_number   1 
# 
_exptl_crystal.id                    1 
_exptl_crystal.density_meas          ? 
_exptl_crystal.density_Matthews      2.49 
_exptl_crystal.density_percent_sol   50.58 
_exptl_crystal.description           ? 
_exptl_crystal.F_000                 ? 
_exptl_crystal.preparation           ? 
# 
_exptl_crystal_grow.crystal_id      1 
_exptl_crystal_grow.method          'VAPOR DIFFUSION, HANGING DROP' 
_exptl_crystal_grow.temp            298 
_exptl_crystal_grow.temp_details    ? 
_exptl_crystal_grow.pH              6.9 
_exptl_crystal_grow.pdbx_details    
'100 mM K2PO4, 60% saturated ammonium sulfate, 3% v/v ethanol, pH 6.9, VAPOR DIFFUSION, HANGING DROP, temperature 298K' 
_exptl_crystal_grow.pdbx_pH_range   ? 
# 
_diffrn.id                     1 
_diffrn.ambient_temp           200 
_diffrn.ambient_temp_details   ? 
_diffrn.crystal_id             1 
# 
_diffrn_detector.diffrn_id              1 
_diffrn_detector.detector               'IMAGE PLATE' 
_diffrn_detector.type                   'RIGAKU RAXIS IV' 
_diffrn_detector.pdbx_collection_date   2008-12-06 
_diffrn_detector.details                mirrors 
# 
_diffrn_radiation.diffrn_id                        1 
_diffrn_radiation.wavelength_id                    1 
_diffrn_radiation.pdbx_monochromatic_or_laue_m_l   M 
_diffrn_radiation.monochromator                    graphite 
_diffrn_radiation.pdbx_diffrn_protocol             'SINGLE WAVELENGTH' 
_diffrn_radiation.pdbx_scattering_type             x-ray 
# 
_diffrn_radiation_wavelength.id           1 
_diffrn_radiation_wavelength.wavelength   1.54198 
_diffrn_radiation_wavelength.wt           1.0 
# 
_diffrn_source.diffrn_id                   1 
_diffrn_source.source                      'ROTATING ANODE' 
_diffrn_source.type                        'RIGAKU RU300' 
_diffrn_source.pdbx_synchrotron_site       ? 
_diffrn_source.pdbx_synchrotron_beamline   ? 
_diffrn_source.pdbx_wavelength             ? 
_diffrn_source.pdbx_wavelength_list        1.54198 
# 
_reflns.entry_id                     3NXV 
_reflns.observed_criterion_sigma_I   2.0 
_reflns.observed_criterion_sigma_F   2.0 
_reflns.d_resolution_low             26.1 
_reflns.d_resolution_high            1.9 
_reflns.number_obs                   15367 
_reflns.number_all                   16181 
_reflns.percent_possible_obs         99.8 
_reflns.pdbx_Rmerge_I_obs            0.055 
_reflns.pdbx_Rsym_value              0.064 
_reflns.pdbx_netI_over_sigmaI        14.4 
_reflns.B_iso_Wilson_estimate        28.6 
_reflns.pdbx_redundancy              3.5 
_reflns.R_free_details               ? 
_reflns.limit_h_max                  ? 
_reflns.limit_h_min                  ? 
_reflns.limit_k_max                  ? 
_reflns.limit_k_min                  ? 
_reflns.limit_l_max                  ? 
_reflns.limit_l_min                  ? 
_reflns.observed_criterion_F_max     ? 
_reflns.observed_criterion_F_min     ? 
_reflns.pdbx_chi_squared             ? 
_reflns.pdbx_scaling_rejects         ? 
_reflns.pdbx_ordinal                 1 
_reflns.pdbx_diffrn_id               1 
# 
_reflns_shell.d_res_high             1.90 
_reflns_shell.d_res_low              2.00 
_reflns_shell.percent_possible_all   98.6 
_reflns_shell.Rmerge_I_obs           0.16 
_reflns_shell.pdbx_Rsym_value        0.19 
_reflns_shell.meanI_over_sigI_obs    6.0 
_reflns_shell.pdbx_redundancy        3.1 
_reflns_shell.percent_possible_obs   ? 
_reflns_shell.number_unique_all      2311 
_reflns_shell.number_measured_all    ? 
_reflns_shell.number_measured_obs    ? 
_reflns_shell.number_unique_obs      ? 
_reflns_shell.pdbx_chi_squared       ? 
_reflns_shell.pdbx_ordinal           1 
_reflns_shell.pdbx_diffrn_id         1 
# 
_refine.entry_id                                 3NXV 
_refine.ls_number_reflns_obs                     15363 
_refine.ls_number_reflns_all                     15367 
_refine.pdbx_ls_sigma_I                          2.0 
_refine.pdbx_ls_sigma_F                          2.0 
_refine.pdbx_data_cutoff_high_absF               ? 
_refine.pdbx_data_cutoff_low_absF                ? 
_refine.pdbx_data_cutoff_high_rms_absF           ? 
_refine.ls_d_res_low                             26.09 
_refine.ls_d_res_high                            1.90 
_refine.ls_percent_reflns_obs                    99.79 
_refine.ls_R_factor_obs                          .19536 
_refine.ls_R_factor_all                          ? 
_refine.ls_R_factor_R_work                       .19278 
_refine.ls_R_factor_R_free                       .24560 
_refine.ls_R_factor_R_free_error                 ? 
_refine.ls_R_factor_R_free_error_details         ? 
_refine.ls_percent_reflns_R_free                 5.0 
_refine.ls_number_reflns_R_free                  811 
_refine.ls_number_parameters                     ? 
_refine.ls_number_restraints                     ? 
_refine.occupancy_min                            ? 
_refine.occupancy_max                            ? 
_refine.correlation_coeff_Fo_to_Fc               .937 
_refine.correlation_coeff_Fo_to_Fc_free          .908 
_refine.B_iso_mean                               16.456 
_refine.aniso_B[1][1]                            -.01 
_refine.aniso_B[2][2]                            -.01 
_refine.aniso_B[3][3]                            .02 
_refine.aniso_B[1][2]                            -.01 
_refine.aniso_B[1][3]                            .00 
_refine.aniso_B[2][3]                            .00 
_refine.solvent_model_details                    MASK 
_refine.solvent_model_param_ksol                 ? 
_refine.solvent_model_param_bsol                 ? 
_refine.pdbx_solvent_vdw_probe_radii             1.40 
_refine.pdbx_solvent_ion_probe_radii             .80 
_refine.pdbx_solvent_shrinkage_radii             .80 
_refine.pdbx_ls_cross_valid_method               THROUGHOUT 
_refine.details                                  'HYDROGENS HAVE BEEN ADDED IN THE RIDING POSITIONS' 
_refine.pdbx_starting_model                      'PDB entry 17u0' 
_refine.pdbx_method_to_determine_struct          'MOLECULAR REPLACEMENT' 
_refine.pdbx_isotropic_thermal_model             isotropic 
_refine.pdbx_stereochemistry_target_values       'MAXIMUM LIKELIHOOD' 
_refine.pdbx_stereochem_target_val_spec_case     ? 
_refine.pdbx_R_Free_selection_details            RANDOM 
_refine.pdbx_overall_ESU_R_Free                  .157 
_refine.overall_SU_ML                            .099 
_refine.overall_SU_B                             3.276 
_refine.overall_SU_R_Cruickshank_DPI             ? 
_refine.ls_redundancy_reflns_obs                 ? 
_refine.B_iso_min                                ? 
_refine.B_iso_max                                ? 
_refine.overall_SU_R_free                        ? 
_refine.ls_wR_factor_R_free                      ? 
_refine.ls_wR_factor_R_work                      ? 
_refine.overall_FOM_free_R_set                   ? 
_refine.overall_FOM_work_R_set                   ? 
_refine.pdbx_overall_phase_error                 ? 
_refine.pdbx_refine_id                           'X-RAY DIFFRACTION' 
_refine.pdbx_overall_ESU_R                       ? 
_refine.pdbx_diffrn_id                           1 
_refine.pdbx_TLS_residual_ADP_flag               ? 
_refine.pdbx_overall_SU_R_free_Cruickshank_DPI   ? 
_refine.pdbx_overall_SU_R_Blow_DPI               ? 
_refine.pdbx_overall_SU_R_free_Blow_DPI          ? 
# 
_refine_analyze.entry_id                        3NXV 
_refine_analyze.Luzzati_coordinate_error_obs    0.20 
_refine_analyze.Luzzati_sigma_a_obs             ? 
_refine_analyze.Luzzati_d_res_low_obs           ? 
_refine_analyze.Luzzati_coordinate_error_free   ? 
_refine_analyze.Luzzati_sigma_a_free            ? 
_refine_analyze.Luzzati_d_res_low_free          ? 
_refine_analyze.number_disordered_residues      ? 
_refine_analyze.occupancy_sum_hydrogen          ? 
_refine_analyze.occupancy_sum_non_hydrogen      ? 
_refine_analyze.pdbx_Luzzati_d_res_high_obs     ? 
_refine_analyze.pdbx_refine_id                  'X-RAY DIFFRACTION' 
# 
_refine_hist.pdbx_refine_id                   'X-RAY DIFFRACTION' 
_refine_hist.cycle_id                         LAST 
_refine_hist.pdbx_number_atoms_protein        1502 
_refine_hist.pdbx_number_atoms_nucleic_acid   0 
_refine_hist.pdbx_number_atoms_ligand         78 
_refine_hist.number_atoms_solvent             92 
_refine_hist.number_atoms_total               1672 
_refine_hist.d_res_high                       1.90 
_refine_hist.d_res_low                        26.09 
# 
loop_
_refine_ls_restr.type 
_refine_ls_restr.dev_ideal 
_refine_ls_restr.dev_ideal_target 
_refine_ls_restr.weight 
_refine_ls_restr.number 
_refine_ls_restr.pdbx_refine_id 
_refine_ls_restr.pdbx_restraint_function 
r_bond_refined_d       .025   .022   ? 1620 'X-RAY DIFFRACTION' ? 
r_angle_refined_deg    2.354  2.040  ? 2198 'X-RAY DIFFRACTION' ? 
r_dihedral_angle_1_deg 6.712  5.000  ? 185  'X-RAY DIFFRACTION' ? 
r_dihedral_angle_2_deg 35.116 24.789 ? 71   'X-RAY DIFFRACTION' ? 
r_dihedral_angle_3_deg 16.464 15.000 ? 286  'X-RAY DIFFRACTION' ? 
r_dihedral_angle_4_deg 17.265 15.000 ? 8    'X-RAY DIFFRACTION' ? 
r_chiral_restr         .216   .200   ? 233  'X-RAY DIFFRACTION' ? 
r_gen_planes_refined   .012   .021   ? 1207 'X-RAY DIFFRACTION' ? 
r_mcbond_it            1.292  1.500  ? 929  'X-RAY DIFFRACTION' ? 
r_mcangle_it           2.205  2.000  ? 1509 'X-RAY DIFFRACTION' ? 
r_scbond_it            3.554  3.000  ? 691  'X-RAY DIFFRACTION' ? 
r_scangle_it           5.347  4.500  ? 689  'X-RAY DIFFRACTION' ? 
# 
_refine_ls_shell.pdbx_total_number_of_bins_used   20 
_refine_ls_shell.d_res_high                       1.900 
_refine_ls_shell.d_res_low                        1.949 
_refine_ls_shell.number_reflns_R_work             1091 
_refine_ls_shell.R_factor_R_work                  .249 
_refine_ls_shell.percent_reflns_obs               97.22 
_refine_ls_shell.R_factor_R_free                  .317 
_refine_ls_shell.R_factor_R_free_error            ? 
_refine_ls_shell.percent_reflns_R_free            ? 
_refine_ls_shell.number_reflns_R_free             62 
_refine_ls_shell.number_reflns_all                ? 
_refine_ls_shell.R_factor_all                     ? 
_refine_ls_shell.number_reflns_obs                2311 
_refine_ls_shell.redundancy_reflns_obs            ? 
_refine_ls_shell.pdbx_refine_id                   'X-RAY DIFFRACTION' 
# 
_struct.entry_id                  3NXV 
_struct.title                     
;Preferential Selection of Isomer Binding from Chiral Mixtures: Alternate Binding Modes Observed for the E- and Z-isomers of a Series of 5-Substituted 2,4-Diaminofuro[2,3-d]pyrimidines as Ternary Complexes with NADPH and Human Dihydrofolate Reductase
;
_struct.pdbx_model_details        ? 
_struct.pdbx_CASP_flag            ? 
_struct.pdbx_model_type_details   ? 
# 
_struct_keywords.entry_id        3NXV 
_struct_keywords.pdbx_keywords   OXIDOREDUCTASE 
_struct_keywords.text            'chiral mixture, E-Z-isomers, OXIDOREDUCTASE' 
# 
loop_
_struct_asym.id 
_struct_asym.pdbx_blank_PDB_chainid_flag 
_struct_asym.pdbx_modified 
_struct_asym.entity_id 
_struct_asym.details 
A N N 1 ? 
B N N 2 ? 
C N N 3 ? 
D N N 4 ? 
E N N 5 ? 
# 
_struct_ref.id                         1 
_struct_ref.db_name                    UNP 
_struct_ref.db_code                    DYR_HUMAN 
_struct_ref.entity_id                  1 
_struct_ref.pdbx_seq_one_letter_code   
;VGSLNCIVAVSQNMGIGKNGDLPWPPLRNEFRYFQRMTTTSSVEGKQNLVIMGKKTWFSIPEKNRPLKGRINLVLSRELK
EPPQGAHFLSRSLDDALKLTEQPELANKVDMVWIVGGSSVYKEAMNHPGHLKLFVTRIMQDFESDTFFPEIDLEKYKLLP
EYPGVLSDVQEEKGIKYKFEVYEKND
;
_struct_ref.pdbx_align_begin           2 
_struct_ref.pdbx_db_accession          P00374 
_struct_ref.pdbx_db_isoform            ? 
# 
_struct_ref_seq.align_id                      1 
_struct_ref_seq.ref_id                        1 
_struct_ref_seq.pdbx_PDB_id_code              3NXV 
_struct_ref_seq.pdbx_strand_id                A 
_struct_ref_seq.seq_align_beg                 1 
_struct_ref_seq.pdbx_seq_align_beg_ins_code   ? 
_struct_ref_seq.seq_align_end                 186 
_struct_ref_seq.pdbx_seq_align_end_ins_code   ? 
_struct_ref_seq.pdbx_db_accession             P00374 
_struct_ref_seq.db_align_beg                  2 
_struct_ref_seq.pdbx_db_align_beg_ins_code    ? 
_struct_ref_seq.db_align_end                  187 
_struct_ref_seq.pdbx_db_align_end_ins_code    ? 
_struct_ref_seq.pdbx_auth_seq_align_beg       1 
_struct_ref_seq.pdbx_auth_seq_align_end       186 
# 
_pdbx_struct_assembly.id                   1 
_pdbx_struct_assembly.details              author_and_software_defined_assembly 
_pdbx_struct_assembly.method_details       PISA 
_pdbx_struct_assembly.oligomeric_details   monomeric 
_pdbx_struct_assembly.oligomeric_count     1 
# 
_pdbx_struct_assembly_gen.assembly_id       1 
_pdbx_struct_assembly_gen.oper_expression   1 
_pdbx_struct_assembly_gen.asym_id_list      A,B,C,D,E 
# 
_pdbx_struct_oper_list.id                   1 
_pdbx_struct_oper_list.type                 'identity operation' 
_pdbx_struct_oper_list.name                 1_555 
_pdbx_struct_oper_list.symmetry_operation   x,y,z 
_pdbx_struct_oper_list.matrix[1][1]         1.0000000000 
_pdbx_struct_oper_list.matrix[1][2]         0.0000000000 
_pdbx_struct_oper_list.matrix[1][3]         0.0000000000 
_pdbx_struct_oper_list.vector[1]            0.0000000000 
_pdbx_struct_oper_list.matrix[2][1]         0.0000000000 
_pdbx_struct_oper_list.matrix[2][2]         1.0000000000 
_pdbx_struct_oper_list.matrix[2][3]         0.0000000000 
_pdbx_struct_oper_list.vector[2]            0.0000000000 
_pdbx_struct_oper_list.matrix[3][1]         0.0000000000 
_pdbx_struct_oper_list.matrix[3][2]         0.0000000000 
_pdbx_struct_oper_list.matrix[3][3]         1.0000000000 
_pdbx_struct_oper_list.vector[3]            0.0000000000 
# 
_struct_biol.id        1 
_struct_biol.details   ? 
# 
loop_
_struct_conf.conf_type_id 
_struct_conf.id 
_struct_conf.pdbx_PDB_helix_id 
_struct_conf.beg_label_comp_id 
_struct_conf.beg_label_asym_id 
_struct_conf.beg_label_seq_id 
_struct_conf.pdbx_beg_PDB_ins_code 
_struct_conf.end_label_comp_id 
_struct_conf.end_label_asym_id 
_struct_conf.end_label_seq_id 
_struct_conf.pdbx_end_PDB_ins_code 
_struct_conf.beg_auth_comp_id 
_struct_conf.beg_auth_asym_id 
_struct_conf.beg_auth_seq_id 
_struct_conf.end_auth_comp_id 
_struct_conf.end_auth_asym_id 
_struct_conf.end_auth_seq_id 
_struct_conf.pdbx_PDB_helix_class 
_struct_conf.details 
_struct_conf.pdbx_PDB_helix_length 
HELX_P HELX_P1 1 LEU A 27  ? THR A 40  ? LEU A 27  THR A 40  1 ? 14 
HELX_P HELX_P2 2 LYS A 54  ? ILE A 60  ? LYS A 54  ILE A 60  1 ? 7  
HELX_P HELX_P3 3 PRO A 61  ? ARG A 65  ? PRO A 61  ARG A 65  5 ? 5  
HELX_P HELX_P4 4 SER A 92  ? THR A 100 ? SER A 92  THR A 100 1 ? 9  
HELX_P HELX_P5 5 GLY A 117 ? HIS A 127 ? GLY A 117 HIS A 127 1 ? 11 
# 
_struct_conf_type.id          HELX_P 
_struct_conf_type.criteria    ? 
_struct_conf_type.reference   ? 
# 
loop_
_struct_mon_prot_cis.pdbx_id 
_struct_mon_prot_cis.label_comp_id 
_struct_mon_prot_cis.label_seq_id 
_struct_mon_prot_cis.label_asym_id 
_struct_mon_prot_cis.label_alt_id 
_struct_mon_prot_cis.pdbx_PDB_ins_code 
_struct_mon_prot_cis.auth_comp_id 
_struct_mon_prot_cis.auth_seq_id 
_struct_mon_prot_cis.auth_asym_id 
_struct_mon_prot_cis.pdbx_label_comp_id_2 
_struct_mon_prot_cis.pdbx_label_seq_id_2 
_struct_mon_prot_cis.pdbx_label_asym_id_2 
_struct_mon_prot_cis.pdbx_PDB_ins_code_2 
_struct_mon_prot_cis.pdbx_auth_comp_id_2 
_struct_mon_prot_cis.pdbx_auth_seq_id_2 
_struct_mon_prot_cis.pdbx_auth_asym_id_2 
_struct_mon_prot_cis.pdbx_PDB_model_num 
_struct_mon_prot_cis.pdbx_omega_angle 
1 ARG 65  A . ? ARG 65  A PRO 66  A ? PRO 66  A 1 -4.05 
2 GLY 116 A . ? GLY 116 A GLY 117 A ? GLY 117 A 1 2.46  
# 
loop_
_struct_sheet.id 
_struct_sheet.type 
_struct_sheet.number_strands 
_struct_sheet.details 
A ? 8 ? 
B ? 8 ? 
C ? 2 ? 
# 
loop_
_struct_sheet_order.sheet_id 
_struct_sheet_order.range_id_1 
_struct_sheet_order.range_id_2 
_struct_sheet_order.offset 
_struct_sheet_order.sense 
A 1 2 ? parallel      
A 2 3 ? parallel      
A 3 4 ? parallel      
A 4 5 ? parallel      
A 5 6 ? parallel      
A 6 7 ? anti-parallel 
A 7 8 ? anti-parallel 
B 1 2 ? parallel      
B 2 3 ? parallel      
B 3 4 ? parallel      
B 4 5 ? parallel      
B 5 6 ? parallel      
B 6 7 ? anti-parallel 
B 7 8 ? anti-parallel 
C 1 2 ? anti-parallel 
# 
loop_
_struct_sheet_range.sheet_id 
_struct_sheet_range.id 
_struct_sheet_range.beg_label_comp_id 
_struct_sheet_range.beg_label_asym_id 
_struct_sheet_range.beg_label_seq_id 
_struct_sheet_range.pdbx_beg_PDB_ins_code 
_struct_sheet_range.end_label_comp_id 
_struct_sheet_range.end_label_asym_id 
_struct_sheet_range.end_label_seq_id 
_struct_sheet_range.pdbx_end_PDB_ins_code 
_struct_sheet_range.beg_auth_comp_id 
_struct_sheet_range.beg_auth_asym_id 
_struct_sheet_range.beg_auth_seq_id 
_struct_sheet_range.end_auth_comp_id 
_struct_sheet_range.end_auth_asym_id 
_struct_sheet_range.end_auth_seq_id 
A 1 PHE A 88  ? SER A 90  ? PHE A 88  SER A 90  
A 2 ARG A 70  ? LEU A 75  ? ARG A 70  LEU A 75  
A 3 GLN A 47  ? GLY A 53  ? GLN A 47  GLY A 53  
A 4 VAL A 109 ? ILE A 114 ? VAL A 109 ILE A 114 
A 5 LEU A 4   ? SER A 11  ? LEU A 4   SER A 11  
A 6 HIS A 130 ? ILE A 138 ? HIS A 130 ILE A 138 
A 7 ILE A 175 ? ASN A 185 ? ILE A 175 ASN A 185 
A 8 LYS A 157 ? LEU A 158 ? LYS A 157 LEU A 158 
B 1 PHE A 88  ? SER A 90  ? PHE A 88  SER A 90  
B 2 ARG A 70  ? LEU A 75  ? ARG A 70  LEU A 75  
B 3 GLN A 47  ? GLY A 53  ? GLN A 47  GLY A 53  
B 4 VAL A 109 ? ILE A 114 ? VAL A 109 ILE A 114 
B 5 LEU A 4   ? SER A 11  ? LEU A 4   SER A 11  
B 6 HIS A 130 ? ILE A 138 ? HIS A 130 ILE A 138 
B 7 ILE A 175 ? ASN A 185 ? ILE A 175 ASN A 185 
B 8 GLN A 170 ? GLU A 172 ? GLN A 170 GLU A 172 
C 1 GLY A 15  ? GLY A 17  ? GLY A 15  GLY A 17  
C 2 THR A 146 ? PHE A 147 ? THR A 146 PHE A 147 
# 
loop_
_pdbx_struct_sheet_hbond.sheet_id 
_pdbx_struct_sheet_hbond.range_id_1 
_pdbx_struct_sheet_hbond.range_id_2 
_pdbx_struct_sheet_hbond.range_1_label_atom_id 
_pdbx_struct_sheet_hbond.range_1_label_comp_id 
_pdbx_struct_sheet_hbond.range_1_label_asym_id 
_pdbx_struct_sheet_hbond.range_1_label_seq_id 
_pdbx_struct_sheet_hbond.range_1_PDB_ins_code 
_pdbx_struct_sheet_hbond.range_1_auth_atom_id 
_pdbx_struct_sheet_hbond.range_1_auth_comp_id 
_pdbx_struct_sheet_hbond.range_1_auth_asym_id 
_pdbx_struct_sheet_hbond.range_1_auth_seq_id 
_pdbx_struct_sheet_hbond.range_2_label_atom_id 
_pdbx_struct_sheet_hbond.range_2_label_comp_id 
_pdbx_struct_sheet_hbond.range_2_label_asym_id 
_pdbx_struct_sheet_hbond.range_2_label_seq_id 
_pdbx_struct_sheet_hbond.range_2_PDB_ins_code 
_pdbx_struct_sheet_hbond.range_2_auth_atom_id 
_pdbx_struct_sheet_hbond.range_2_auth_comp_id 
_pdbx_struct_sheet_hbond.range_2_auth_asym_id 
_pdbx_struct_sheet_hbond.range_2_auth_seq_id 
A 1 2 O PHE A 88  ? O PHE A 88  N VAL A 74  ? N VAL A 74  
A 2 3 O ILE A 71  ? O ILE A 71  N VAL A 50  ? N VAL A 50  
A 3 4 N LEU A 49  ? N LEU A 49  O TRP A 113 ? O TRP A 113 
A 4 5 O ILE A 114 ? O ILE A 114 N ASN A 5   ? N ASN A 5   
A 5 6 N CYS A 6   ? N CYS A 6   O PHE A 134 ? O PHE A 134 
A 6 7 N LEU A 133 ? N LEU A 133 O TYR A 182 ? O TYR A 182 
A 7 8 O GLU A 183 ? O GLU A 183 N LYS A 157 ? N LYS A 157 
B 1 2 O PHE A 88  ? O PHE A 88  N VAL A 74  ? N VAL A 74  
B 2 3 O ILE A 71  ? O ILE A 71  N VAL A 50  ? N VAL A 50  
B 3 4 N LEU A 49  ? N LEU A 49  O TRP A 113 ? O TRP A 113 
B 4 5 O ILE A 114 ? O ILE A 114 N ASN A 5   ? N ASN A 5   
B 5 6 N CYS A 6   ? N CYS A 6   O PHE A 134 ? O PHE A 134 
B 6 7 N LEU A 133 ? N LEU A 133 O TYR A 182 ? O TYR A 182 
B 7 8 O TYR A 177 ? O TYR A 177 N GLN A 170 ? N GLN A 170 
C 1 2 N ILE A 16  ? N ILE A 16  O THR A 146 ? O THR A 146 
# 
loop_
_struct_site.id 
_struct_site.pdbx_evidence_code 
_struct_site.pdbx_auth_asym_id 
_struct_site.pdbx_auth_comp_id 
_struct_site.pdbx_auth_seq_id 
_struct_site.pdbx_auth_ins_code 
_struct_site.pdbx_num_residues 
_struct_site.details 
AC1 Software A D2F 187 ? 14 'BINDING SITE FOR RESIDUE D2F A 187' 
AC2 Software A NDP 188 ? 29 'BINDING SITE FOR RESIDUE NDP A 188' 
AC3 Software A SO4 189 ? 3  'BINDING SITE FOR RESIDUE SO4 A 189' 
# 
loop_
_struct_site_gen.id 
_struct_site_gen.site_id 
_struct_site_gen.pdbx_num_res 
_struct_site_gen.label_comp_id 
_struct_site_gen.label_asym_id 
_struct_site_gen.label_seq_id 
_struct_site_gen.pdbx_auth_ins_code 
_struct_site_gen.auth_comp_id 
_struct_site_gen.auth_asym_id 
_struct_site_gen.auth_seq_id 
_struct_site_gen.label_atom_id 
_struct_site_gen.label_alt_id 
_struct_site_gen.symmetry 
_struct_site_gen.details 
1  AC1 14 ILE A 7   ? ILE A 7   . ? 1_555 ? 
2  AC1 14 VAL A 8   ? VAL A 8   . ? 1_555 ? 
3  AC1 14 ALA A 9   ? ALA A 9   . ? 1_555 ? 
4  AC1 14 LEU A 22  ? LEU A 22  . ? 1_555 ? 
5  AC1 14 GLU A 30  ? GLU A 30  . ? 1_555 ? 
6  AC1 14 PHE A 31  ? PHE A 31  . ? 1_555 ? 
7  AC1 14 PHE A 34  ? PHE A 34  . ? 1_555 ? 
8  AC1 14 SER A 59  ? SER A 59  . ? 1_555 ? 
9  AC1 14 VAL A 115 ? VAL A 115 . ? 1_555 ? 
10 AC1 14 TYR A 121 ? TYR A 121 . ? 1_555 ? 
11 AC1 14 THR A 136 ? THR A 136 . ? 1_555 ? 
12 AC1 14 NDP C .   ? NDP A 188 . ? 1_555 ? 
13 AC1 14 HOH E .   ? HOH A 225 . ? 1_555 ? 
14 AC1 14 HOH E .   ? HOH A 264 . ? 1_555 ? 
15 AC2 29 VAL A 8   ? VAL A 8   . ? 1_555 ? 
16 AC2 29 ALA A 9   ? ALA A 9   . ? 1_555 ? 
17 AC2 29 ILE A 16  ? ILE A 16  . ? 1_555 ? 
18 AC2 29 GLY A 20  ? GLY A 20  . ? 1_555 ? 
19 AC2 29 ASP A 21  ? ASP A 21  . ? 1_555 ? 
20 AC2 29 LEU A 22  ? LEU A 22  . ? 1_555 ? 
21 AC2 29 GLY A 53  ? GLY A 53  . ? 1_555 ? 
22 AC2 29 LYS A 54  ? LYS A 54  . ? 1_555 ? 
23 AC2 29 LYS A 55  ? LYS A 55  . ? 1_555 ? 
24 AC2 29 THR A 56  ? THR A 56  . ? 1_555 ? 
25 AC2 29 SER A 59  ? SER A 59  . ? 1_555 ? 
26 AC2 29 LEU A 75  ? LEU A 75  . ? 1_555 ? 
27 AC2 29 SER A 76  ? SER A 76  . ? 1_555 ? 
28 AC2 29 ARG A 77  ? ARG A 77  . ? 1_555 ? 
29 AC2 29 GLU A 78  ? GLU A 78  . ? 1_555 ? 
30 AC2 29 ARG A 91  ? ARG A 91  . ? 1_555 ? 
31 AC2 29 SER A 92  ? SER A 92  . ? 1_555 ? 
32 AC2 29 VAL A 115 ? VAL A 115 . ? 1_555 ? 
33 AC2 29 GLY A 116 ? GLY A 116 . ? 1_555 ? 
34 AC2 29 GLY A 117 ? GLY A 117 . ? 1_555 ? 
35 AC2 29 SER A 118 ? SER A 118 . ? 1_555 ? 
36 AC2 29 SER A 119 ? SER A 119 . ? 1_555 ? 
37 AC2 29 VAL A 120 ? VAL A 120 . ? 1_555 ? 
38 AC2 29 TYR A 121 ? TYR A 121 . ? 1_555 ? 
39 AC2 29 GLU A 123 ? GLU A 123 . ? 1_555 ? 
40 AC2 29 THR A 146 ? THR A 146 . ? 1_555 ? 
41 AC2 29 D2F B .   ? D2F A 187 . ? 1_555 ? 
42 AC2 29 HOH E .   ? HOH A 205 . ? 1_555 ? 
43 AC2 29 HOH E .   ? HOH A 231 . ? 1_555 ? 
44 AC3 3  GLU A 143 ? GLU A 143 . ? 8_554 ? 
45 AC3 3  LEU A 166 ? LEU A 166 . ? 1_555 ? 
46 AC3 3  SER A 167 ? SER A 167 . ? 1_555 ? 
# 
loop_
_pdbx_validate_close_contact.id 
_pdbx_validate_close_contact.PDB_model_num 
_pdbx_validate_close_contact.auth_atom_id_1 
_pdbx_validate_close_contact.auth_asym_id_1 
_pdbx_validate_close_contact.auth_comp_id_1 
_pdbx_validate_close_contact.auth_seq_id_1 
_pdbx_validate_close_contact.PDB_ins_code_1 
_pdbx_validate_close_contact.label_alt_id_1 
_pdbx_validate_close_contact.auth_atom_id_2 
_pdbx_validate_close_contact.auth_asym_id_2 
_pdbx_validate_close_contact.auth_comp_id_2 
_pdbx_validate_close_contact.auth_seq_id_2 
_pdbx_validate_close_contact.PDB_ins_code_2 
_pdbx_validate_close_contact.label_alt_id_2 
_pdbx_validate_close_contact.dist 
1 1 O A HOH 210 ? ? O A HOH 227 ? ? 1.53 
2 1 O A HOH 253 ? ? O A HOH 257 ? ? 1.90 
# 
loop_
_pdbx_validate_rmsd_angle.id 
_pdbx_validate_rmsd_angle.PDB_model_num 
_pdbx_validate_rmsd_angle.auth_atom_id_1 
_pdbx_validate_rmsd_angle.auth_asym_id_1 
_pdbx_validate_rmsd_angle.auth_comp_id_1 
_pdbx_validate_rmsd_angle.auth_seq_id_1 
_pdbx_validate_rmsd_angle.PDB_ins_code_1 
_pdbx_validate_rmsd_angle.label_alt_id_1 
_pdbx_validate_rmsd_angle.auth_atom_id_2 
_pdbx_validate_rmsd_angle.auth_asym_id_2 
_pdbx_validate_rmsd_angle.auth_comp_id_2 
_pdbx_validate_rmsd_angle.auth_seq_id_2 
_pdbx_validate_rmsd_angle.PDB_ins_code_2 
_pdbx_validate_rmsd_angle.label_alt_id_2 
_pdbx_validate_rmsd_angle.auth_atom_id_3 
_pdbx_validate_rmsd_angle.auth_asym_id_3 
_pdbx_validate_rmsd_angle.auth_comp_id_3 
_pdbx_validate_rmsd_angle.auth_seq_id_3 
_pdbx_validate_rmsd_angle.PDB_ins_code_3 
_pdbx_validate_rmsd_angle.label_alt_id_3 
_pdbx_validate_rmsd_angle.angle_value 
_pdbx_validate_rmsd_angle.angle_target_value 
_pdbx_validate_rmsd_angle.angle_deviation 
_pdbx_validate_rmsd_angle.angle_standard_deviation 
_pdbx_validate_rmsd_angle.linker_flag 
1 1 CB  A VAL 10 ? ? CA A VAL 10 ? ? C   A VAL 10 ? ? 98.85  111.40 -12.55 1.90 N 
2 1 CG1 A VAL 10 ? ? CB A VAL 10 ? ? CG2 A VAL 10 ? ? 121.25 110.90 10.35  1.60 N 
3 1 NE  A ARG 65 ? ? CZ A ARG 65 ? ? NH2 A ARG 65 ? ? 123.66 120.30 3.36   0.50 N 
# 
loop_
_pdbx_validate_torsion.id 
_pdbx_validate_torsion.PDB_model_num 
_pdbx_validate_torsion.auth_comp_id 
_pdbx_validate_torsion.auth_asym_id 
_pdbx_validate_torsion.auth_seq_id 
_pdbx_validate_torsion.PDB_ins_code 
_pdbx_validate_torsion.label_alt_id 
_pdbx_validate_torsion.phi 
_pdbx_validate_torsion.psi 
1 1 SER A 76  ? ? -170.00 138.43  
2 1 ASP A 110 ? ? -89.44  -100.35 
3 1 MET A 139 ? ? -92.30  45.24   
# 
_pdbx_struct_special_symmetry.id              1 
_pdbx_struct_special_symmetry.PDB_model_num   1 
_pdbx_struct_special_symmetry.auth_asym_id    A 
_pdbx_struct_special_symmetry.auth_comp_id    HOH 
_pdbx_struct_special_symmetry.auth_seq_id     251 
_pdbx_struct_special_symmetry.PDB_ins_code    ? 
_pdbx_struct_special_symmetry.label_asym_id   E 
_pdbx_struct_special_symmetry.label_comp_id   HOH 
_pdbx_struct_special_symmetry.label_seq_id    . 
# 
loop_
_chem_comp_atom.comp_id 
_chem_comp_atom.atom_id 
_chem_comp_atom.type_symbol 
_chem_comp_atom.pdbx_aromatic_flag 
_chem_comp_atom.pdbx_stereo_config 
_chem_comp_atom.pdbx_ordinal 
ALA N    N N N 1   
ALA CA   C N S 2   
ALA C    C N N 3   
ALA O    O N N 4   
ALA CB   C N N 5   
ALA OXT  O N N 6   
ALA H    H N N 7   
ALA H2   H N N 8   
ALA HA   H N N 9   
ALA HB1  H N N 10  
ALA HB2  H N N 11  
ALA HB3  H N N 12  
ALA HXT  H N N 13  
ARG N    N N N 14  
ARG CA   C N S 15  
ARG C    C N N 16  
ARG O    O N N 17  
ARG CB   C N N 18  
ARG CG   C N N 19  
ARG CD   C N N 20  
ARG NE   N N N 21  
ARG CZ   C N N 22  
ARG NH1  N N N 23  
ARG NH2  N N N 24  
ARG OXT  O N N 25  
ARG H    H N N 26  
ARG H2   H N N 27  
ARG HA   H N N 28  
ARG HB2  H N N 29  
ARG HB3  H N N 30  
ARG HG2  H N N 31  
ARG HG3  H N N 32  
ARG HD2  H N N 33  
ARG HD3  H N N 34  
ARG HE   H N N 35  
ARG HH11 H N N 36  
ARG HH12 H N N 37  
ARG HH21 H N N 38  
ARG HH22 H N N 39  
ARG HXT  H N N 40  
ASN N    N N N 41  
ASN CA   C N S 42  
ASN C    C N N 43  
ASN O    O N N 44  
ASN CB   C N N 45  
ASN CG   C N N 46  
ASN OD1  O N N 47  
ASN ND2  N N N 48  
ASN OXT  O N N 49  
ASN H    H N N 50  
ASN H2   H N N 51  
ASN HA   H N N 52  
ASN HB2  H N N 53  
ASN HB3  H N N 54  
ASN HD21 H N N 55  
ASN HD22 H N N 56  
ASN HXT  H N N 57  
ASP N    N N N 58  
ASP CA   C N S 59  
ASP C    C N N 60  
ASP O    O N N 61  
ASP CB   C N N 62  
ASP CG   C N N 63  
ASP OD1  O N N 64  
ASP OD2  O N N 65  
ASP OXT  O N N 66  
ASP H    H N N 67  
ASP H2   H N N 68  
ASP HA   H N N 69  
ASP HB2  H N N 70  
ASP HB3  H N N 71  
ASP HD2  H N N 72  
ASP HXT  H N N 73  
CYS N    N N N 74  
CYS CA   C N R 75  
CYS C    C N N 76  
CYS O    O N N 77  
CYS CB   C N N 78  
CYS SG   S N N 79  
CYS OXT  O N N 80  
CYS H    H N N 81  
CYS H2   H N N 82  
CYS HA   H N N 83  
CYS HB2  H N N 84  
CYS HB3  H N N 85  
CYS HG   H N N 86  
CYS HXT  H N N 87  
D2F N1   N Y N 88  
D2F C2   C Y N 89  
D2F N3   N Y N 90  
D2F C4   C Y N 91  
D2F C5   C Y N 92  
D2F C6   C Y N 93  
D2F CAA  C N N 94  
D2F CAB  C N N 95  
D2F NAC  N N N 96  
D2F NAD  N N N 97  
D2F CAE  C N N 98  
D2F CAF  C Y N 99  
D2F CAG  C Y N 100 
D2F CAH  C Y N 101 
D2F CAI  C Y N 102 
D2F CAJ  C Y N 103 
D2F CAK  C N N 104 
D2F CAL  C N N 105 
D2F CAM  C N N 106 
D2F OAP  O N N 107 
D2F OAQ  O Y N 108 
D2F CAR  C N N 109 
D2F CAT  C Y N 110 
D2F CAV  C Y N 111 
D2F CAW  C Y N 112 
D2F HAA  H N N 113 
D2F HAAA H N N 114 
D2F HAAB H N N 115 
D2F HAB  H N N 116 
D2F HABA H N N 117 
D2F HABB H N N 118 
D2F HNAC H N N 119 
D2F HNAA H N N 120 
D2F HNAD H N N 121 
D2F HNAB H N N 122 
D2F HAE  H N N 123 
D2F HAF  H N N 124 
D2F HAG  H N N 125 
D2F HAH  H N N 126 
D2F HAI  H N N 127 
D2F HAJ  H N N 128 
D2F HAK  H N N 129 
D2F HAKA H N N 130 
D2F HAL  H N N 131 
D2F HALA H N N 132 
D2F HAM  H N N 133 
D2F HAMA H N N 134 
GLN N    N N N 135 
GLN CA   C N S 136 
GLN C    C N N 137 
GLN O    O N N 138 
GLN CB   C N N 139 
GLN CG   C N N 140 
GLN CD   C N N 141 
GLN OE1  O N N 142 
GLN NE2  N N N 143 
GLN OXT  O N N 144 
GLN H    H N N 145 
GLN H2   H N N 146 
GLN HA   H N N 147 
GLN HB2  H N N 148 
GLN HB3  H N N 149 
GLN HG2  H N N 150 
GLN HG3  H N N 151 
GLN HE21 H N N 152 
GLN HE22 H N N 153 
GLN HXT  H N N 154 
GLU N    N N N 155 
GLU CA   C N S 156 
GLU C    C N N 157 
GLU O    O N N 158 
GLU CB   C N N 159 
GLU CG   C N N 160 
GLU CD   C N N 161 
GLU OE1  O N N 162 
GLU OE2  O N N 163 
GLU OXT  O N N 164 
GLU H    H N N 165 
GLU H2   H N N 166 
GLU HA   H N N 167 
GLU HB2  H N N 168 
GLU HB3  H N N 169 
GLU HG2  H N N 170 
GLU HG3  H N N 171 
GLU HE2  H N N 172 
GLU HXT  H N N 173 
GLY N    N N N 174 
GLY CA   C N N 175 
GLY C    C N N 176 
GLY O    O N N 177 
GLY OXT  O N N 178 
GLY H    H N N 179 
GLY H2   H N N 180 
GLY HA2  H N N 181 
GLY HA3  H N N 182 
GLY HXT  H N N 183 
HIS N    N N N 184 
HIS CA   C N S 185 
HIS C    C N N 186 
HIS O    O N N 187 
HIS CB   C N N 188 
HIS CG   C Y N 189 
HIS ND1  N Y N 190 
HIS CD2  C Y N 191 
HIS CE1  C Y N 192 
HIS NE2  N Y N 193 
HIS OXT  O N N 194 
HIS H    H N N 195 
HIS H2   H N N 196 
HIS HA   H N N 197 
HIS HB2  H N N 198 
HIS HB3  H N N 199 
HIS HD1  H N N 200 
HIS HD2  H N N 201 
HIS HE1  H N N 202 
HIS HE2  H N N 203 
HIS HXT  H N N 204 
HOH O    O N N 205 
HOH H1   H N N 206 
HOH H2   H N N 207 
ILE N    N N N 208 
ILE CA   C N S 209 
ILE C    C N N 210 
ILE O    O N N 211 
ILE CB   C N S 212 
ILE CG1  C N N 213 
ILE CG2  C N N 214 
ILE CD1  C N N 215 
ILE OXT  O N N 216 
ILE H    H N N 217 
ILE H2   H N N 218 
ILE HA   H N N 219 
ILE HB   H N N 220 
ILE HG12 H N N 221 
ILE HG13 H N N 222 
ILE HG21 H N N 223 
ILE HG22 H N N 224 
ILE HG23 H N N 225 
ILE HD11 H N N 226 
ILE HD12 H N N 227 
ILE HD13 H N N 228 
ILE HXT  H N N 229 
LEU N    N N N 230 
LEU CA   C N S 231 
LEU C    C N N 232 
LEU O    O N N 233 
LEU CB   C N N 234 
LEU CG   C N N 235 
LEU CD1  C N N 236 
LEU CD2  C N N 237 
LEU OXT  O N N 238 
LEU H    H N N 239 
LEU H2   H N N 240 
LEU HA   H N N 241 
LEU HB2  H N N 242 
LEU HB3  H N N 243 
LEU HG   H N N 244 
LEU HD11 H N N 245 
LEU HD12 H N N 246 
LEU HD13 H N N 247 
LEU HD21 H N N 248 
LEU HD22 H N N 249 
LEU HD23 H N N 250 
LEU HXT  H N N 251 
LYS N    N N N 252 
LYS CA   C N S 253 
LYS C    C N N 254 
LYS O    O N N 255 
LYS CB   C N N 256 
LYS CG   C N N 257 
LYS CD   C N N 258 
LYS CE   C N N 259 
LYS NZ   N N N 260 
LYS OXT  O N N 261 
LYS H    H N N 262 
LYS H2   H N N 263 
LYS HA   H N N 264 
LYS HB2  H N N 265 
LYS HB3  H N N 266 
LYS HG2  H N N 267 
LYS HG3  H N N 268 
LYS HD2  H N N 269 
LYS HD3  H N N 270 
LYS HE2  H N N 271 
LYS HE3  H N N 272 
LYS HZ1  H N N 273 
LYS HZ2  H N N 274 
LYS HZ3  H N N 275 
LYS HXT  H N N 276 
MET N    N N N 277 
MET CA   C N S 278 
MET C    C N N 279 
MET O    O N N 280 
MET CB   C N N 281 
MET CG   C N N 282 
MET SD   S N N 283 
MET CE   C N N 284 
MET OXT  O N N 285 
MET H    H N N 286 
MET H2   H N N 287 
MET HA   H N N 288 
MET HB2  H N N 289 
MET HB3  H N N 290 
MET HG2  H N N 291 
MET HG3  H N N 292 
MET HE1  H N N 293 
MET HE2  H N N 294 
MET HE3  H N N 295 
MET HXT  H N N 296 
NDP PA   P N S 297 
NDP O1A  O N N 298 
NDP O2A  O N N 299 
NDP O5B  O N N 300 
NDP C5B  C N N 301 
NDP C4B  C N R 302 
NDP O4B  O N N 303 
NDP C3B  C N R 304 
NDP O3B  O N N 305 
NDP C2B  C N R 306 
NDP O2B  O N N 307 
NDP C1B  C N R 308 
NDP N9A  N Y N 309 
NDP C8A  C Y N 310 
NDP N7A  N Y N 311 
NDP C5A  C Y N 312 
NDP C6A  C Y N 313 
NDP N6A  N N N 314 
NDP N1A  N Y N 315 
NDP C2A  C Y N 316 
NDP N3A  N Y N 317 
NDP C4A  C Y N 318 
NDP O3   O N N 319 
NDP PN   P N S 320 
NDP O1N  O N N 321 
NDP O2N  O N N 322 
NDP O5D  O N N 323 
NDP C5D  C N N 324 
NDP C4D  C N R 325 
NDP O4D  O N N 326 
NDP C3D  C N S 327 
NDP O3D  O N N 328 
NDP C2D  C N R 329 
NDP O2D  O N N 330 
NDP C1D  C N R 331 
NDP N1N  N N N 332 
NDP C2N  C N N 333 
NDP C3N  C N N 334 
NDP C7N  C N N 335 
NDP O7N  O N N 336 
NDP N7N  N N N 337 
NDP C4N  C N N 338 
NDP C5N  C N N 339 
NDP C6N  C N N 340 
NDP P2B  P N N 341 
NDP O1X  O N N 342 
NDP O2X  O N N 343 
NDP O3X  O N N 344 
NDP HOA2 H N N 345 
NDP H51A H N N 346 
NDP H52A H N N 347 
NDP H4B  H N N 348 
NDP H3B  H N N 349 
NDP HO3A H N N 350 
NDP H2B  H N N 351 
NDP H1B  H N N 352 
NDP H8A  H N N 353 
NDP H61A H N N 354 
NDP H62A H N N 355 
NDP H2A  H N N 356 
NDP H21N H N N 357 
NDP H51N H N N 358 
NDP H52N H N N 359 
NDP H4D  H N N 360 
NDP H3D  H N N 361 
NDP HO3N H N N 362 
NDP H2D  H N N 363 
NDP HO2N H N N 364 
NDP H1D  H N N 365 
NDP H2N  H N N 366 
NDP H71N H N N 367 
NDP H72N H N N 368 
NDP H41N H N N 369 
NDP H42N H N N 370 
NDP H5N  H N N 371 
NDP H6N  H N N 372 
NDP HOP2 H N N 373 
NDP HOP3 H N N 374 
PHE N    N N N 375 
PHE CA   C N S 376 
PHE C    C N N 377 
PHE O    O N N 378 
PHE CB   C N N 379 
PHE CG   C Y N 380 
PHE CD1  C Y N 381 
PHE CD2  C Y N 382 
PHE CE1  C Y N 383 
PHE CE2  C Y N 384 
PHE CZ   C Y N 385 
PHE OXT  O N N 386 
PHE H    H N N 387 
PHE H2   H N N 388 
PHE HA   H N N 389 
PHE HB2  H N N 390 
PHE HB3  H N N 391 
PHE HD1  H N N 392 
PHE HD2  H N N 393 
PHE HE1  H N N 394 
PHE HE2  H N N 395 
PHE HZ   H N N 396 
PHE HXT  H N N 397 
PRO N    N N N 398 
PRO CA   C N S 399 
PRO C    C N N 400 
PRO O    O N N 401 
PRO CB   C N N 402 
PRO CG   C N N 403 
PRO CD   C N N 404 
PRO OXT  O N N 405 
PRO H    H N N 406 
PRO HA   H N N 407 
PRO HB2  H N N 408 
PRO HB3  H N N 409 
PRO HG2  H N N 410 
PRO HG3  H N N 411 
PRO HD2  H N N 412 
PRO HD3  H N N 413 
PRO HXT  H N N 414 
SER N    N N N 415 
SER CA   C N S 416 
SER C    C N N 417 
SER O    O N N 418 
SER CB   C N N 419 
SER OG   O N N 420 
SER OXT  O N N 421 
SER H    H N N 422 
SER H2   H N N 423 
SER HA   H N N 424 
SER HB2  H N N 425 
SER HB3  H N N 426 
SER HG   H N N 427 
SER HXT  H N N 428 
SO4 S    S N N 429 
SO4 O1   O N N 430 
SO4 O2   O N N 431 
SO4 O3   O N N 432 
SO4 O4   O N N 433 
THR N    N N N 434 
THR CA   C N S 435 
THR C    C N N 436 
THR O    O N N 437 
THR CB   C N R 438 
THR OG1  O N N 439 
THR CG2  C N N 440 
THR OXT  O N N 441 
THR H    H N N 442 
THR H2   H N N 443 
THR HA   H N N 444 
THR HB   H N N 445 
THR HG1  H N N 446 
THR HG21 H N N 447 
THR HG22 H N N 448 
THR HG23 H N N 449 
THR HXT  H N N 450 
TRP N    N N N 451 
TRP CA   C N S 452 
TRP C    C N N 453 
TRP O    O N N 454 
TRP CB   C N N 455 
TRP CG   C Y N 456 
TRP CD1  C Y N 457 
TRP CD2  C Y N 458 
TRP NE1  N Y N 459 
TRP CE2  C Y N 460 
TRP CE3  C Y N 461 
TRP CZ2  C Y N 462 
TRP CZ3  C Y N 463 
TRP CH2  C Y N 464 
TRP OXT  O N N 465 
TRP H    H N N 466 
TRP H2   H N N 467 
TRP HA   H N N 468 
TRP HB2  H N N 469 
TRP HB3  H N N 470 
TRP HD1  H N N 471 
TRP HE1  H N N 472 
TRP HE3  H N N 473 
TRP HZ2  H N N 474 
TRP HZ3  H N N 475 
TRP HH2  H N N 476 
TRP HXT  H N N 477 
TYR N    N N N 478 
TYR CA   C N S 479 
TYR C    C N N 480 
TYR O    O N N 481 
TYR CB   C N N 482 
TYR CG   C Y N 483 
TYR CD1  C Y N 484 
TYR CD2  C Y N 485 
TYR CE1  C Y N 486 
TYR CE2  C Y N 487 
TYR CZ   C Y N 488 
TYR OH   O N N 489 
TYR OXT  O N N 490 
TYR H    H N N 491 
TYR H2   H N N 492 
TYR HA   H N N 493 
TYR HB2  H N N 494 
TYR HB3  H N N 495 
TYR HD1  H N N 496 
TYR HD2  H N N 497 
TYR HE1  H N N 498 
TYR HE2  H N N 499 
TYR HH   H N N 500 
TYR HXT  H N N 501 
VAL N    N N N 502 
VAL CA   C N S 503 
VAL C    C N N 504 
VAL O    O N N 505 
VAL CB   C N N 506 
VAL CG1  C N N 507 
VAL CG2  C N N 508 
VAL OXT  O N N 509 
VAL H    H N N 510 
VAL H2   H N N 511 
VAL HA   H N N 512 
VAL HB   H N N 513 
VAL HG11 H N N 514 
VAL HG12 H N N 515 
VAL HG13 H N N 516 
VAL HG21 H N N 517 
VAL HG22 H N N 518 
VAL HG23 H N N 519 
VAL HXT  H N N 520 
# 
loop_
_chem_comp_bond.comp_id 
_chem_comp_bond.atom_id_1 
_chem_comp_bond.atom_id_2 
_chem_comp_bond.value_order 
_chem_comp_bond.pdbx_aromatic_flag 
_chem_comp_bond.pdbx_stereo_config 
_chem_comp_bond.pdbx_ordinal 
ALA N   CA   sing N N 1   
ALA N   H    sing N N 2   
ALA N   H2   sing N N 3   
ALA CA  C    sing N N 4   
ALA CA  CB   sing N N 5   
ALA CA  HA   sing N N 6   
ALA C   O    doub N N 7   
ALA C   OXT  sing N N 8   
ALA CB  HB1  sing N N 9   
ALA CB  HB2  sing N N 10  
ALA CB  HB3  sing N N 11  
ALA OXT HXT  sing N N 12  
ARG N   CA   sing N N 13  
ARG N   H    sing N N 14  
ARG N   H2   sing N N 15  
ARG CA  C    sing N N 16  
ARG CA  CB   sing N N 17  
ARG CA  HA   sing N N 18  
ARG C   O    doub N N 19  
ARG C   OXT  sing N N 20  
ARG CB  CG   sing N N 21  
ARG CB  HB2  sing N N 22  
ARG CB  HB3  sing N N 23  
ARG CG  CD   sing N N 24  
ARG CG  HG2  sing N N 25  
ARG CG  HG3  sing N N 26  
ARG CD  NE   sing N N 27  
ARG CD  HD2  sing N N 28  
ARG CD  HD3  sing N N 29  
ARG NE  CZ   sing N N 30  
ARG NE  HE   sing N N 31  
ARG CZ  NH1  sing N N 32  
ARG CZ  NH2  doub N N 33  
ARG NH1 HH11 sing N N 34  
ARG NH1 HH12 sing N N 35  
ARG NH2 HH21 sing N N 36  
ARG NH2 HH22 sing N N 37  
ARG OXT HXT  sing N N 38  
ASN N   CA   sing N N 39  
ASN N   H    sing N N 40  
ASN N   H2   sing N N 41  
ASN CA  C    sing N N 42  
ASN CA  CB   sing N N 43  
ASN CA  HA   sing N N 44  
ASN C   O    doub N N 45  
ASN C   OXT  sing N N 46  
ASN CB  CG   sing N N 47  
ASN CB  HB2  sing N N 48  
ASN CB  HB3  sing N N 49  
ASN CG  OD1  doub N N 50  
ASN CG  ND2  sing N N 51  
ASN ND2 HD21 sing N N 52  
ASN ND2 HD22 sing N N 53  
ASN OXT HXT  sing N N 54  
ASP N   CA   sing N N 55  
ASP N   H    sing N N 56  
ASP N   H2   sing N N 57  
ASP CA  C    sing N N 58  
ASP CA  CB   sing N N 59  
ASP CA  HA   sing N N 60  
ASP C   O    doub N N 61  
ASP C   OXT  sing N N 62  
ASP CB  CG   sing N N 63  
ASP CB  HB2  sing N N 64  
ASP CB  HB3  sing N N 65  
ASP CG  OD1  doub N N 66  
ASP CG  OD2  sing N N 67  
ASP OD2 HD2  sing N N 68  
ASP OXT HXT  sing N N 69  
CYS N   CA   sing N N 70  
CYS N   H    sing N N 71  
CYS N   H2   sing N N 72  
CYS CA  C    sing N N 73  
CYS CA  CB   sing N N 74  
CYS CA  HA   sing N N 75  
CYS C   O    doub N N 76  
CYS C   OXT  sing N N 77  
CYS CB  SG   sing N N 78  
CYS CB  HB2  sing N N 79  
CYS CB  HB3  sing N N 80  
CYS SG  HG   sing N N 81  
CYS OXT HXT  sing N N 82  
D2F N1  C2   doub Y N 83  
D2F N1  C6   sing Y N 84  
D2F C2  N3   sing Y N 85  
D2F C2  NAC  sing N N 86  
D2F N3  C4   doub Y N 87  
D2F C4  C5   sing Y N 88  
D2F C4  OAQ  sing Y N 89  
D2F C5  C6   doub Y N 90  
D2F C5  CAT  sing Y N 91  
D2F C6  NAD  sing N N 92  
D2F CAA CAK  sing N N 93  
D2F CAB OAP  sing N N 94  
D2F CAE CAR  doub N N 95  
D2F CAE CAT  sing N N 96  
D2F CAF CAG  doub Y N 97  
D2F CAF CAH  sing Y N 98  
D2F CAG CAI  sing Y N 99  
D2F CAH CAV  doub Y N 100 
D2F CAI CAW  doub Y N 101 
D2F CAJ OAQ  sing Y N 102 
D2F CAJ CAT  doub Y N 103 
D2F CAK CAL  sing N N 104 
D2F CAL CAM  sing N E 105 
D2F CAM CAR  sing N N 106 
D2F OAP CAV  sing N N 107 
D2F CAR CAW  sing N N 108 
D2F CAV CAW  sing Y N 109 
D2F CAA HAA  sing N N 110 
D2F CAA HAAA sing N N 111 
D2F CAA HAAB sing N N 112 
D2F CAB HAB  sing N N 113 
D2F CAB HABA sing N N 114 
D2F CAB HABB sing N N 115 
D2F NAC HNAC sing N N 116 
D2F NAC HNAA sing N N 117 
D2F NAD HNAD sing N N 118 
D2F NAD HNAB sing N N 119 
D2F CAE HAE  sing N N 120 
D2F CAF HAF  sing N N 121 
D2F CAG HAG  sing N N 122 
D2F CAH HAH  sing N N 123 
D2F CAI HAI  sing N N 124 
D2F CAJ HAJ  sing N N 125 
D2F CAK HAK  sing N N 126 
D2F CAK HAKA sing N N 127 
D2F CAL HAL  sing N N 128 
D2F CAL HALA sing N N 129 
D2F CAM HAM  sing N N 130 
D2F CAM HAMA sing N N 131 
GLN N   CA   sing N N 132 
GLN N   H    sing N N 133 
GLN N   H2   sing N N 134 
GLN CA  C    sing N N 135 
GLN CA  CB   sing N N 136 
GLN CA  HA   sing N N 137 
GLN C   O    doub N N 138 
GLN C   OXT  sing N N 139 
GLN CB  CG   sing N N 140 
GLN CB  HB2  sing N N 141 
GLN CB  HB3  sing N N 142 
GLN CG  CD   sing N N 143 
GLN CG  HG2  sing N N 144 
GLN CG  HG3  sing N N 145 
GLN CD  OE1  doub N N 146 
GLN CD  NE2  sing N N 147 
GLN NE2 HE21 sing N N 148 
GLN NE2 HE22 sing N N 149 
GLN OXT HXT  sing N N 150 
GLU N   CA   sing N N 151 
GLU N   H    sing N N 152 
GLU N   H2   sing N N 153 
GLU CA  C    sing N N 154 
GLU CA  CB   sing N N 155 
GLU CA  HA   sing N N 156 
GLU C   O    doub N N 157 
GLU C   OXT  sing N N 158 
GLU CB  CG   sing N N 159 
GLU CB  HB2  sing N N 160 
GLU CB  HB3  sing N N 161 
GLU CG  CD   sing N N 162 
GLU CG  HG2  sing N N 163 
GLU CG  HG3  sing N N 164 
GLU CD  OE1  doub N N 165 
GLU CD  OE2  sing N N 166 
GLU OE2 HE2  sing N N 167 
GLU OXT HXT  sing N N 168 
GLY N   CA   sing N N 169 
GLY N   H    sing N N 170 
GLY N   H2   sing N N 171 
GLY CA  C    sing N N 172 
GLY CA  HA2  sing N N 173 
GLY CA  HA3  sing N N 174 
GLY C   O    doub N N 175 
GLY C   OXT  sing N N 176 
GLY OXT HXT  sing N N 177 
HIS N   CA   sing N N 178 
HIS N   H    sing N N 179 
HIS N   H2   sing N N 180 
HIS CA  C    sing N N 181 
HIS CA  CB   sing N N 182 
HIS CA  HA   sing N N 183 
HIS C   O    doub N N 184 
HIS C   OXT  sing N N 185 
HIS CB  CG   sing N N 186 
HIS CB  HB2  sing N N 187 
HIS CB  HB3  sing N N 188 
HIS CG  ND1  sing Y N 189 
HIS CG  CD2  doub Y N 190 
HIS ND1 CE1  doub Y N 191 
HIS ND1 HD1  sing N N 192 
HIS CD2 NE2  sing Y N 193 
HIS CD2 HD2  sing N N 194 
HIS CE1 NE2  sing Y N 195 
HIS CE1 HE1  sing N N 196 
HIS NE2 HE2  sing N N 197 
HIS OXT HXT  sing N N 198 
HOH O   H1   sing N N 199 
HOH O   H2   sing N N 200 
ILE N   CA   sing N N 201 
ILE N   H    sing N N 202 
ILE N   H2   sing N N 203 
ILE CA  C    sing N N 204 
ILE CA  CB   sing N N 205 
ILE CA  HA   sing N N 206 
ILE C   O    doub N N 207 
ILE C   OXT  sing N N 208 
ILE CB  CG1  sing N N 209 
ILE CB  CG2  sing N N 210 
ILE CB  HB   sing N N 211 
ILE CG1 CD1  sing N N 212 
ILE CG1 HG12 sing N N 213 
ILE CG1 HG13 sing N N 214 
ILE CG2 HG21 sing N N 215 
ILE CG2 HG22 sing N N 216 
ILE CG2 HG23 sing N N 217 
ILE CD1 HD11 sing N N 218 
ILE CD1 HD12 sing N N 219 
ILE CD1 HD13 sing N N 220 
ILE OXT HXT  sing N N 221 
LEU N   CA   sing N N 222 
LEU N   H    sing N N 223 
LEU N   H2   sing N N 224 
LEU CA  C    sing N N 225 
LEU CA  CB   sing N N 226 
LEU CA  HA   sing N N 227 
LEU C   O    doub N N 228 
LEU C   OXT  sing N N 229 
LEU CB  CG   sing N N 230 
LEU CB  HB2  sing N N 231 
LEU CB  HB3  sing N N 232 
LEU CG  CD1  sing N N 233 
LEU CG  CD2  sing N N 234 
LEU CG  HG   sing N N 235 
LEU CD1 HD11 sing N N 236 
LEU CD1 HD12 sing N N 237 
LEU CD1 HD13 sing N N 238 
LEU CD2 HD21 sing N N 239 
LEU CD2 HD22 sing N N 240 
LEU CD2 HD23 sing N N 241 
LEU OXT HXT  sing N N 242 
LYS N   CA   sing N N 243 
LYS N   H    sing N N 244 
LYS N   H2   sing N N 245 
LYS CA  C    sing N N 246 
LYS CA  CB   sing N N 247 
LYS CA  HA   sing N N 248 
LYS C   O    doub N N 249 
LYS C   OXT  sing N N 250 
LYS CB  CG   sing N N 251 
LYS CB  HB2  sing N N 252 
LYS CB  HB3  sing N N 253 
LYS CG  CD   sing N N 254 
LYS CG  HG2  sing N N 255 
LYS CG  HG3  sing N N 256 
LYS CD  CE   sing N N 257 
LYS CD  HD2  sing N N 258 
LYS CD  HD3  sing N N 259 
LYS CE  NZ   sing N N 260 
LYS CE  HE2  sing N N 261 
LYS CE  HE3  sing N N 262 
LYS NZ  HZ1  sing N N 263 
LYS NZ  HZ2  sing N N 264 
LYS NZ  HZ3  sing N N 265 
LYS OXT HXT  sing N N 266 
MET N   CA   sing N N 267 
MET N   H    sing N N 268 
MET N   H2   sing N N 269 
MET CA  C    sing N N 270 
MET CA  CB   sing N N 271 
MET CA  HA   sing N N 272 
MET C   O    doub N N 273 
MET C   OXT  sing N N 274 
MET CB  CG   sing N N 275 
MET CB  HB2  sing N N 276 
MET CB  HB3  sing N N 277 
MET CG  SD   sing N N 278 
MET CG  HG2  sing N N 279 
MET CG  HG3  sing N N 280 
MET SD  CE   sing N N 281 
MET CE  HE1  sing N N 282 
MET CE  HE2  sing N N 283 
MET CE  HE3  sing N N 284 
MET OXT HXT  sing N N 285 
NDP PA  O1A  doub N N 286 
NDP PA  O2A  sing N N 287 
NDP PA  O5B  sing N N 288 
NDP PA  O3   sing N N 289 
NDP O2A HOA2 sing N N 290 
NDP O5B C5B  sing N N 291 
NDP C5B C4B  sing N N 292 
NDP C5B H51A sing N N 293 
NDP C5B H52A sing N N 294 
NDP C4B O4B  sing N N 295 
NDP C4B C3B  sing N N 296 
NDP C4B H4B  sing N N 297 
NDP O4B C1B  sing N N 298 
NDP C3B O3B  sing N N 299 
NDP C3B C2B  sing N N 300 
NDP C3B H3B  sing N N 301 
NDP O3B HO3A sing N N 302 
NDP C2B O2B  sing N N 303 
NDP C2B C1B  sing N N 304 
NDP C2B H2B  sing N N 305 
NDP O2B P2B  sing N N 306 
NDP C1B N9A  sing N N 307 
NDP C1B H1B  sing N N 308 
NDP N9A C8A  sing Y N 309 
NDP N9A C4A  sing Y N 310 
NDP C8A N7A  doub Y N 311 
NDP C8A H8A  sing N N 312 
NDP N7A C5A  sing Y N 313 
NDP C5A C6A  sing Y N 314 
NDP C5A C4A  doub Y N 315 
NDP C6A N6A  sing N N 316 
NDP C6A N1A  doub Y N 317 
NDP N6A H61A sing N N 318 
NDP N6A H62A sing N N 319 
NDP N1A C2A  sing Y N 320 
NDP C2A N3A  doub Y N 321 
NDP C2A H2A  sing N N 322 
NDP N3A C4A  sing Y N 323 
NDP O3  PN   sing N N 324 
NDP PN  O1N  doub N N 325 
NDP PN  O2N  sing N N 326 
NDP PN  O5D  sing N N 327 
NDP O2N H21N sing N N 328 
NDP O5D C5D  sing N N 329 
NDP C5D C4D  sing N N 330 
NDP C5D H51N sing N N 331 
NDP C5D H52N sing N N 332 
NDP C4D O4D  sing N N 333 
NDP C4D C3D  sing N N 334 
NDP C4D H4D  sing N N 335 
NDP O4D C1D  sing N N 336 
NDP C3D O3D  sing N N 337 
NDP C3D C2D  sing N N 338 
NDP C3D H3D  sing N N 339 
NDP O3D HO3N sing N N 340 
NDP C2D O2D  sing N N 341 
NDP C2D C1D  sing N N 342 
NDP C2D H2D  sing N N 343 
NDP O2D HO2N sing N N 344 
NDP C1D N1N  sing N N 345 
NDP C1D H1D  sing N N 346 
NDP N1N C2N  sing N N 347 
NDP N1N C6N  sing N N 348 
NDP C2N C3N  doub N N 349 
NDP C2N H2N  sing N N 350 
NDP C3N C7N  sing N N 351 
NDP C3N C4N  sing N N 352 
NDP C7N O7N  doub N N 353 
NDP C7N N7N  sing N N 354 
NDP N7N H71N sing N N 355 
NDP N7N H72N sing N N 356 
NDP C4N C5N  sing N N 357 
NDP C4N H41N sing N N 358 
NDP C4N H42N sing N N 359 
NDP C5N C6N  doub N N 360 
NDP C5N H5N  sing N N 361 
NDP C6N H6N  sing N N 362 
NDP P2B O1X  doub N N 363 
NDP P2B O2X  sing N N 364 
NDP P2B O3X  sing N N 365 
NDP O2X HOP2 sing N N 366 
NDP O3X HOP3 sing N N 367 
PHE N   CA   sing N N 368 
PHE N   H    sing N N 369 
PHE N   H2   sing N N 370 
PHE CA  C    sing N N 371 
PHE CA  CB   sing N N 372 
PHE CA  HA   sing N N 373 
PHE C   O    doub N N 374 
PHE C   OXT  sing N N 375 
PHE CB  CG   sing N N 376 
PHE CB  HB2  sing N N 377 
PHE CB  HB3  sing N N 378 
PHE CG  CD1  doub Y N 379 
PHE CG  CD2  sing Y N 380 
PHE CD1 CE1  sing Y N 381 
PHE CD1 HD1  sing N N 382 
PHE CD2 CE2  doub Y N 383 
PHE CD2 HD2  sing N N 384 
PHE CE1 CZ   doub Y N 385 
PHE CE1 HE1  sing N N 386 
PHE CE2 CZ   sing Y N 387 
PHE CE2 HE2  sing N N 388 
PHE CZ  HZ   sing N N 389 
PHE OXT HXT  sing N N 390 
PRO N   CA   sing N N 391 
PRO N   CD   sing N N 392 
PRO N   H    sing N N 393 
PRO CA  C    sing N N 394 
PRO CA  CB   sing N N 395 
PRO CA  HA   sing N N 396 
PRO C   O    doub N N 397 
PRO C   OXT  sing N N 398 
PRO CB  CG   sing N N 399 
PRO CB  HB2  sing N N 400 
PRO CB  HB3  sing N N 401 
PRO CG  CD   sing N N 402 
PRO CG  HG2  sing N N 403 
PRO CG  HG3  sing N N 404 
PRO CD  HD2  sing N N 405 
PRO CD  HD3  sing N N 406 
PRO OXT HXT  sing N N 407 
SER N   CA   sing N N 408 
SER N   H    sing N N 409 
SER N   H2   sing N N 410 
SER CA  C    sing N N 411 
SER CA  CB   sing N N 412 
SER CA  HA   sing N N 413 
SER C   O    doub N N 414 
SER C   OXT  sing N N 415 
SER CB  OG   sing N N 416 
SER CB  HB2  sing N N 417 
SER CB  HB3  sing N N 418 
SER OG  HG   sing N N 419 
SER OXT HXT  sing N N 420 
SO4 S   O1   doub N N 421 
SO4 S   O2   doub N N 422 
SO4 S   O3   sing N N 423 
SO4 S   O4   sing N N 424 
THR N   CA   sing N N 425 
THR N   H    sing N N 426 
THR N   H2   sing N N 427 
THR CA  C    sing N N 428 
THR CA  CB   sing N N 429 
THR CA  HA   sing N N 430 
THR C   O    doub N N 431 
THR C   OXT  sing N N 432 
THR CB  OG1  sing N N 433 
THR CB  CG2  sing N N 434 
THR CB  HB   sing N N 435 
THR OG1 HG1  sing N N 436 
THR CG2 HG21 sing N N 437 
THR CG2 HG22 sing N N 438 
THR CG2 HG23 sing N N 439 
THR OXT HXT  sing N N 440 
TRP N   CA   sing N N 441 
TRP N   H    sing N N 442 
TRP N   H2   sing N N 443 
TRP CA  C    sing N N 444 
TRP CA  CB   sing N N 445 
TRP CA  HA   sing N N 446 
TRP C   O    doub N N 447 
TRP C   OXT  sing N N 448 
TRP CB  CG   sing N N 449 
TRP CB  HB2  sing N N 450 
TRP CB  HB3  sing N N 451 
TRP CG  CD1  doub Y N 452 
TRP CG  CD2  sing Y N 453 
TRP CD1 NE1  sing Y N 454 
TRP CD1 HD1  sing N N 455 
TRP CD2 CE2  doub Y N 456 
TRP CD2 CE3  sing Y N 457 
TRP NE1 CE2  sing Y N 458 
TRP NE1 HE1  sing N N 459 
TRP CE2 CZ2  sing Y N 460 
TRP CE3 CZ3  doub Y N 461 
TRP CE3 HE3  sing N N 462 
TRP CZ2 CH2  doub Y N 463 
TRP CZ2 HZ2  sing N N 464 
TRP CZ3 CH2  sing Y N 465 
TRP CZ3 HZ3  sing N N 466 
TRP CH2 HH2  sing N N 467 
TRP OXT HXT  sing N N 468 
TYR N   CA   sing N N 469 
TYR N   H    sing N N 470 
TYR N   H2   sing N N 471 
TYR CA  C    sing N N 472 
TYR CA  CB   sing N N 473 
TYR CA  HA   sing N N 474 
TYR C   O    doub N N 475 
TYR C   OXT  sing N N 476 
TYR CB  CG   sing N N 477 
TYR CB  HB2  sing N N 478 
TYR CB  HB3  sing N N 479 
TYR CG  CD1  doub Y N 480 
TYR CG  CD2  sing Y N 481 
TYR CD1 CE1  sing Y N 482 
TYR CD1 HD1  sing N N 483 
TYR CD2 CE2  doub Y N 484 
TYR CD2 HD2  sing N N 485 
TYR CE1 CZ   doub Y N 486 
TYR CE1 HE1  sing N N 487 
TYR CE2 CZ   sing Y N 488 
TYR CE2 HE2  sing N N 489 
TYR CZ  OH   sing N N 490 
TYR OH  HH   sing N N 491 
TYR OXT HXT  sing N N 492 
VAL N   CA   sing N N 493 
VAL N   H    sing N N 494 
VAL N   H2   sing N N 495 
VAL CA  C    sing N N 496 
VAL CA  CB   sing N N 497 
VAL CA  HA   sing N N 498 
VAL C   O    doub N N 499 
VAL C   OXT  sing N N 500 
VAL CB  CG1  sing N N 501 
VAL CB  CG2  sing N N 502 
VAL CB  HB   sing N N 503 
VAL CG1 HG11 sing N N 504 
VAL CG1 HG12 sing N N 505 
VAL CG1 HG13 sing N N 506 
VAL CG2 HG21 sing N N 507 
VAL CG2 HG22 sing N N 508 
VAL CG2 HG23 sing N N 509 
VAL OXT HXT  sing N N 510 
# 
_pdbx_initial_refinement_model.accession_code   1U70 
_pdbx_initial_refinement_model.id               1 
_pdbx_initial_refinement_model.entity_id_list   ? 
_pdbx_initial_refinement_model.type             'experimental model' 
_pdbx_initial_refinement_model.source_name      PDB 
_pdbx_initial_refinement_model.details          ? 
# 
_atom_sites.entry_id                    3NXV 
_atom_sites.fract_transf_matrix[1][1]   -0.00832335 
_atom_sites.fract_transf_matrix[1][2]   -0.01035684 
_atom_sites.fract_transf_matrix[1][3]   -0.00352490 
_atom_sites.fract_transf_matrix[2][1]   -0.00327448 
_atom_sites.fract_transf_matrix[2][2]   -0.00963637 
_atom_sites.fract_transf_matrix[2][3]   0.00924111 
_atom_sites.fract_transf_matrix[3][1]   -0.01012318 
_atom_sites.fract_transf_matrix[3][2]   0.00690558 
_atom_sites.fract_transf_matrix[3][3]   0.00361392 
_atom_sites.fract_transf_vector[1]      0.157867 
_atom_sites.fract_transf_vector[2]      0.317155 
_atom_sites.fract_transf_vector[3]      0.007035 
# 
loop_
_atom_type.symbol 
C 
N 
O 
P 
S 
# 
loop_
_atom_site.group_PDB 
_atom_site.id 
_atom_site.type_symbol 
_atom_site.label_atom_id 
_atom_site.label_alt_id 
_atom_site.label_comp_id 
_atom_site.label_asym_id 
_atom_site.label_entity_id 
_atom_site.label_seq_id 
_atom_site.pdbx_PDB_ins_code 
_atom_site.Cartn_x 
_atom_site.Cartn_y 
_atom_site.Cartn_z 
_atom_site.occupancy 
_atom_site.B_iso_or_equiv 
_atom_site.pdbx_formal_charge 
_atom_site.auth_seq_id 
_atom_site.auth_comp_id 
_atom_site.auth_asym_id 
_atom_site.auth_atom_id 
_atom_site.pdbx_PDB_model_num 
ATOM   1    N N   . VAL A 1 1   ? -12.731 -12.551 -4.496  1.00 25.32 ? 1   VAL A N   1 
ATOM   2    C CA  . VAL A 1 1   ? -11.631 -11.550 -4.504  1.00 23.90 ? 1   VAL A CA  1 
ATOM   3    C C   . VAL A 1 1   ? -10.288 -12.252 -4.156  1.00 22.38 ? 1   VAL A C   1 
ATOM   4    O O   . VAL A 1 1   ? -10.297 -13.304 -3.512  1.00 21.00 ? 1   VAL A O   1 
ATOM   5    C CB  . VAL A 1 1   ? -12.024 -10.460 -3.536  1.00 24.16 ? 1   VAL A CB  1 
ATOM   6    C CG1 . VAL A 1 1   ? -10.815 -9.701  -2.985  1.00 24.64 ? 1   VAL A CG1 1 
ATOM   7    C CG2 . VAL A 1 1   ? -13.045 -9.538  -4.234  1.00 25.89 ? 1   VAL A CG2 1 
ATOM   8    N N   . GLY A 1 2   ? -9.153  -11.693 -4.605  1.00 20.87 ? 2   GLY A N   1 
ATOM   9    C CA  . GLY A 1 2   ? -7.826  -12.352 -4.429  1.00 18.06 ? 2   GLY A CA  1 
ATOM   10   C C   . GLY A 1 2   ? -7.102  -11.948 -3.138  1.00 16.69 ? 2   GLY A C   1 
ATOM   11   O O   . GLY A 1 2   ? -7.727  -11.748 -2.105  1.00 14.78 ? 2   GLY A O   1 
ATOM   12   N N   . SER A 1 3   ? -5.777  -11.828 -3.203  1.00 15.37 ? 3   SER A N   1 
ATOM   13   C CA  . SER A 1 3   ? -5.012  -11.636 -1.957  1.00 14.01 ? 3   SER A CA  1 
ATOM   14   C C   . SER A 1 3   ? -5.221  -10.243 -1.306  1.00 13.18 ? 3   SER A C   1 
ATOM   15   O O   . SER A 1 3   ? -5.535  -9.266  -2.005  1.00 12.91 ? 3   SER A O   1 
ATOM   16   C CB  . SER A 1 3   ? -3.541  -11.901 -2.210  1.00 13.01 ? 3   SER A CB  1 
ATOM   17   O OG  . SER A 1 3   ? -3.000  -11.056 -3.198  1.00 15.14 ? 3   SER A OG  1 
ATOM   18   N N   . LEU A 1 4   ? -4.921  -10.159 -0.003  1.00 12.05 ? 4   LEU A N   1 
ATOM   19   C CA  . LEU A 1 4   ? -4.832  -8.902  0.720   1.00 9.81  ? 4   LEU A CA  1 
ATOM   20   C C   . LEU A 1 4   ? -3.373  -8.596  0.998   1.00 9.62  ? 4   LEU A C   1 
ATOM   21   O O   . LEU A 1 4   ? -2.621  -9.469  1.507   1.00 6.99  ? 4   LEU A O   1 
ATOM   22   C CB  . LEU A 1 4   ? -5.634  -9.029  2.057   1.00 10.18 ? 4   LEU A CB  1 
ATOM   23   C CG  . LEU A 1 4   ? -5.764  -7.743  2.891   1.00 10.33 ? 4   LEU A CG  1 
ATOM   24   C CD1 . LEU A 1 4   ? -6.358  -6.575  2.101   1.00 11.89 ? 4   LEU A CD1 1 
ATOM   25   C CD2 . LEU A 1 4   ? -6.437  -7.947  4.289   1.00 13.59 ? 4   LEU A CD2 1 
ATOM   26   N N   . ASN A 1 5   ? -2.957  -7.373  0.699   1.00 7.66  ? 5   ASN A N   1 
ATOM   27   C CA  . ASN A 1 5   ? -1.541  -6.984  0.818   1.00 8.41  ? 5   ASN A CA  1 
ATOM   28   C C   . ASN A 1 5   ? -1.407  -5.568  1.330   1.00 10.45 ? 5   ASN A C   1 
ATOM   29   O O   . ASN A 1 5   ? -2.316  -4.723  1.062   1.00 10.11 ? 5   ASN A O   1 
ATOM   30   C CB  . ASN A 1 5   ? -0.966  -6.974  -0.599  1.00 9.38  ? 5   ASN A CB  1 
ATOM   31   C CG  . ASN A 1 5   ? -1.176  -8.303  -1.311  1.00 13.13 ? 5   ASN A CG  1 
ATOM   32   O OD1 . ASN A 1 5   ? -0.401  -9.229  -1.102  1.00 9.78  ? 5   ASN A OD1 1 
ATOM   33   N ND2 . ASN A 1 5   ? -2.263  -8.419  -2.110  1.00 9.65  ? 5   ASN A ND2 1 
ATOM   34   N N   . CYS A 1 6   ? -0.298  -5.280  2.037   1.00 9.68  ? 6   CYS A N   1 
ATOM   35   C CA  . CYS A 1 6   ? 0.125   -3.888  2.269   1.00 9.55  ? 6   CYS A CA  1 
ATOM   36   C C   . CYS A 1 6   ? 1.378   -3.679  1.438   1.00 9.91  ? 6   CYS A C   1 
ATOM   37   O O   . CYS A 1 6   ? 2.119   -4.654  1.145   1.00 10.61 ? 6   CYS A O   1 
ATOM   38   C CB  . CYS A 1 6   ? 0.487   -3.643  3.736   1.00 8.40  ? 6   CYS A CB  1 
ATOM   39   S SG  . CYS A 1 6   ? -0.938  -3.820  4.840   1.00 10.42 ? 6   CYS A SG  1 
ATOM   40   N N   . ILE A 1 7   ? 1.570   -2.441  0.996   1.00 7.28  ? 7   ILE A N   1 
ATOM   41   C CA  . ILE A 1 7   ? 2.814   -2.038  0.332   1.00 8.01  ? 7   ILE A CA  1 
ATOM   42   C C   . ILE A 1 7   ? 3.250   -0.668  0.900   1.00 8.15  ? 7   ILE A C   1 
ATOM   43   O O   . ILE A 1 7   ? 2.415   0.205   1.173   1.00 7.02  ? 7   ILE A O   1 
ATOM   44   C CB  . ILE A 1 7   ? 2.681   -2.010  -1.195  1.00 8.36  ? 7   ILE A CB  1 
ATOM   45   C CG1 . ILE A 1 7   ? 4.075   -1.751  -1.831  1.00 8.36  ? 7   ILE A CG1 1 
ATOM   46   C CG2 . ILE A 1 7   ? 1.593   -0.993  -1.710  1.00 9.32  ? 7   ILE A CG2 1 
ATOM   47   C CD1 . ILE A 1 7   ? 4.133   -2.003  -3.369  1.00 6.16  ? 7   ILE A CD1 1 
ATOM   48   N N   . VAL A 1 8   ? 4.561   -0.491  1.071   1.00 8.96  ? 8   VAL A N   1 
ATOM   49   C CA  . VAL A 1 8   ? 5.048   0.707   1.744   1.00 7.43  ? 8   VAL A CA  1 
ATOM   50   C C   . VAL A 1 8   ? 6.524   0.865   1.411   1.00 7.41  ? 8   VAL A C   1 
ATOM   51   O O   . VAL A 1 8   ? 7.203   -0.146  1.151   1.00 5.37  ? 8   VAL A O   1 
ATOM   52   C CB  . VAL A 1 8   ? 4.916   0.552   3.332   1.00 6.77  ? 8   VAL A CB  1 
ATOM   53   C CG1 . VAL A 1 8   ? 5.851   -0.595  3.933   1.00 6.45  ? 8   VAL A CG1 1 
ATOM   54   C CG2 . VAL A 1 8   ? 5.275   1.883   4.007   1.00 9.72  ? 8   VAL A CG2 1 
ATOM   55   N N   . ALA A 1 9   ? 7.012   2.109   1.432   1.00 7.47  ? 9   ALA A N   1 
ATOM   56   C CA  . ALA A 1 9   ? 8.456   2.318   1.539   1.00 9.00  ? 9   ALA A CA  1 
ATOM   57   C C   . ALA A 1 9   ? 8.737   3.007   2.867   1.00 7.96  ? 9   ALA A C   1 
ATOM   58   O O   . ALA A 1 9   ? 8.054   3.974   3.245   1.00 9.59  ? 9   ALA A O   1 
ATOM   59   C CB  . ALA A 1 9   ? 8.995   3.125   0.408   1.00 8.69  ? 9   ALA A CB  1 
ATOM   60   N N   . VAL A 1 10  ? 9.771   2.542   3.566   1.00 8.93  ? 10  VAL A N   1 
ATOM   61   C CA  . VAL A 1 10  ? 10.035  3.024   4.907   1.00 8.98  ? 10  VAL A CA  1 
ATOM   62   C C   . VAL A 1 10  ? 11.508  3.288   5.129   1.00 10.07 ? 10  VAL A C   1 
ATOM   63   O O   . VAL A 1 10  ? 12.316  2.503   4.716   1.00 9.59  ? 10  VAL A O   1 
ATOM   64   C CB  . VAL A 1 10  ? 9.805   1.997   6.033   1.00 11.27 ? 10  VAL A CB  1 
ATOM   65   C CG1 . VAL A 1 10  ? 9.057   2.502   7.175   1.00 13.69 ? 10  VAL A CG1 1 
ATOM   66   C CG2 . VAL A 1 10  ? 9.814   0.529   5.691   1.00 11.23 ? 10  VAL A CG2 1 
ATOM   67   N N   . SER A 1 11  ? 11.840  4.375   5.813   1.00 9.50  ? 11  SER A N   1 
ATOM   68   C CA  . SER A 1 11  ? 13.234  4.646   6.144   1.00 10.81 ? 11  SER A CA  1 
ATOM   69   C C   . SER A 1 11  ? 13.711  3.796   7.315   1.00 11.19 ? 11  SER A C   1 
ATOM   70   O O   . SER A 1 11  ? 12.948  3.067   7.983   1.00 11.16 ? 11  SER A O   1 
ATOM   71   C CB  . SER A 1 11  ? 13.410  6.161   6.399   1.00 10.34 ? 11  SER A CB  1 
ATOM   72   O OG  . SER A 1 11  ? 12.634  6.590   7.534   1.00 12.08 ? 11  SER A OG  1 
ATOM   73   N N   . GLN A 1 12  ? 14.990  3.923   7.619   1.00 12.80 ? 12  GLN A N   1 
ATOM   74   C CA  . GLN A 1 12  ? 15.545  3.106   8.674   1.00 13.36 ? 12  GLN A CA  1 
ATOM   75   C C   . GLN A 1 12  ? 14.959  3.455   10.047  1.00 13.37 ? 12  GLN A C   1 
ATOM   76   O O   . GLN A 1 12  ? 14.804  2.593   10.917  1.00 13.49 ? 12  GLN A O   1 
ATOM   77   C CB  . GLN A 1 12  ? 17.090  3.269   8.541   1.00 14.44 ? 12  GLN A CB  1 
ATOM   78   C CG  . GLN A 1 12  ? 17.999  2.534   9.468   1.00 22.97 ? 12  GLN A CG  1 
ATOM   79   C CD  . GLN A 1 12  ? 19.385  3.146   9.324   1.00 32.10 ? 12  GLN A CD  1 
ATOM   80   O OE1 . GLN A 1 12  ? 19.950  3.159   8.224   1.00 31.88 ? 12  GLN A OE1 1 
ATOM   81   N NE2 . GLN A 1 12  ? 19.875  3.780   10.409  1.00 33.34 ? 12  GLN A NE2 1 
ATOM   82   N N   . ASN A 1 13  ? 14.520  4.711   10.231  1.00 13.50 ? 13  ASN A N   1 
ATOM   83   C CA  . ASN A 1 13  ? 13.856  5.092   11.504  1.00 12.42 ? 13  ASN A CA  1 
ATOM   84   C C   . ASN A 1 13  ? 12.325  4.950   11.350  1.00 11.84 ? 13  ASN A C   1 
ATOM   85   O O   . ASN A 1 13  ? 11.556  5.600   12.055  1.00 10.48 ? 13  ASN A O   1 
ATOM   86   C CB  . ASN A 1 13  ? 14.245  6.558   11.867  1.00 12.73 ? 13  ASN A CB  1 
ATOM   87   C CG  . ASN A 1 13  ? 13.936  7.559   10.742  1.00 12.18 ? 13  ASN A CG  1 
ATOM   88   O OD1 . ASN A 1 13  ? 14.270  7.372   9.580   1.00 12.84 ? 13  ASN A OD1 1 
ATOM   89   N ND2 . ASN A 1 13  ? 13.374  8.687   11.113  1.00 14.05 ? 13  ASN A ND2 1 
ATOM   90   N N   . MET A 1 14  ? 11.900  4.154   10.369  1.00 10.13 ? 14  MET A N   1 
ATOM   91   C CA  . MET A 1 14  ? 10.438  3.747   10.237  1.00 10.23 ? 14  MET A CA  1 
ATOM   92   C C   . MET A 1 14  ? 9.547   4.850   9.705   1.00 9.36  ? 14  MET A C   1 
ATOM   93   O O   . MET A 1 14  ? 8.290   4.756   9.776   1.00 7.98  ? 14  MET A O   1 
ATOM   94   C CB  . MET A 1 14  ? 9.841   3.166   11.559  1.00 10.16 ? 14  MET A CB  1 
ATOM   95   C CG  . MET A 1 14  ? 10.612  1.968   12.122  1.00 14.11 ? 14  MET A CG  1 
ATOM   96   S SD  . MET A 1 14  ? 10.707  0.669   10.862  1.00 21.77 ? 14  MET A SD  1 
ATOM   97   C CE  . MET A 1 14  ? 9.027   0.064   11.112  1.00 21.21 ? 14  MET A CE  1 
ATOM   98   N N   . GLY A 1 15  ? 10.156  5.879   9.143   1.00 9.48  ? 15  GLY A N   1 
ATOM   99   C CA  . GLY A 1 15  ? 9.385   6.974   8.584   1.00 10.27 ? 15  GLY A CA  1 
ATOM   100  C C   . GLY A 1 15  ? 8.781   6.663   7.230   1.00 10.04 ? 15  GLY A C   1 
ATOM   101  O O   . GLY A 1 15  ? 9.402   6.034   6.368   1.00 9.85  ? 15  GLY A O   1 
ATOM   102  N N   . ILE A 1 16  ? 7.567   7.154   7.026   1.00 9.02  ? 16  ILE A N   1 
ATOM   103  C CA  . ILE A 1 16  ? 6.843   6.946   5.778   1.00 8.64  ? 16  ILE A CA  1 
ATOM   104  C C   . ILE A 1 16  ? 6.361   8.259   5.178   1.00 8.63  ? 16  ILE A C   1 
ATOM   105  O O   . ILE A 1 16  ? 5.878   8.290   4.050   1.00 8.31  ? 16  ILE A O   1 
ATOM   106  C CB  . ILE A 1 16  ? 5.621   5.948   5.844   1.00 7.45  ? 16  ILE A CB  1 
ATOM   107  C CG1 . ILE A 1 16  ? 4.541   6.413   6.845   1.00 5.66  ? 16  ILE A CG1 1 
ATOM   108  C CG2 . ILE A 1 16  ? 6.119   4.524   6.165   1.00 7.58  ? 16  ILE A CG2 1 
ATOM   109  C CD1 . ILE A 1 16  ? 3.157   5.738   6.617   1.00 11.99 ? 16  ILE A CD1 1 
ATOM   110  N N   . GLY A 1 17  ? 6.452   9.349   5.920   1.00 8.61  ? 17  GLY A N   1 
ATOM   111  C CA  . GLY A 1 17  ? 5.935   10.589  5.340   1.00 8.02  ? 17  GLY A CA  1 
ATOM   112  C C   . GLY A 1 17  ? 6.415   11.740  6.162   1.00 8.71  ? 17  GLY A C   1 
ATOM   113  O O   . GLY A 1 17  ? 6.819   11.564  7.299   1.00 9.52  ? 17  GLY A O   1 
ATOM   114  N N   . LYS A 1 18  ? 6.436   12.906  5.543   1.00 9.18  ? 18  LYS A N   1 
ATOM   115  C CA  . LYS A 1 18  ? 6.744   14.114  6.272   1.00 10.17 ? 18  LYS A CA  1 
ATOM   116  C C   . LYS A 1 18  ? 5.880   15.208  5.622   1.00 9.52  ? 18  LYS A C   1 
ATOM   117  O O   . LYS A 1 18  ? 6.036   15.518  4.457   1.00 8.27  ? 18  LYS A O   1 
ATOM   118  C CB  . LYS A 1 18  ? 8.217   14.512  6.154   1.00 10.60 ? 18  LYS A CB  1 
ATOM   119  C CG  . LYS A 1 18  ? 8.500   15.844  7.011   1.00 14.47 ? 18  LYS A CG  1 
ATOM   120  C CD  . LYS A 1 18  ? 9.929   16.396  6.912   1.00 19.38 ? 18  LYS A CD  1 
ATOM   121  C CE  . LYS A 1 18  ? 10.375  16.549  5.513   1.00 19.19 ? 18  LYS A CE  1 
ATOM   122  N NZ  . LYS A 1 18  ? 11.675  17.314  5.542   1.00 26.62 ? 18  LYS A NZ  1 
ATOM   123  N N   . ASN A 1 19  ? 4.924   15.709  6.375   1.00 12.23 ? 19  ASN A N   1 
ATOM   124  C CA  . ASN A 1 19  ? 3.992   16.710  5.920   1.00 13.40 ? 19  ASN A CA  1 
ATOM   125  C C   . ASN A 1 19  ? 3.361   16.401  4.597   1.00 14.79 ? 19  ASN A C   1 
ATOM   126  O O   . ASN A 1 19  ? 3.282   17.289  3.729   1.00 14.60 ? 19  ASN A O   1 
ATOM   127  C CB  . ASN A 1 19  ? 4.683   18.051  5.866   1.00 14.32 ? 19  ASN A CB  1 
ATOM   128  C CG  . ASN A 1 19  ? 4.862   18.634  7.264   1.00 19.40 ? 19  ASN A CG  1 
ATOM   129  O OD1 . ASN A 1 19  ? 3.932   18.626  8.073   1.00 23.54 ? 19  ASN A OD1 1 
ATOM   130  N ND2 . ASN A 1 19  ? 6.035   19.092  7.546   1.00 16.76 ? 19  ASN A ND2 1 
ATOM   131  N N   . GLY A 1 20  ? 2.922   15.147  4.440   1.00 16.32 ? 20  GLY A N   1 
ATOM   132  C CA  . GLY A 1 20  ? 2.141   14.777  3.278   1.00 16.12 ? 20  GLY A CA  1 
ATOM   133  C C   . GLY A 1 20  ? 2.962   14.503  2.045   1.00 16.81 ? 20  GLY A C   1 
ATOM   134  O O   . GLY A 1 20  ? 2.404   14.447  0.941   1.00 17.87 ? 20  GLY A O   1 
ATOM   135  N N   . ASP A 1 21  ? 4.278   14.351  2.222   1.00 15.07 ? 21  ASP A N   1 
ATOM   136  C CA  . ASP A 1 21  ? 5.145   14.019  1.144   1.00 15.32 ? 21  ASP A CA  1 
ATOM   137  C C   . ASP A 1 21  ? 6.094   12.932  1.633   1.00 14.78 ? 21  ASP A C   1 
ATOM   138  O O   . ASP A 1 21  ? 6.149   12.627  2.816   1.00 14.75 ? 21  ASP A O   1 
ATOM   139  C CB  . ASP A 1 21  ? 5.966   15.255  0.773   1.00 16.49 ? 21  ASP A CB  1 
ATOM   140  C CG  . ASP A 1 21  ? 6.166   15.406  -0.714  1.00 25.20 ? 21  ASP A CG  1 
ATOM   141  O OD1 . ASP A 1 21  ? 6.519   14.393  -1.389  1.00 25.47 ? 21  ASP A OD1 1 
ATOM   142  O OD2 . ASP A 1 21  ? 5.948   16.558  -1.201  1.00 32.38 ? 21  ASP A OD2 1 
ATOM   143  N N   . LEU A 1 22  ? 6.906   12.410  0.725   1.00 14.73 ? 22  LEU A N   1 
ATOM   144  C CA  . LEU A 1 22  ? 7.860   11.362  1.093   1.00 15.33 ? 22  LEU A CA  1 
ATOM   145  C C   . LEU A 1 22  ? 9.045   11.971  1.846   1.00 14.28 ? 22  LEU A C   1 
ATOM   146  O O   . LEU A 1 22  ? 9.453   13.141  1.574   1.00 14.90 ? 22  LEU A O   1 
ATOM   147  C CB  . LEU A 1 22  ? 8.282   10.490  -0.115  1.00 16.55 ? 22  LEU A CB  1 
ATOM   148  C CG  . LEU A 1 22  ? 7.116   9.525   -0.605  1.00 17.58 ? 22  LEU A CG  1 
ATOM   149  C CD1 . LEU A 1 22  ? 7.655   8.406   -1.441  1.00 19.41 ? 22  LEU A CD1 1 
ATOM   150  C CD2 . LEU A 1 22  ? 6.124   8.925   0.483   1.00 20.93 ? 22  LEU A CD2 1 
ATOM   151  N N   . PRO A 1 23  ? 9.562   11.240  2.836   1.00 12.62 ? 23  PRO A N   1 
ATOM   152  C CA  . PRO A 1 23  ? 10.726  11.802  3.592   1.00 12.42 ? 23  PRO A CA  1 
ATOM   153  C C   . PRO A 1 23  ? 11.984  11.978  2.750   1.00 13.58 ? 23  PRO A C   1 
ATOM   154  O O   . PRO A 1 23  ? 12.856  12.784  3.121   1.00 15.28 ? 23  PRO A O   1 
ATOM   155  C CB  . PRO A 1 23  ? 10.967  10.761  4.693   1.00 12.09 ? 23  PRO A CB  1 
ATOM   156  C CG  . PRO A 1 23  ? 9.527   10.146  4.926   1.00 10.21 ? 23  PRO A CG  1 
ATOM   157  C CD  . PRO A 1 23  ? 8.996   10.039  3.484   1.00 12.29 ? 23  PRO A CD  1 
ATOM   158  N N   . TRP A 1 24  ? 12.108  11.200  1.682   1.00 13.16 ? 24  TRP A N   1 
ATOM   159  C CA  . TRP A 1 24  ? 13.340  11.148  0.896   1.00 14.55 ? 24  TRP A CA  1 
ATOM   160  C C   . TRP A 1 24  ? 13.046  11.858  -0.388  1.00 13.55 ? 24  TRP A C   1 
ATOM   161  O O   . TRP A 1 24  ? 11.893  12.057  -0.728  1.00 14.97 ? 24  TRP A O   1 
ATOM   162  C CB  . TRP A 1 24  ? 13.743  9.656   0.627   1.00 12.63 ? 24  TRP A CB  1 
ATOM   163  C CG  . TRP A 1 24  ? 12.543  8.729   0.386   1.00 13.65 ? 24  TRP A CG  1 
ATOM   164  C CD1 . TRP A 1 24  ? 11.921  8.425   -0.797  1.00 12.55 ? 24  TRP A CD1 1 
ATOM   165  C CD2 . TRP A 1 24  ? 11.840  8.007   1.400   1.00 10.23 ? 24  TRP A CD2 1 
ATOM   166  N NE1 . TRP A 1 24  ? 10.799  7.603   -0.568  1.00 10.37 ? 24  TRP A NE1 1 
ATOM   167  C CE2 . TRP A 1 24  ? 10.754  7.325   0.771   1.00 11.42 ? 24  TRP A CE2 1 
ATOM   168  C CE3 . TRP A 1 24  ? 11.986  7.921   2.785   1.00 10.42 ? 24  TRP A CE3 1 
ATOM   169  C CZ2 . TRP A 1 24  ? 9.861   6.524   1.486   1.00 9.90  ? 24  TRP A CZ2 1 
ATOM   170  C CZ3 . TRP A 1 24  ? 11.073  7.162   3.505   1.00 12.00 ? 24  TRP A CZ3 1 
ATOM   171  C CH2 . TRP A 1 24  ? 10.022  6.458   2.841   1.00 11.70 ? 24  TRP A CH2 1 
ATOM   172  N N   . PRO A 1 25  ? 14.080  12.222  -1.137  1.00 15.83 ? 25  PRO A N   1 
ATOM   173  C CA  . PRO A 1 25  ? 13.904  12.785  -2.469  1.00 16.17 ? 25  PRO A CA  1 
ATOM   174  C C   . PRO A 1 25  ? 13.199  11.734  -3.387  1.00 15.92 ? 25  PRO A C   1 
ATOM   175  O O   . PRO A 1 25  ? 13.223  10.525  -3.069  1.00 16.76 ? 25  PRO A O   1 
ATOM   176  C CB  . PRO A 1 25  ? 15.359  13.014  -2.911  1.00 17.42 ? 25  PRO A CB  1 
ATOM   177  C CG  . PRO A 1 25  ? 16.065  13.323  -1.650  1.00 19.26 ? 25  PRO A CG  1 
ATOM   178  C CD  . PRO A 1 25  ? 15.491  12.260  -0.707  1.00 15.04 ? 25  PRO A CD  1 
ATOM   179  N N   . PRO A 1 26  ? 12.524  12.165  -4.454  1.00 16.24 ? 26  PRO A N   1 
ATOM   180  C CA  . PRO A 1 26  ? 11.923  11.200  -5.394  1.00 16.14 ? 26  PRO A CA  1 
ATOM   181  C C   . PRO A 1 26  ? 12.884  10.099  -5.895  1.00 15.89 ? 26  PRO A C   1 
ATOM   182  O O   . PRO A 1 26  ? 14.005  10.404  -6.389  1.00 13.38 ? 26  PRO A O   1 
ATOM   183  C CB  . PRO A 1 26  ? 11.479  12.091  -6.563  1.00 16.14 ? 26  PRO A CB  1 
ATOM   184  C CG  . PRO A 1 26  ? 11.195  13.402  -5.894  1.00 16.33 ? 26  PRO A CG  1 
ATOM   185  C CD  . PRO A 1 26  ? 12.349  13.553  -4.962  1.00 15.04 ? 26  PRO A CD  1 
ATOM   186  N N   . LEU A 1 27  ? 12.441  8.838   -5.748  1.00 14.85 ? 27  LEU A N   1 
ATOM   187  C CA  . LEU A 1 27  ? 13.189  7.692   -6.256  1.00 14.12 ? 27  LEU A CA  1 
ATOM   188  C C   . LEU A 1 27  ? 12.351  7.109   -7.360  1.00 15.88 ? 27  LEU A C   1 
ATOM   189  O O   . LEU A 1 27  ? 11.363  6.392   -7.107  1.00 15.77 ? 27  LEU A O   1 
ATOM   190  C CB  . LEU A 1 27  ? 13.418  6.657   -5.179  1.00 14.50 ? 27  LEU A CB  1 
ATOM   191  C CG  . LEU A 1 27  ? 14.014  7.211   -3.907  1.00 13.22 ? 27  LEU A CG  1 
ATOM   192  C CD1 . LEU A 1 27  ? 14.047  6.141   -2.800  1.00 17.14 ? 27  LEU A CD1 1 
ATOM   193  C CD2 . LEU A 1 27  ? 15.368  7.747   -4.284  1.00 16.77 ? 27  LEU A CD2 1 
ATOM   194  N N   . ARG A 1 28  ? 12.744  7.391   -8.591  1.00 14.35 ? 28  ARG A N   1 
ATOM   195  C CA  . ARG A 1 28  ? 11.842  7.133   -9.751  1.00 16.70 ? 28  ARG A CA  1 
ATOM   196  C C   . ARG A 1 28  ? 11.562  5.638   -9.950  1.00 15.13 ? 28  ARG A C   1 
ATOM   197  O O   . ARG A 1 28  ? 10.425  5.224   -10.164 1.00 15.75 ? 28  ARG A O   1 
ATOM   198  C CB  . ARG A 1 28  ? 12.390  7.801   -11.041 1.00 17.37 ? 28  ARG A CB  1 
ATOM   199  C CG  . ARG A 1 28  ? 12.226  9.362   -11.003 1.00 25.79 ? 28  ARG A CG  1 
ATOM   200  C CD  . ARG A 1 28  ? 13.529  10.221  -11.329 1.00 37.29 ? 28  ARG A CD  1 
ATOM   201  N NE  . ARG A 1 28  ? 13.512  11.517  -10.596 1.00 42.39 ? 28  ARG A NE  1 
ATOM   202  C CZ  . ARG A 1 28  ? 14.270  12.595  -10.869 1.00 46.80 ? 28  ARG A CZ  1 
ATOM   203  N NH1 . ARG A 1 28  ? 14.142  13.706  -10.136 1.00 46.50 ? 28  ARG A NH1 1 
ATOM   204  N NH2 . ARG A 1 28  ? 15.158  12.587  -11.870 1.00 47.50 ? 28  ARG A NH2 1 
ATOM   205  N N   . ASN A 1 29  ? 12.585  4.813   -9.866  1.00 13.74 ? 29  ASN A N   1 
ATOM   206  C CA  . ASN A 1 29  ? 12.355  3.351   -10.035 1.00 14.45 ? 29  ASN A CA  1 
ATOM   207  C C   . ASN A 1 29  ? 11.624  2.723   -8.865  1.00 12.90 ? 29  ASN A C   1 
ATOM   208  O O   . ASN A 1 29  ? 10.910  1.717   -9.014  1.00 14.54 ? 29  ASN A O   1 
ATOM   209  C CB  . ASN A 1 29  ? 13.670  2.633   -10.287 1.00 13.91 ? 29  ASN A CB  1 
ATOM   210  C CG  . ASN A 1 29  ? 14.237  2.978   -11.689 1.00 19.29 ? 29  ASN A CG  1 
ATOM   211  O OD1 . ASN A 1 29  ? 13.479  3.252   -12.599 1.00 20.32 ? 29  ASN A OD1 1 
ATOM   212  N ND2 . ASN A 1 29  ? 15.555  2.935   -11.847 1.00 18.56 ? 29  ASN A ND2 1 
ATOM   213  N N   . GLU A 1 30  ? 11.788  3.330   -7.707  1.00 12.91 ? 30  GLU A N   1 
ATOM   214  C CA  . GLU A 1 30  ? 11.064  2.863   -6.518  1.00 12.83 ? 30  GLU A CA  1 
ATOM   215  C C   . GLU A 1 30  ? 9.579   3.073   -6.703  1.00 13.31 ? 30  GLU A C   1 
ATOM   216  O O   . GLU A 1 30  ? 8.779   2.200   -6.389  1.00 12.53 ? 30  GLU A O   1 
ATOM   217  C CB  . GLU A 1 30  ? 11.554  3.533   -5.223  1.00 11.85 ? 30  GLU A CB  1 
ATOM   218  C CG  . GLU A 1 30  ? 11.365  2.614   -3.961  1.00 10.12 ? 30  GLU A CG  1 
ATOM   219  C CD  . GLU A 1 30  ? 9.892   2.427   -3.522  1.00 11.32 ? 30  GLU A CD  1 
ATOM   220  O OE1 . GLU A 1 30  ? 9.491   1.288   -3.165  1.00 11.25 ? 30  GLU A OE1 1 
ATOM   221  O OE2 . GLU A 1 30  ? 9.131   3.405   -3.479  1.00 7.17  ? 30  GLU A OE2 1 
ATOM   222  N N   . PHE A 1 31  ? 9.225   4.252   -7.212  1.00 12.56 ? 31  PHE A N   1 
ATOM   223  C CA  . PHE A 1 31  ? 7.838   4.541   -7.457  1.00 14.57 ? 31  PHE A CA  1 
ATOM   224  C C   . PHE A 1 31  ? 7.364   3.669   -8.613  1.00 12.32 ? 31  PHE A C   1 
ATOM   225  O O   . PHE A 1 31  ? 6.264   3.152   -8.560  1.00 12.40 ? 31  PHE A O   1 
ATOM   226  C CB  . PHE A 1 31  ? 7.594   6.041   -7.768  1.00 13.85 ? 31  PHE A CB  1 
ATOM   227  C CG  . PHE A 1 31  ? 6.141   6.355   -8.000  1.00 17.47 ? 31  PHE A CG  1 
ATOM   228  C CD1 . PHE A 1 31  ? 5.186   6.138   -6.983  1.00 16.53 ? 31  PHE A CD1 1 
ATOM   229  C CD2 . PHE A 1 31  ? 5.706   6.845   -9.261  1.00 20.48 ? 31  PHE A CD2 1 
ATOM   230  C CE1 . PHE A 1 31  ? 3.816   6.404   -7.190  1.00 16.32 ? 31  PHE A CE1 1 
ATOM   231  C CE2 . PHE A 1 31  ? 4.311   7.122   -9.464  1.00 22.47 ? 31  PHE A CE2 1 
ATOM   232  C CZ  . PHE A 1 31  ? 3.392   6.919   -8.413  1.00 20.26 ? 31  PHE A CZ  1 
ATOM   233  N N   . ARG A 1 32  ? 8.184   3.446   -9.637  1.00 13.18 ? 32  ARG A N   1 
ATOM   234  C CA  . ARG A 1 32  ? 7.778   2.476   -10.689 1.00 14.34 ? 32  ARG A CA  1 
ATOM   235  C C   . ARG A 1 32  ? 7.422   1.063   -10.150 1.00 11.83 ? 32  ARG A C   1 
ATOM   236  O O   . ARG A 1 32  ? 6.521   0.401   -10.625 1.00 12.53 ? 32  ARG A O   1 
ATOM   237  C CB  . ARG A 1 32  ? 8.837   2.397   -11.801 1.00 13.49 ? 32  ARG A CB  1 
ATOM   238  C CG  . ARG A 1 32  ? 8.685   3.650   -12.717 1.00 22.04 ? 32  ARG A CG  1 
ATOM   239  C CD  . ARG A 1 32  ? 9.751   3.737   -13.844 1.00 30.30 ? 32  ARG A CD  1 
ATOM   240  N NE  . ARG A 1 32  ? 9.837   5.131   -14.302 1.00 37.10 ? 32  ARG A NE  1 
ATOM   241  C CZ  . ARG A 1 32  ? 10.957  5.857   -14.355 1.00 39.25 ? 32  ARG A CZ  1 
ATOM   242  N NH1 . ARG A 1 32  ? 10.910  7.133   -14.755 1.00 42.87 ? 32  ARG A NH1 1 
ATOM   243  N NH2 . ARG A 1 32  ? 12.126  5.308   -14.068 1.00 39.35 ? 32  ARG A NH2 1 
ATOM   244  N N   . TYR A 1 33  ? 8.181   0.631   -9.173  1.00 12.10 ? 33  TYR A N   1 
ATOM   245  C CA  . TYR A 1 33  ? 7.943   -0.648  -8.515  1.00 10.55 ? 33  TYR A CA  1 
ATOM   246  C C   . TYR A 1 33  ? 6.602   -0.592  -7.811  1.00 9.92  ? 33  TYR A C   1 
ATOM   247  O O   . TYR A 1 33  ? 5.816   -1.528  -7.942  1.00 8.53  ? 33  TYR A O   1 
ATOM   248  C CB  . TYR A 1 33  ? 9.059   -0.956  -7.537  1.00 10.04 ? 33  TYR A CB  1 
ATOM   249  C CG  . TYR A 1 33  ? 8.801   -2.164  -6.618  1.00 11.00 ? 33  TYR A CG  1 
ATOM   250  C CD1 . TYR A 1 33  ? 8.330   -1.998  -5.305  1.00 9.20  ? 33  TYR A CD1 1 
ATOM   251  C CD2 . TYR A 1 33  ? 9.020   -3.473  -7.079  1.00 13.44 ? 33  TYR A CD2 1 
ATOM   252  C CE1 . TYR A 1 33  ? 8.132   -3.109  -4.473  1.00 10.32 ? 33  TYR A CE1 1 
ATOM   253  C CE2 . TYR A 1 33  ? 8.819   -4.552  -6.249  1.00 9.29  ? 33  TYR A CE2 1 
ATOM   254  C CZ  . TYR A 1 33  ? 8.407   -4.357  -4.961  1.00 10.71 ? 33  TYR A CZ  1 
ATOM   255  O OH  . TYR A 1 33  ? 8.195   -5.447  -4.154  1.00 11.84 ? 33  TYR A OH  1 
ATOM   256  N N   . PHE A 1 34  ? 6.344   0.458   -7.027  1.00 8.46  ? 34  PHE A N   1 
ATOM   257  C CA  . PHE A 1 34  ? 5.004   0.585   -6.427  1.00 10.17 ? 34  PHE A CA  1 
ATOM   258  C C   . PHE A 1 34  ? 3.859   0.469   -7.479  1.00 11.08 ? 34  PHE A C   1 
ATOM   259  O O   . PHE A 1 34  ? 2.829   -0.256  -7.287  1.00 8.39  ? 34  PHE A O   1 
ATOM   260  C CB  . PHE A 1 34  ? 4.891   1.916   -5.644  1.00 11.24 ? 34  PHE A CB  1 
ATOM   261  C CG  . PHE A 1 34  ? 3.467   2.278   -5.257  1.00 11.79 ? 34  PHE A CG  1 
ATOM   262  C CD1 . PHE A 1 34  ? 2.888   1.759   -4.076  1.00 8.95  ? 34  PHE A CD1 1 
ATOM   263  C CD2 . PHE A 1 34  ? 2.685   3.088   -6.112  1.00 12.43 ? 34  PHE A CD2 1 
ATOM   264  C CE1 . PHE A 1 34  ? 1.557   2.068   -3.740  1.00 10.76 ? 34  PHE A CE1 1 
ATOM   265  C CE2 . PHE A 1 34  ? 1.360   3.415   -5.763  1.00 11.69 ? 34  PHE A CE2 1 
ATOM   266  C CZ  . PHE A 1 34  ? 0.799   2.948   -4.594  1.00 7.45  ? 34  PHE A CZ  1 
ATOM   267  N N   . GLN A 1 35  ? 4.057   1.168   -8.599  1.00 10.81 ? 35  GLN A N   1 
ATOM   268  C CA  . GLN A 1 35  ? 3.030   1.253   -9.637  1.00 11.61 ? 35  GLN A CA  1 
ATOM   269  C C   . GLN A 1 35  ? 2.831   -0.150  -10.191 1.00 13.05 ? 35  GLN A C   1 
ATOM   270  O O   . GLN A 1 35  ? 1.677   -0.640  -10.303 1.00 12.74 ? 35  GLN A O   1 
ATOM   271  C CB  . GLN A 1 35  ? 3.475   2.223   -10.763 1.00 10.79 ? 35  GLN A CB  1 
ATOM   272  C CG  . GLN A 1 35  ? 3.493   3.741   -10.410 1.00 12.71 ? 35  GLN A CG  1 
ATOM   273  C CD  . GLN A 1 35  ? 2.077   4.373   -10.453 1.00 18.99 ? 35  GLN A CD  1 
ATOM   274  O OE1 . GLN A 1 35  ? 1.184   3.934   -9.771  1.00 17.25 ? 35  GLN A OE1 1 
ATOM   275  N NE2 . GLN A 1 35  ? 1.902   5.428   -11.260 1.00 22.77 ? 35  GLN A NE2 1 
ATOM   276  N N   . ARG A 1 36  ? 3.943   -0.806  -10.534 1.00 13.60 ? 36  ARG A N   1 
ATOM   277  C CA  . ARG A 1 36  ? 3.904   -2.162  -11.102 1.00 13.94 ? 36  ARG A CA  1 
ATOM   278  C C   . ARG A 1 36  ? 3.244   -3.219  -10.204 1.00 13.41 ? 36  ARG A C   1 
ATOM   279  O O   . ARG A 1 36  ? 2.395   -3.996  -10.669 1.00 11.60 ? 36  ARG A O   1 
ATOM   280  C CB  . ARG A 1 36  ? 5.319   -2.610  -11.491 1.00 14.71 ? 36  ARG A CB  1 
ATOM   281  C CG  . ARG A 1 36  ? 5.370   -4.056  -11.984 1.00 16.07 ? 36  ARG A CG  1 
ATOM   282  C CD  . ARG A 1 36  ? 6.752   -4.358  -12.645 1.00 18.32 ? 36  ARG A CD  1 
ATOM   283  N NE  . ARG A 1 36  ? 7.876   -4.373  -11.691 1.00 16.59 ? 36  ARG A NE  1 
ATOM   284  C CZ  . ARG A 1 36  ? 8.142   -5.405  -10.878 1.00 17.81 ? 36  ARG A CZ  1 
ATOM   285  N NH1 . ARG A 1 36  ? 7.331   -6.467  -10.847 1.00 14.62 ? 36  ARG A NH1 1 
ATOM   286  N NH2 . ARG A 1 36  ? 9.245   -5.396  -10.117 1.00 16.34 ? 36  ARG A NH2 1 
ATOM   287  N N   . MET A 1 37  ? 3.613   -3.233  -8.914  1.00 11.66 ? 37  MET A N   1 
ATOM   288  C CA  . MET A 1 37  ? 3.123   -4.225  -7.979  1.00 10.12 ? 37  MET A CA  1 
ATOM   289  C C   . MET A 1 37  ? 1.625   -4.037  -7.722  1.00 11.33 ? 37  MET A C   1 
ATOM   290  O O   . MET A 1 37  ? 0.869   -5.005  -7.709  1.00 9.05  ? 37  MET A O   1 
ATOM   291  C CB  . MET A 1 37  ? 3.853   -4.148  -6.627  1.00 11.08 ? 37  MET A CB  1 
ATOM   292  C CG  . MET A 1 37  ? 5.340   -4.482  -6.794  1.00 10.59 ? 37  MET A CG  1 
ATOM   293  S SD  . MET A 1 37  ? 5.653   -6.122  -7.558  1.00 18.63 ? 37  MET A SD  1 
ATOM   294  C CE  . MET A 1 37  ? 5.045   -7.225  -6.289  1.00 18.39 ? 37  MET A CE  1 
ATOM   295  N N   . THR A 1 38  ? 1.197   -2.789  -7.558  1.00 10.76 ? 38  THR A N   1 
ATOM   296  C CA  . THR A 1 38  ? -0.220  -2.559  -7.242  1.00 11.24 ? 38  THR A CA  1 
ATOM   297  C C   . THR A 1 38  ? -1.092  -2.662  -8.499  1.00 12.00 ? 38  THR A C   1 
ATOM   298  O O   . THR A 1 38  ? -2.292  -2.956  -8.384  1.00 12.50 ? 38  THR A O   1 
ATOM   299  C CB  . THR A 1 38  ? -0.453  -1.203  -6.545  1.00 10.93 ? 38  THR A CB  1 
ATOM   300  O OG1 . THR A 1 38  ? 0.040   -0.156  -7.373  1.00 10.84 ? 38  THR A OG1 1 
ATOM   301  C CG2 . THR A 1 38  ? 0.275   -1.156  -5.122  1.00 8.37  ? 38  THR A CG2 1 
ATOM   302  N N   . THR A 1 39  ? -0.523  -2.382  -9.686  1.00 12.51 ? 39  THR A N   1 
ATOM   303  C CA  . THR A 1 39  ? -1.341  -2.445  -10.913 1.00 14.72 ? 39  THR A CA  1 
ATOM   304  C C   . THR A 1 39  ? -1.474  -3.838  -11.514 1.00 15.98 ? 39  THR A C   1 
ATOM   305  O O   . THR A 1 39  ? -2.532  -4.192  -12.046 1.00 17.13 ? 39  THR A O   1 
ATOM   306  C CB  . THR A 1 39  ? -0.888  -1.464  -12.023 1.00 16.11 ? 39  THR A CB  1 
ATOM   307  O OG1 . THR A 1 39  ? -0.691  -0.190  -11.457 1.00 15.28 ? 39  THR A OG1 1 
ATOM   308  C CG2 . THR A 1 39  ? -2.036  -1.277  -13.052 1.00 17.23 ? 39  THR A CG2 1 
ATOM   309  N N   . THR A 1 40  ? -0.422  -4.639  -11.442 1.00 16.88 ? 40  THR A N   1 
ATOM   310  C CA  . THR A 1 40  ? -0.445  -5.952  -12.119 1.00 17.45 ? 40  THR A CA  1 
ATOM   311  C C   . THR A 1 40  ? -1.414  -6.965  -11.455 1.00 17.38 ? 40  THR A C   1 
ATOM   312  O O   . THR A 1 40  ? -1.274  -7.362  -10.275 1.00 13.26 ? 40  THR A O   1 
ATOM   313  C CB  . THR A 1 40  ? 0.960   -6.456  -12.233 1.00 17.50 ? 40  THR A CB  1 
ATOM   314  O OG1 . THR A 1 40  ? 1.745   -5.368  -12.687 1.00 18.48 ? 40  THR A OG1 1 
ATOM   315  C CG2 . THR A 1 40  ? 1.068   -7.635  -13.242 1.00 18.28 ? 40  THR A CG2 1 
ATOM   316  N N   . SER A 1 41  ? -2.420  -7.383  -12.226 1.00 20.11 ? 41  SER A N   1 
ATOM   317  C CA  . SER A 1 41  ? -3.433  -8.283  -11.706 1.00 23.85 ? 41  SER A CA  1 
ATOM   318  C C   . SER A 1 41  ? -3.152  -9.672  -12.192 1.00 27.33 ? 41  SER A C   1 
ATOM   319  O O   . SER A 1 41  ? -2.850  -9.866  -13.361 1.00 29.26 ? 41  SER A O   1 
ATOM   320  C CB  . SER A 1 41  ? -4.814  -7.834  -12.125 1.00 23.29 ? 41  SER A CB  1 
ATOM   321  O OG  . SER A 1 41  ? -5.748  -8.863  -11.909 1.00 23.74 ? 41  SER A OG  1 
ATOM   322  N N   . SER A 1 42  ? -3.256  -10.649 -11.290 1.00 31.24 ? 42  SER A N   1 
ATOM   323  C CA  . SER A 1 42  ? -3.015  -12.063 -11.655 1.00 33.46 ? 42  SER A CA  1 
ATOM   324  C C   . SER A 1 42  ? -4.136  -12.669 -12.558 1.00 34.28 ? 42  SER A C   1 
ATOM   325  O O   . SER A 1 42  ? -3.854  -13.602 -13.313 1.00 36.24 ? 42  SER A O   1 
ATOM   326  C CB  . SER A 1 42  ? -2.734  -12.929 -10.399 1.00 33.73 ? 42  SER A CB  1 
ATOM   327  O OG  . SER A 1 42  ? -3.655  -12.629 -9.344  1.00 32.71 ? 42  SER A OG  1 
ATOM   328  N N   . VAL A 1 43  ? -5.340  -12.071 -12.538 1.00 33.71 ? 43  VAL A N   1 
ATOM   329  C CA  . VAL A 1 43  ? -6.613  -12.613 -13.121 1.00 33.51 ? 43  VAL A CA  1 
ATOM   330  C C   . VAL A 1 43  ? -7.188  -11.741 -14.284 1.00 34.23 ? 43  VAL A C   1 
ATOM   331  O O   . VAL A 1 43  ? -7.376  -10.535 -14.107 1.00 34.65 ? 43  VAL A O   1 
ATOM   332  C CB  . VAL A 1 43  ? -7.654  -12.724 -11.971 1.00 32.28 ? 43  VAL A CB  1 
ATOM   333  C CG1 . VAL A 1 43  ? -9.043  -13.227 -12.438 1.00 32.38 ? 43  VAL A CG1 1 
ATOM   334  C CG2 . VAL A 1 43  ? -7.105  -13.618 -10.856 1.00 33.10 ? 43  VAL A CG2 1 
ATOM   335  N N   . GLU A 1 44  ? -7.483  -12.315 -15.461 1.00 34.12 ? 44  GLU A N   1 
ATOM   336  C CA  . GLU A 1 44  ? -7.965  -11.457 -16.596 1.00 33.21 ? 44  GLU A CA  1 
ATOM   337  C C   . GLU A 1 44  ? -9.416  -10.973 -16.404 1.00 31.32 ? 44  GLU A C   1 
ATOM   338  O O   . GLU A 1 44  ? -10.236 -11.648 -15.758 1.00 30.44 ? 44  GLU A O   1 
ATOM   339  C CB  . GLU A 1 44  ? -7.682  -12.104 -17.984 1.00 34.94 ? 44  GLU A CB  1 
ATOM   340  C CG  . GLU A 1 44  ? -8.798  -11.993 -19.104 1.00 39.28 ? 44  GLU A CG  1 
ATOM   341  C CD  . GLU A 1 44  ? -8.703  -10.699 -19.949 1.00 45.76 ? 44  GLU A CD  1 
ATOM   342  O OE1 . GLU A 1 44  ? -7.601  -10.371 -20.459 1.00 48.21 ? 44  GLU A OE1 1 
ATOM   343  O OE2 . GLU A 1 44  ? -9.740  -10.010 -20.125 1.00 46.69 ? 44  GLU A OE2 1 
ATOM   344  N N   . GLY A 1 45  ? -9.705  -9.771  -16.902 1.00 29.69 ? 45  GLY A N   1 
ATOM   345  C CA  . GLY A 1 45  ? -11.033 -9.189  -16.734 1.00 27.82 ? 45  GLY A CA  1 
ATOM   346  C C   . GLY A 1 45  ? -11.225 -8.538  -15.361 1.00 26.82 ? 45  GLY A C   1 
ATOM   347  O O   . GLY A 1 45  ? -12.348 -8.097  -15.014 1.00 25.44 ? 45  GLY A O   1 
ATOM   348  N N   . LYS A 1 46  ? -10.144 -8.504  -14.564 1.00 24.34 ? 46  LYS A N   1 
ATOM   349  C CA  . LYS A 1 46  ? -10.202 -7.864  -13.248 1.00 21.95 ? 46  LYS A CA  1 
ATOM   350  C C   . LYS A 1 46  ? -9.130  -6.767  -13.094 1.00 19.74 ? 46  LYS A C   1 
ATOM   351  O O   . LYS A 1 46  ? -8.177  -6.732  -13.837 1.00 19.77 ? 46  LYS A O   1 
ATOM   352  C CB  . LYS A 1 46  ? -10.087 -8.920  -12.133 1.00 21.55 ? 46  LYS A CB  1 
ATOM   353  C CG  . LYS A 1 46  ? -11.267 -9.955  -12.009 1.00 23.31 ? 46  LYS A CG  1 
ATOM   354  C CD  . LYS A 1 46  ? -11.242 -10.643 -10.620 1.00 27.78 ? 46  LYS A CD  1 
ATOM   355  C CE  . LYS A 1 46  ? -12.281 -11.751 -10.489 1.00 33.86 ? 46  LYS A CE  1 
ATOM   356  N NZ  . LYS A 1 46  ? -12.695 -12.017 -9.053  1.00 33.68 ? 46  LYS A NZ  1 
ATOM   357  N N   . GLN A 1 47  ? -9.338  -5.868  -12.122 1.00 17.50 ? 47  GLN A N   1 
ATOM   358  C CA  . GLN A 1 47  ? -8.340  -4.883  -11.688 1.00 16.80 ? 47  GLN A CA  1 
ATOM   359  C C   . GLN A 1 47  ? -8.011  -5.092  -10.214 1.00 13.95 ? 47  GLN A C   1 
ATOM   360  O O   . GLN A 1 47  ? -8.787  -5.645  -9.491  1.00 12.87 ? 47  GLN A O   1 
ATOM   361  C CB  . GLN A 1 47  ? -8.910  -3.457  -11.851 1.00 15.05 ? 47  GLN A CB  1 
ATOM   362  C CG  . GLN A 1 47  ? -8.901  -3.027  -13.304 1.00 20.23 ? 47  GLN A CG  1 
ATOM   363  C CD  . GLN A 1 47  ? -9.043  -1.502  -13.524 1.00 21.43 ? 47  GLN A CD  1 
ATOM   364  O OE1 . GLN A 1 47  ? -9.351  -0.730  -12.613 1.00 16.22 ? 47  GLN A OE1 1 
ATOM   365  N NE2 . GLN A 1 47  ? -8.772  -1.075  -14.754 1.00 22.97 ? 47  GLN A NE2 1 
ATOM   366  N N   . ASN A 1 48  ? -6.848  -4.636  -9.778  1.00 13.36 ? 48  ASN A N   1 
ATOM   367  C CA  . ASN A 1 48  ? -6.575  -4.599  -8.346  1.00 9.97  ? 48  ASN A CA  1 
ATOM   368  C C   . ASN A 1 48  ? -7.291  -3.427  -7.684  1.00 11.34 ? 48  ASN A C   1 
ATOM   369  O O   . ASN A 1 48  ? -7.619  -2.399  -8.357  1.00 10.70 ? 48  ASN A O   1 
ATOM   370  C CB  . ASN A 1 48  ? -5.060  -4.474  -8.142  1.00 11.43 ? 48  ASN A CB  1 
ATOM   371  C CG  . ASN A 1 48  ? -4.312  -5.760  -8.513  1.00 8.37  ? 48  ASN A CG  1 
ATOM   372  O OD1 . ASN A 1 48  ? -4.913  -6.793  -8.708  1.00 10.22 ? 48  ASN A OD1 1 
ATOM   373  N ND2 . ASN A 1 48  ? -3.012  -5.651  -8.660  1.00 9.80  ? 48  ASN A ND2 1 
ATOM   374  N N   . LEU A 1 49  ? -7.603  -3.585  -6.403  1.00 8.82  ? 49  LEU A N   1 
ATOM   375  C CA  . LEU A 1 49  ? -8.180  -2.469  -5.652  1.00 10.26 ? 49  LEU A CA  1 
ATOM   376  C C   . LEU A 1 49  ? -7.096  -1.825  -4.789  1.00 11.06 ? 49  LEU A C   1 
ATOM   377  O O   . LEU A 1 49  ? -6.278  -2.551  -4.187  1.00 11.45 ? 49  LEU A O   1 
ATOM   378  C CB  . LEU A 1 49  ? -9.332  -2.995  -4.755  1.00 9.53  ? 49  LEU A CB  1 
ATOM   379  C CG  . LEU A 1 49  ? -9.893  -2.046  -3.670  1.00 10.95 ? 49  LEU A CG  1 
ATOM   380  C CD1 . LEU A 1 49  ? -10.895 -1.118  -4.343  1.00 10.60 ? 49  LEU A CD1 1 
ATOM   381  C CD2 . LEU A 1 49  ? -10.541 -2.819  -2.578  1.00 16.72 ? 49  LEU A CD2 1 
ATOM   382  N N   . VAL A 1 50  ? -7.007  -0.494  -4.761  1.00 10.06 ? 50  VAL A N   1 
ATOM   383  C CA  . VAL A 1 50  ? -6.130  0.144   -3.714  1.00 9.55  ? 50  VAL A CA  1 
ATOM   384  C C   . VAL A 1 50  ? -6.998  0.777   -2.656  1.00 8.86  ? 50  VAL A C   1 
ATOM   385  O O   . VAL A 1 50  ? -7.992  1.486   -2.980  1.00 8.81  ? 50  VAL A O   1 
ATOM   386  C CB  . VAL A 1 50  ? -5.123  1.151   -4.289  1.00 9.19  ? 50  VAL A CB  1 
ATOM   387  C CG1 . VAL A 1 50  ? -4.046  0.395   -5.128  1.00 10.86 ? 50  VAL A CG1 1 
ATOM   388  C CG2 . VAL A 1 50  ? -5.806  2.182   -5.198  1.00 10.17 ? 50  VAL A CG2 1 
ATOM   389  N N   . ILE A 1 51  ? -6.621  0.564   -1.395  1.00 7.53  ? 51  ILE A N   1 
ATOM   390  C CA  . ILE A 1 51  ? -7.365  1.141   -0.266  1.00 9.94  ? 51  ILE A CA  1 
ATOM   391  C C   . ILE A 1 51  ? -6.371  2.103   0.431   1.00 9.35  ? 51  ILE A C   1 
ATOM   392  O O   . ILE A 1 51  ? -5.229  1.736   0.676   1.00 9.59  ? 51  ILE A O   1 
ATOM   393  C CB  . ILE A 1 51  ? -7.856  0.057   0.727   1.00 9.77  ? 51  ILE A CB  1 
ATOM   394  C CG1 . ILE A 1 51  ? -8.930  -0.842  0.073   1.00 9.41  ? 51  ILE A CG1 1 
ATOM   395  C CG2 . ILE A 1 51  ? -8.436  0.706   2.003   1.00 11.12 ? 51  ILE A CG2 1 
ATOM   396  C CD1 . ILE A 1 51  ? -9.278  -2.101  0.876   1.00 10.21 ? 51  ILE A CD1 1 
ATOM   397  N N   . MET A 1 52  ? -6.804  3.335   0.664   1.00 9.01  ? 52  MET A N   1 
ATOM   398  C CA  . MET A 1 52  ? -5.925  4.332   1.310   1.00 9.10  ? 52  MET A CA  1 
ATOM   399  C C   . MET A 1 52  ? -6.771  5.210   2.226   1.00 8.90  ? 52  MET A C   1 
ATOM   400  O O   . MET A 1 52  ? -8.000  5.409   1.996   1.00 7.80  ? 52  MET A O   1 
ATOM   401  C CB  . MET A 1 52  ? -5.176  5.209   0.276   1.00 7.40  ? 52  MET A CB  1 
ATOM   402  C CG  . MET A 1 52  ? -6.080  6.218   -0.472  1.00 9.99  ? 52  MET A CG  1 
ATOM   403  S SD  . MET A 1 52  ? -5.213  6.718   -1.961  1.00 11.45 ? 52  MET A SD  1 
ATOM   404  C CE  . MET A 1 52  ? -5.597  5.374   -3.104  1.00 10.96 ? 52  MET A CE  1 
ATOM   405  N N   . GLY A 1 53  ? -6.137  5.733   3.270   1.00 8.38  ? 53  GLY A N   1 
ATOM   406  C CA  . GLY A 1 53  ? -6.751  6.799   4.063   1.00 8.37  ? 53  GLY A CA  1 
ATOM   407  C C   . GLY A 1 53  ? -6.880  8.121   3.311   1.00 9.61  ? 53  GLY A C   1 
ATOM   408  O O   . GLY A 1 53  ? -6.308  8.319   2.237   1.00 9.33  ? 53  GLY A O   1 
ATOM   409  N N   . LYS A 1 54  ? -7.673  9.018   3.884   1.00 9.55  ? 54  LYS A N   1 
ATOM   410  C CA  . LYS A 1 54  ? -7.966  10.318  3.290   1.00 9.92  ? 54  LYS A CA  1 
ATOM   411  C C   . LYS A 1 54  ? -6.716  11.131  3.030   1.00 8.16  ? 54  LYS A C   1 
ATOM   412  O O   . LYS A 1 54  ? -6.577  11.704  1.958   1.00 9.08  ? 54  LYS A O   1 
ATOM   413  C CB  . LYS A 1 54  ? -8.843  11.114  4.286   1.00 11.23 ? 54  LYS A CB  1 
ATOM   414  C CG  . LYS A 1 54  ? -9.298  12.445  3.649   1.00 10.19 ? 54  LYS A CG  1 
ATOM   415  C CD  . LYS A 1 54  ? -10.315 13.159  4.553   1.00 10.47 ? 54  LYS A CD  1 
ATOM   416  C CE  . LYS A 1 54  ? -9.672  13.565  5.851   1.00 7.21  ? 54  LYS A CE  1 
ATOM   417  N NZ  . LYS A 1 54  ? -10.736 14.218  6.663   1.00 8.47  ? 54  LYS A NZ  1 
ATOM   418  N N   . LYS A 1 55  ? -5.809  11.182  4.003   1.00 7.37  ? 55  LYS A N   1 
ATOM   419  C CA  . LYS A 1 55  ? -4.538  12.038  3.817   1.00 8.01  ? 55  LYS A CA  1 
ATOM   420  C C   . LYS A 1 55  ? -3.638  11.446  2.785   1.00 7.43  ? 55  LYS A C   1 
ATOM   421  O O   . LYS A 1 55  ? -3.023  12.165  2.048   1.00 7.44  ? 55  LYS A O   1 
ATOM   422  C CB  . LYS A 1 55  ? -3.779  12.270  5.115   1.00 8.58  ? 55  LYS A CB  1 
ATOM   423  C CG  . LYS A 1 55  ? -4.703  13.044  6.197   1.00 12.19 ? 55  LYS A CG  1 
ATOM   424  C CD  . LYS A 1 55  ? -4.109  13.224  7.651   1.00 20.40 ? 55  LYS A CD  1 
ATOM   425  C CE  . LYS A 1 55  ? -2.642  13.829  7.735   1.00 25.83 ? 55  LYS A CE  1 
ATOM   426  N NZ  . LYS A 1 55  ? -2.293  14.789  9.002   1.00 27.14 ? 55  LYS A NZ  1 
ATOM   427  N N   . THR A 1 56  ? -3.618  10.107  2.655   1.00 7.87  ? 56  THR A N   1 
ATOM   428  C CA  . THR A 1 56  ? -2.822  9.494   1.581   1.00 7.21  ? 56  THR A CA  1 
ATOM   429  C C   . THR A 1 56  ? -3.394  9.800   0.213   1.00 6.54  ? 56  THR A C   1 
ATOM   430  O O   . THR A 1 56  ? -2.632  10.153  -0.749  1.00 8.16  ? 56  THR A O   1 
ATOM   431  C CB  . THR A 1 56  ? -2.776  7.957   1.867   1.00 8.05  ? 56  THR A CB  1 
ATOM   432  O OG1 . THR A 1 56  ? -2.130  7.750   3.142   1.00 9.56  ? 56  THR A OG1 1 
ATOM   433  C CG2 . THR A 1 56  ? -2.115  7.214   0.736   1.00 6.43  ? 56  THR A CG2 1 
ATOM   434  N N   . TRP A 1 57  ? -4.728  9.677   0.062   1.00 5.46  ? 57  TRP A N   1 
ATOM   435  C CA  . TRP A 1 57  ? -5.361  10.152  -1.196  1.00 6.17  ? 57  TRP A CA  1 
ATOM   436  C C   . TRP A 1 57  ? -4.900  11.585  -1.599  1.00 7.78  ? 57  TRP A C   1 
ATOM   437  O O   . TRP A 1 57  ? -4.433  11.795  -2.708  1.00 7.34  ? 57  TRP A O   1 
ATOM   438  C CB  . TRP A 1 57  ? -6.867  10.088  -1.108  1.00 8.09  ? 57  TRP A CB  1 
ATOM   439  C CG  . TRP A 1 57  ? -7.558  10.704  -2.269  1.00 9.82  ? 57  TRP A CG  1 
ATOM   440  C CD1 . TRP A 1 57  ? -8.123  11.967  -2.337  1.00 14.01 ? 57  TRP A CD1 1 
ATOM   441  C CD2 . TRP A 1 57  ? -7.771  10.092  -3.538  1.00 9.78  ? 57  TRP A CD2 1 
ATOM   442  N NE1 . TRP A 1 57  ? -8.632  12.191  -3.605  1.00 13.85 ? 57  TRP A NE1 1 
ATOM   443  C CE2 . TRP A 1 57  ? -8.449  11.053  -4.358  1.00 16.10 ? 57  TRP A CE2 1 
ATOM   444  C CE3 . TRP A 1 57  ? -7.440  8.825   -4.079  1.00 10.90 ? 57  TRP A CE3 1 
ATOM   445  C CZ2 . TRP A 1 57  ? -8.806  10.789  -5.703  1.00 15.88 ? 57  TRP A CZ2 1 
ATOM   446  C CZ3 . TRP A 1 57  ? -7.800  8.548   -5.404  1.00 9.42  ? 57  TRP A CZ3 1 
ATOM   447  C CH2 . TRP A 1 57  ? -8.471  9.550   -6.215  1.00 11.08 ? 57  TRP A CH2 1 
ATOM   448  N N   . PHE A 1 58  ? -5.061  12.534  -0.695  1.00 6.42  ? 58  PHE A N   1 
ATOM   449  C CA  . PHE A 1 58  ? -4.732  13.945  -0.978  1.00 7.63  ? 58  PHE A CA  1 
ATOM   450  C C   . PHE A 1 58  ? -3.232  14.227  -1.105  1.00 9.16  ? 58  PHE A C   1 
ATOM   451  O O   . PHE A 1 58  ? -2.825  15.281  -1.674  1.00 9.29  ? 58  PHE A O   1 
ATOM   452  C CB  . PHE A 1 58  ? -5.419  14.847  0.015   1.00 7.62  ? 58  PHE A CB  1 
ATOM   453  C CG  . PHE A 1 58  ? -6.901  14.916  -0.219  1.00 7.20  ? 58  PHE A CG  1 
ATOM   454  C CD1 . PHE A 1 58  ? -7.771  14.245  0.617   1.00 6.66  ? 58  PHE A CD1 1 
ATOM   455  C CD2 . PHE A 1 58  ? -7.406  15.636  -1.320  1.00 7.97  ? 58  PHE A CD2 1 
ATOM   456  C CE1 . PHE A 1 58  ? -9.156  14.303  0.412   1.00 9.50  ? 58  PHE A CE1 1 
ATOM   457  C CE2 . PHE A 1 58  ? -8.818  15.647  -1.556  1.00 7.97  ? 58  PHE A CE2 1 
ATOM   458  C CZ  . PHE A 1 58  ? -9.677  14.981  -0.682  1.00 10.98 ? 58  PHE A CZ  1 
ATOM   459  N N   . SER A 1 59  ? -2.423  13.250  -0.723  1.00 10.63 ? 59  SER A N   1 
ATOM   460  C CA  . SER A 1 59  ? -0.968  13.342  -0.945  1.00 9.00  ? 59  SER A CA  1 
ATOM   461  C C   . SER A 1 59  ? -0.563  13.006  -2.377  1.00 12.11 ? 59  SER A C   1 
ATOM   462  O O   . SER A 1 59  ? 0.568   13.382  -2.799  1.00 11.98 ? 59  SER A O   1 
ATOM   463  C CB  . SER A 1 59  ? -0.208  12.514  0.065   1.00 9.82  ? 59  SER A CB  1 
ATOM   464  O OG  . SER A 1 59  ? -0.176  11.152  -0.292  1.00 11.42 ? 59  SER A OG  1 
ATOM   465  N N   . ILE A 1 60  ? -1.478  12.408  -3.158  1.00 11.43 ? 60  ILE A N   1 
ATOM   466  C CA  . ILE A 1 60  ? -1.204  12.136  -4.553  1.00 13.88 ? 60  ILE A CA  1 
ATOM   467  C C   . ILE A 1 60  ? -1.409  13.476  -5.306  1.00 15.64 ? 60  ILE A C   1 
ATOM   468  O O   . ILE A 1 60  ? -2.416  14.157  -5.100  1.00 15.18 ? 60  ILE A O   1 
ATOM   469  C CB  . ILE A 1 60  ? -2.182  11.047  -5.164  1.00 14.53 ? 60  ILE A CB  1 
ATOM   470  C CG1 . ILE A 1 60  ? -2.175  9.725   -4.356  1.00 9.80  ? 60  ILE A CG1 1 
ATOM   471  C CG2 . ILE A 1 60  ? -1.783  10.717  -6.617  1.00 15.81 ? 60  ILE A CG2 1 
ATOM   472  C CD1 . ILE A 1 60  ? -3.483  8.909   -4.494  1.00 13.66 ? 60  ILE A CD1 1 
ATOM   473  N N   . PRO A 1 61  ? -0.474  13.824  -6.204  1.00 20.16 ? 61  PRO A N   1 
ATOM   474  C CA  . PRO A 1 61  ? -0.682  15.072  -6.971  1.00 23.12 ? 61  PRO A CA  1 
ATOM   475  C C   . PRO A 1 61  ? -2.078  15.089  -7.622  1.00 25.28 ? 61  PRO A C   1 
ATOM   476  O O   . PRO A 1 61  ? -2.529  14.086  -8.097  1.00 24.28 ? 61  PRO A O   1 
ATOM   477  C CB  . PRO A 1 61  ? 0.435   15.048  -8.006  1.00 23.91 ? 61  PRO A CB  1 
ATOM   478  C CG  . PRO A 1 61  ? 1.619   14.263  -7.255  1.00 23.31 ? 61  PRO A CG  1 
ATOM   479  C CD  . PRO A 1 61  ? 0.910   13.303  -6.285  1.00 20.62 ? 61  PRO A CD  1 
ATOM   480  N N   . GLU A 1 62  ? -2.740  16.234  -7.597  1.00 28.56 ? 62  GLU A N   1 
ATOM   481  C CA  . GLU A 1 62  ? -4.158  16.399  -8.010  1.00 31.96 ? 62  GLU A CA  1 
ATOM   482  C C   . GLU A 1 62  ? -4.459  15.916  -9.424  1.00 33.27 ? 62  GLU A C   1 
ATOM   483  O O   . GLU A 1 62  ? -5.485  15.233  -9.687  1.00 32.78 ? 62  GLU A O   1 
ATOM   484  C CB  . GLU A 1 62  ? -4.434  17.874  -7.987  1.00 32.78 ? 62  GLU A CB  1 
ATOM   485  C CG  . GLU A 1 62  ? -5.751  18.259  -7.536  1.00 35.12 ? 62  GLU A CG  1 
ATOM   486  C CD  . GLU A 1 62  ? -6.010  19.655  -7.991  1.00 38.83 ? 62  GLU A CD  1 
ATOM   487  O OE1 . GLU A 1 62  ? -5.471  20.579  -7.338  1.00 37.50 ? 62  GLU A OE1 1 
ATOM   488  O OE2 . GLU A 1 62  ? -6.748  19.812  -8.996  1.00 40.26 ? 62  GLU A OE2 1 
ATOM   489  N N   . LYS A 1 63  ? -3.562  16.299  -10.332 1.00 34.54 ? 63  LYS A N   1 
ATOM   490  C CA  . LYS A 1 63  ? -3.581  15.814  -11.702 1.00 35.69 ? 63  LYS A CA  1 
ATOM   491  C C   . LYS A 1 63  ? -3.472  14.273  -11.790 1.00 34.93 ? 63  LYS A C   1 
ATOM   492  O O   . LYS A 1 63  ? -3.882  13.701  -12.812 1.00 35.19 ? 63  LYS A O   1 
ATOM   493  C CB  . LYS A 1 63  ? -2.438  16.463  -12.520 1.00 37.43 ? 63  LYS A CB  1 
ATOM   494  C CG  . LYS A 1 63  ? -0.988  16.137  -11.976 1.00 41.57 ? 63  LYS A CG  1 
ATOM   495  C CD  . LYS A 1 63  ? 0.107   16.179  -13.064 1.00 45.25 ? 63  LYS A CD  1 
ATOM   496  C CE  . LYS A 1 63  ? 1.498   15.900  -12.467 1.00 47.46 ? 63  LYS A CE  1 
ATOM   497  N NZ  . LYS A 1 63  ? 2.610   15.793  -13.515 1.00 47.40 ? 63  LYS A NZ  1 
ATOM   498  N N   . ASN A 1 64  ? -2.915  13.619  -10.757 1.00 32.70 ? 64  ASN A N   1 
ATOM   499  C CA  . ASN A 1 64  ? -2.580  12.165  -10.818 1.00 31.12 ? 64  ASN A CA  1 
ATOM   500  C C   . ASN A 1 64  ? -3.505  11.216  -10.057 1.00 28.93 ? 64  ASN A C   1 
ATOM   501  O O   . ASN A 1 64  ? -3.169  10.039  -9.817  1.00 28.40 ? 64  ASN A O   1 
ATOM   502  C CB  . ASN A 1 64  ? -1.163  11.884  -10.364 1.00 31.57 ? 64  ASN A CB  1 
ATOM   503  C CG  . ASN A 1 64  ? -0.116  12.471  -11.296 1.00 34.72 ? 64  ASN A CG  1 
ATOM   504  O OD1 . ASN A 1 64  ? -0.435  12.999  -12.357 1.00 34.11 ? 64  ASN A OD1 1 
ATOM   505  N ND2 . ASN A 1 64  ? 1.158   12.384  -10.879 1.00 34.40 ? 64  ASN A ND2 1 
ATOM   506  N N   . ARG A 1 65  ? -4.653  11.775  -9.680  1.00 27.65 ? 65  ARG A N   1 
ATOM   507  C CA  . ARG A 1 65  ? -5.702  11.118  -8.925  1.00 25.12 ? 65  ARG A CA  1 
ATOM   508  C C   . ARG A 1 65  ? -6.741  10.793  -9.965  1.00 21.68 ? 65  ARG A C   1 
ATOM   509  O O   . ARG A 1 65  ? -7.087  11.655  -10.771 1.00 23.53 ? 65  ARG A O   1 
ATOM   510  C CB  . ARG A 1 65  ? -6.262  12.097  -7.878  1.00 24.50 ? 65  ARG A CB  1 
ATOM   511  C CG  . ARG A 1 65  ? -5.546  11.939  -6.578  1.00 26.98 ? 65  ARG A CG  1 
ATOM   512  C CD  . ARG A 1 65  ? -5.080  13.230  -5.934  1.00 30.19 ? 65  ARG A CD  1 
ATOM   513  N NE  . ARG A 1 65  ? -6.137  14.155  -5.647  1.00 23.50 ? 65  ARG A NE  1 
ATOM   514  C CZ  . ARG A 1 65  ? -6.026  15.318  -4.980  1.00 24.14 ? 65  ARG A CZ  1 
ATOM   515  N NH1 . ARG A 1 65  ? -7.115  16.075  -4.851  1.00 14.40 ? 65  ARG A NH1 1 
ATOM   516  N NH2 . ARG A 1 65  ? -4.881  15.759  -4.444  1.00 22.34 ? 65  ARG A NH2 1 
ATOM   517  N N   . PRO A 1 66  ? -7.201  9.539   -10.027 1.00 17.95 ? 66  PRO A N   1 
ATOM   518  C CA  . PRO A 1 66  ? -6.854  8.290   -9.311  1.00 13.75 ? 66  PRO A CA  1 
ATOM   519  C C   . PRO A 1 66  ? -5.576  7.612   -9.813  1.00 12.58 ? 66  PRO A C   1 
ATOM   520  O O   . PRO A 1 66  ? -5.093  7.881   -10.904 1.00 11.04 ? 66  PRO A O   1 
ATOM   521  C CB  . PRO A 1 66  ? -8.082  7.385   -9.608  1.00 13.49 ? 66  PRO A CB  1 
ATOM   522  C CG  . PRO A 1 66  ? -8.544  7.850   -11.039 1.00 15.05 ? 66  PRO A CG  1 
ATOM   523  C CD  . PRO A 1 66  ? -8.218  9.332   -11.092 1.00 16.51 ? 66  PRO A CD  1 
ATOM   524  N N   . LEU A 1 67  ? -5.036  6.696   -9.045  1.00 11.07 ? 67  LEU A N   1 
ATOM   525  C CA  . LEU A 1 67  ? -3.950  5.805   -9.560  1.00 11.72 ? 67  LEU A CA  1 
ATOM   526  C C   . LEU A 1 67  ? -4.563  4.919   -10.697 1.00 11.30 ? 67  LEU A C   1 
ATOM   527  O O   . LEU A 1 67  ? -5.614  4.276   -10.497 1.00 11.22 ? 67  LEU A O   1 
ATOM   528  C CB  . LEU A 1 67  ? -3.492  4.909   -8.389  1.00 12.90 ? 67  LEU A CB  1 
ATOM   529  C CG  . LEU A 1 67  ? -2.814  5.646   -7.206  1.00 12.21 ? 67  LEU A CG  1 
ATOM   530  C CD1 . LEU A 1 67  ? -2.517  4.657   -6.062  1.00 12.71 ? 67  LEU A CD1 1 
ATOM   531  C CD2 . LEU A 1 67  ? -1.483  6.274   -7.691  1.00 16.30 ? 67  LEU A CD2 1 
ATOM   532  N N   . LYS A 1 68  ? -3.993  5.004   -11.894 1.00 10.56 ? 68  LYS A N   1 
ATOM   533  C CA  . LYS A 1 68  ? -4.677  4.556   -13.086 1.00 11.60 ? 68  LYS A CA  1 
ATOM   534  C C   . LYS A 1 68  ? -4.620  3.048   -13.169 1.00 13.00 ? 68  LYS A C   1 
ATOM   535  O O   . LYS A 1 68  ? -3.671  2.416   -12.668 1.00 12.32 ? 68  LYS A O   1 
ATOM   536  C CB  . LYS A 1 68  ? -4.074  5.232   -14.319 1.00 14.99 ? 68  LYS A CB  1 
ATOM   537  C CG  . LYS A 1 68  ? -2.551  5.345   -14.293 1.00 21.65 ? 68  LYS A CG  1 
ATOM   538  C CD  . LYS A 1 68  ? -1.922  6.279   -15.419 1.00 32.86 ? 68  LYS A CD  1 
ATOM   539  C CE  . LYS A 1 68  ? -0.673  5.608   -16.148 1.00 34.77 ? 68  LYS A CE  1 
ATOM   540  N NZ  . LYS A 1 68  ? -0.193  6.279   -17.460 1.00 37.26 ? 68  LYS A NZ  1 
ATOM   541  N N   . GLY A 1 69  ? -5.635  2.437   -13.766 1.00 11.35 ? 69  GLY A N   1 
ATOM   542  C CA  . GLY A 1 69  ? -5.622  0.958   -13.913 1.00 12.75 ? 69  GLY A CA  1 
ATOM   543  C C   . GLY A 1 69  ? -5.966  0.172   -12.653 1.00 10.60 ? 69  GLY A C   1 
ATOM   544  O O   . GLY A 1 69  ? -5.861  -1.069  -12.613 1.00 11.64 ? 69  GLY A O   1 
ATOM   545  N N   . ARG A 1 70  ? -6.297  0.871   -11.572 1.00 11.49 ? 70  ARG A N   1 
ATOM   546  C CA  . ARG A 1 70  ? -6.721  0.264   -10.326 1.00 9.51  ? 70  ARG A CA  1 
ATOM   547  C C   . ARG A 1 70  ? -7.990  0.950   -9.857  1.00 9.83  ? 70  ARG A C   1 
ATOM   548  O O   . ARG A 1 70  ? -8.205  2.173   -10.076 1.00 10.57 ? 70  ARG A O   1 
ATOM   549  C CB  . ARG A 1 70  ? -5.620  0.435   -9.239  1.00 10.10 ? 70  ARG A CB  1 
ATOM   550  C CG  . ARG A 1 70  ? -4.338  -0.361  -9.533  1.00 11.71 ? 70  ARG A CG  1 
ATOM   551  C CD  . ARG A 1 70  ? -3.138  0.433   -8.979  1.00 8.14  ? 70  ARG A CD  1 
ATOM   552  N NE  . ARG A 1 70  ? -2.763  1.485   -9.931  1.00 6.80  ? 70  ARG A NE  1 
ATOM   553  C CZ  . ARG A 1 70  ? -1.643  2.207   -9.873  1.00 14.53 ? 70  ARG A CZ  1 
ATOM   554  N NH1 . ARG A 1 70  ? -0.775  2.048   -8.829  1.00 9.76  ? 70  ARG A NH1 1 
ATOM   555  N NH2 . ARG A 1 70  ? -1.394  3.069   -10.872 1.00 13.04 ? 70  ARG A NH2 1 
ATOM   556  N N   . ILE A 1 71  ? -8.806  0.220   -9.123  1.00 8.05  ? 71  ILE A N   1 
ATOM   557  C CA  . ILE A 1 71  ? -9.973  0.811   -8.497  1.00 9.14  ? 71  ILE A CA  1 
ATOM   558  C C   . ILE A 1 71  ? -9.496  1.500   -7.205  1.00 9.46  ? 71  ILE A C   1 
ATOM   559  O O   . ILE A 1 71  ? -8.767  0.894   -6.432  1.00 9.91  ? 71  ILE A O   1 
ATOM   560  C CB  . ILE A 1 71  ? -11.056 -0.259  -8.196  1.00 8.56  ? 71  ILE A CB  1 
ATOM   561  C CG1 . ILE A 1 71  ? -11.603 -0.830  -9.499  1.00 14.81 ? 71  ILE A CG1 1 
ATOM   562  C CG2 . ILE A 1 71  ? -12.172 0.294   -7.358  1.00 10.48 ? 71  ILE A CG2 1 
ATOM   563  C CD1 . ILE A 1 71  ? -12.156 -2.288  -9.284  1.00 16.22 ? 71  ILE A CD1 1 
ATOM   564  N N   . ASN A 1 72  ? -9.908  2.764   -6.997  1.00 8.01  ? 72  ASN A N   1 
ATOM   565  C CA  . ASN A 1 72  ? -9.387  3.567   -5.859  1.00 8.67  ? 72  ASN A CA  1 
ATOM   566  C C   . ASN A 1 72  ? -10.471 3.763   -4.797  1.00 8.66  ? 72  ASN A C   1 
ATOM   567  O O   . ASN A 1 72  ? -11.547 4.361   -5.055  1.00 8.68  ? 72  ASN A O   1 
ATOM   568  C CB  . ASN A 1 72  ? -8.891  4.954   -6.377  1.00 6.75  ? 72  ASN A CB  1 
ATOM   569  C CG  . ASN A 1 72  ? -7.521  4.900   -7.125  1.00 8.08  ? 72  ASN A CG  1 
ATOM   570  O OD1 . ASN A 1 72  ? -6.625  5.699   -6.789  1.00 11.93 ? 72  ASN A OD1 1 
ATOM   571  N ND2 . ASN A 1 72  ? -7.363  4.019   -8.175  1.00 8.41  ? 72  ASN A ND2 1 
ATOM   572  N N   . LEU A 1 73  ? -10.213 3.251   -3.603  1.00 8.08  ? 73  LEU A N   1 
ATOM   573  C CA  . LEU A 1 73  ? -11.120 3.382   -2.517  1.00 8.57  ? 73  LEU A CA  1 
ATOM   574  C C   . LEU A 1 73  ? -10.469 4.193   -1.416  1.00 9.69  ? 73  LEU A C   1 
ATOM   575  O O   . LEU A 1 73  ? -9.366  3.843   -0.940  1.00 9.72  ? 73  LEU A O   1 
ATOM   576  C CB  . LEU A 1 73  ? -11.566 1.972   -1.979  1.00 7.57  ? 73  LEU A CB  1 
ATOM   577  C CG  . LEU A 1 73  ? -12.614 1.903   -0.900  1.00 9.66  ? 73  LEU A CG  1 
ATOM   578  C CD1 . LEU A 1 73  ? -13.292 0.482   -1.059  1.00 7.99  ? 73  LEU A CD1 1 
ATOM   579  C CD2 . LEU A 1 73  ? -12.042 2.123   0.545   1.00 8.98  ? 73  LEU A CD2 1 
ATOM   580  N N   . VAL A 1 74  ? -11.182 5.236   -0.955  1.00 8.83  ? 74  VAL A N   1 
ATOM   581  C CA  . VAL A 1 74  ? -10.754 6.078   0.155   1.00 9.77  ? 74  VAL A CA  1 
ATOM   582  C C   . VAL A 1 74  ? -11.504 5.774   1.435   1.00 10.15 ? 74  VAL A C   1 
ATOM   583  O O   . VAL A 1 74  ? -12.711 5.448   1.404   1.00 10.81 ? 74  VAL A O   1 
ATOM   584  C CB  . VAL A 1 74  ? -10.842 7.619   -0.186  1.00 8.51  ? 74  VAL A CB  1 
ATOM   585  C CG1 . VAL A 1 74  ? -10.333 8.536   1.004   1.00 11.79 ? 74  VAL A CG1 1 
ATOM   586  C CG2 . VAL A 1 74  ? -10.001 7.872   -1.418  1.00 8.34  ? 74  VAL A CG2 1 
ATOM   587  N N   . LEU A 1 75  ? -10.742 5.746   2.515   1.00 8.70  ? 75  LEU A N   1 
ATOM   588  C CA  . LEU A 1 75  ? -11.315 5.572   3.855   1.00 9.80  ? 75  LEU A CA  1 
ATOM   589  C C   . LEU A 1 75  ? -11.468 6.907   4.568   1.00 9.77  ? 75  LEU A C   1 
ATOM   590  O O   . LEU A 1 75  ? -10.505 7.658   4.707   1.00 9.22  ? 75  LEU A O   1 
ATOM   591  C CB  . LEU A 1 75  ? -10.466 4.663   4.714   1.00 9.32  ? 75  LEU A CB  1 
ATOM   592  C CG  . LEU A 1 75  ? -10.192 3.237   4.227   1.00 8.63  ? 75  LEU A CG  1 
ATOM   593  C CD1 . LEU A 1 75  ? -9.150  2.579   5.131   1.00 12.63 ? 75  LEU A CD1 1 
ATOM   594  C CD2 . LEU A 1 75  ? -11.476 2.432   4.293   1.00 13.03 ? 75  LEU A CD2 1 
ATOM   595  N N   . SER A 1 76  ? -12.678 7.158   5.061   1.00 9.76  ? 76  SER A N   1 
ATOM   596  C CA  . SER A 1 76  ? -12.975 8.386   5.794   1.00 11.39 ? 76  SER A CA  1 
ATOM   597  C C   . SER A 1 76  ? -14.352 8.285   6.442   1.00 12.18 ? 76  SER A C   1 
ATOM   598  O O   . SER A 1 76  ? -15.339 7.870   5.828   1.00 11.77 ? 76  SER A O   1 
ATOM   599  C CB  . SER A 1 76  ? -12.939 9.616   4.873   1.00 11.83 ? 76  SER A CB  1 
ATOM   600  O OG  . SER A 1 76  ? -13.317 10.817  5.582   1.00 9.57  ? 76  SER A OG  1 
ATOM   601  N N   . ARG A 1 77  ? -14.418 8.760   7.665   1.00 14.59 ? 77  ARG A N   1 
ATOM   602  C CA  . ARG A 1 77  ? -15.697 8.955   8.341   1.00 15.02 ? 77  ARG A CA  1 
ATOM   603  C C   . ARG A 1 77  ? -16.229 10.375  8.141   1.00 15.71 ? 77  ARG A C   1 
ATOM   604  O O   . ARG A 1 77  ? -17.459 10.610  8.316   1.00 16.84 ? 77  ARG A O   1 
ATOM   605  C CB  . ARG A 1 77  ? -15.484 8.674   9.814   1.00 16.26 ? 77  ARG A CB  1 
ATOM   606  C CG  . ARG A 1 77  ? -15.189 7.178   10.102  1.00 19.39 ? 77  ARG A CG  1 
ATOM   607  C CD  . ARG A 1 77  ? -15.262 6.862   11.637  1.00 26.72 ? 77  ARG A CD  1 
ATOM   608  N NE  . ARG A 1 77  ? -15.072 5.410   11.841  1.00 32.43 ? 77  ARG A NE  1 
ATOM   609  C CZ  . ARG A 1 77  ? -13.925 4.745   11.632  1.00 33.67 ? 77  ARG A CZ  1 
ATOM   610  N NH1 . ARG A 1 77  ? -12.817 5.377   11.241  1.00 31.45 ? 77  ARG A NH1 1 
ATOM   611  N NH2 . ARG A 1 77  ? -13.875 3.426   11.808  1.00 36.94 ? 77  ARG A NH2 1 
ATOM   612  N N   . GLU A 1 78  ? -15.354 11.328  7.796   1.00 14.40 ? 78  GLU A N   1 
ATOM   613  C CA  . GLU A 1 78  ? -15.796 12.728  7.628   1.00 15.41 ? 78  GLU A CA  1 
ATOM   614  C C   . GLU A 1 78  ? -16.441 13.016  6.263   1.00 14.47 ? 78  GLU A C   1 
ATOM   615  O O   . GLU A 1 78  ? -17.405 13.795  6.140   1.00 13.49 ? 78  GLU A O   1 
ATOM   616  C CB  . GLU A 1 78  ? -14.656 13.744  7.835   1.00 17.38 ? 78  GLU A CB  1 
ATOM   617  C CG  . GLU A 1 78  ? -14.102 13.828  9.235   1.00 21.18 ? 78  GLU A CG  1 
ATOM   618  C CD  . GLU A 1 78  ? -12.948 14.869  9.355   1.00 28.45 ? 78  GLU A CD  1 
ATOM   619  O OE1 . GLU A 1 78  ? -13.016 15.925  8.673   1.00 25.90 ? 78  GLU A OE1 1 
ATOM   620  O OE2 . GLU A 1 78  ? -11.972 14.597  10.130  1.00 29.94 ? 78  GLU A OE2 1 
ATOM   621  N N   . LEU A 1 79  ? -15.868 12.420  5.240   1.00 11.98 ? 79  LEU A N   1 
ATOM   622  C CA  . LEU A 1 79  ? -16.249 12.677  3.880   1.00 12.72 ? 79  LEU A CA  1 
ATOM   623  C C   . LEU A 1 79  ? -17.624 12.010  3.678   1.00 13.07 ? 79  LEU A C   1 
ATOM   624  O O   . LEU A 1 79  ? -17.927 11.045  4.325   1.00 14.26 ? 79  LEU A O   1 
ATOM   625  C CB  . LEU A 1 79  ? -15.213 12.065  2.935   1.00 11.08 ? 79  LEU A CB  1 
ATOM   626  C CG  . LEU A 1 79  ? -13.868 12.785  2.805   1.00 12.00 ? 79  LEU A CG  1 
ATOM   627  C CD1 . LEU A 1 79  ? -13.008 12.151  1.752   1.00 11.31 ? 79  LEU A CD1 1 
ATOM   628  C CD2 . LEU A 1 79  ? -14.063 14.300  2.518   1.00 8.55  ? 79  LEU A CD2 1 
ATOM   629  N N   . LYS A 1 80  ? -18.454 12.525  2.786   1.00 14.59 ? 80  LYS A N   1 
ATOM   630  C CA  . LYS A 1 80  ? -19.793 11.878  2.598   1.00 16.55 ? 80  LYS A CA  1 
ATOM   631  C C   . LYS A 1 80  ? -19.920 11.250  1.252   1.00 16.00 ? 80  LYS A C   1 
ATOM   632  O O   . LYS A 1 80  ? -20.905 10.564  0.969   1.00 16.23 ? 80  LYS A O   1 
ATOM   633  C CB  . LYS A 1 80  ? -20.899 12.911  2.843   1.00 17.43 ? 80  LYS A CB  1 
ATOM   634  C CG  . LYS A 1 80  ? -20.930 13.321  4.327   1.00 22.39 ? 80  LYS A CG  1 
ATOM   635  C CD  . LYS A 1 80  ? -21.161 12.057  5.238   1.00 27.81 ? 80  LYS A CD  1 
ATOM   636  C CE  . LYS A 1 80  ? -20.174 11.984  6.408   1.00 25.52 ? 80  LYS A CE  1 
ATOM   637  N NZ  . LYS A 1 80  ? -20.721 11.379  7.631   1.00 31.81 ? 80  LYS A NZ  1 
ATOM   638  N N   . GLU A 1 81  ? -18.920 11.507  0.404   1.00 14.20 ? 81  GLU A N   1 
ATOM   639  C CA  . GLU A 1 81  ? -18.870 10.919  -0.899  1.00 12.87 ? 81  GLU A CA  1 
ATOM   640  C C   . GLU A 1 81  ? -17.401 10.783  -1.316  1.00 12.26 ? 81  GLU A C   1 
ATOM   641  O O   . GLU A 1 81  ? -16.528 11.471  -0.739  1.00 12.01 ? 81  GLU A O   1 
ATOM   642  C CB  . GLU A 1 81  ? -19.659 11.758  -1.933  1.00 15.39 ? 81  GLU A CB  1 
ATOM   643  C CG  . GLU A 1 81  ? -19.085 13.124  -2.189  1.00 12.51 ? 81  GLU A CG  1 
ATOM   644  C CD  . GLU A 1 81  ? -19.893 13.896  -3.270  1.00 15.89 ? 81  GLU A CD  1 
ATOM   645  O OE1 . GLU A 1 81  ? -19.689 13.707  -4.471  1.00 14.65 ? 81  GLU A OE1 1 
ATOM   646  O OE2 . GLU A 1 81  ? -20.761 14.641  -2.869  1.00 17.25 ? 81  GLU A OE2 1 
ATOM   647  N N   . PRO A 1 82  ? -17.121 9.925   -2.326  1.00 12.12 ? 82  PRO A N   1 
ATOM   648  C CA  . PRO A 1 82  ? -15.717 9.762   -2.729  1.00 12.08 ? 82  PRO A CA  1 
ATOM   649  C C   . PRO A 1 82  ? -15.185 11.111  -3.193  1.00 11.97 ? 82  PRO A C   1 
ATOM   650  O O   . PRO A 1 82  ? -15.875 11.829  -3.907  1.00 10.50 ? 82  PRO A O   1 
ATOM   651  C CB  . PRO A 1 82  ? -15.810 8.817   -3.926  1.00 12.70 ? 82  PRO A CB  1 
ATOM   652  C CG  . PRO A 1 82  ? -17.046 7.890   -3.595  1.00 13.16 ? 82  PRO A CG  1 
ATOM   653  C CD  . PRO A 1 82  ? -18.002 8.852   -2.869  1.00 12.88 ? 82  PRO A CD  1 
ATOM   654  N N   . PRO A 1 83  ? -13.956 11.456  -2.831  1.00 11.07 ? 83  PRO A N   1 
ATOM   655  C CA  . PRO A 1 83  ? -13.415 12.719  -3.351  1.00 10.16 ? 83  PRO A CA  1 
ATOM   656  C C   . PRO A 1 83  ? -13.321 12.741  -4.852  1.00 11.68 ? 83  PRO A C   1 
ATOM   657  O O   . PRO A 1 83  ? -13.464 11.701  -5.477  1.00 9.10  ? 83  PRO A O   1 
ATOM   658  C CB  . PRO A 1 83  ? -11.959 12.736  -2.853  1.00 13.51 ? 83  PRO A CB  1 
ATOM   659  C CG  . PRO A 1 83  ? -11.910 11.771  -1.727  1.00 11.92 ? 83  PRO A CG  1 
ATOM   660  C CD  . PRO A 1 83  ? -13.036 10.751  -1.911  1.00 10.56 ? 83  PRO A CD  1 
ATOM   661  N N   . GLN A 1 84  ? -13.104 13.929  -5.422  1.00 10.78 ? 84  GLN A N   1 
ATOM   662  C CA  . GLN A 1 84  ? -12.924 14.106  -6.865  1.00 12.75 ? 84  GLN A CA  1 
ATOM   663  C C   . GLN A 1 84  ? -11.878 13.133  -7.448  1.00 12.50 ? 84  GLN A C   1 
ATOM   664  O O   . GLN A 1 84  ? -10.716 13.127  -7.020  1.00 11.91 ? 84  GLN A O   1 
ATOM   665  C CB  . GLN A 1 84  ? -12.576 15.564  -7.187  1.00 14.78 ? 84  GLN A CB  1 
ATOM   666  C CG  . GLN A 1 84  ? -12.423 15.796  -8.707  1.00 18.29 ? 84  GLN A CG  1 
ATOM   667  C CD  . GLN A 1 84  ? -12.156 17.230  -9.093  1.00 25.71 ? 84  GLN A CD  1 
ATOM   668  O OE1 . GLN A 1 84  ? -11.633 18.026  -8.313  1.00 26.43 ? 84  GLN A OE1 1 
ATOM   669  N NE2 . GLN A 1 84  ? -12.564 17.580  -10.319 1.00 28.24 ? 84  GLN A NE2 1 
ATOM   670  N N   . GLY A 1 85  ? -12.316 12.271  -8.387  1.00 12.15 ? 85  GLY A N   1 
ATOM   671  C CA  . GLY A 1 85  ? -11.405 11.313  -9.060  1.00 11.94 ? 85  GLY A CA  1 
ATOM   672  C C   . GLY A 1 85  ? -11.316 9.920   -8.389  1.00 11.47 ? 85  GLY A C   1 
ATOM   673  O O   . GLY A 1 85  ? -10.870 8.959   -9.026  1.00 11.62 ? 85  GLY A O   1 
ATOM   674  N N   . ALA A 1 86  ? -11.750 9.797   -7.134  1.00 10.20 ? 86  ALA A N   1 
ATOM   675  C CA  . ALA A 1 86  ? -11.803 8.506   -6.470  1.00 11.48 ? 86  ALA A CA  1 
ATOM   676  C C   . ALA A 1 86  ? -13.052 7.723   -6.879  1.00 11.77 ? 86  ALA A C   1 
ATOM   677  O O   . ALA A 1 86  ? -14.052 8.292   -7.306  1.00 11.50 ? 86  ALA A O   1 
ATOM   678  C CB  . ALA A 1 86  ? -11.789 8.679   -4.906  1.00 12.09 ? 86  ALA A CB  1 
ATOM   679  N N   . HIS A 1 87  ? -12.972 6.403   -6.752  1.00 11.62 ? 87  HIS A N   1 
ATOM   680  C CA  . HIS A 1 87  ? -14.094 5.497   -7.034  1.00 12.39 ? 87  HIS A CA  1 
ATOM   681  C C   . HIS A 1 87  ? -15.080 5.118   -5.918  1.00 11.93 ? 87  HIS A C   1 
ATOM   682  O O   . HIS A 1 87  ? -16.300 5.022   -6.174  1.00 10.93 ? 87  HIS A O   1 
ATOM   683  C CB  . HIS A 1 87  ? -13.556 4.222   -7.672  1.00 11.22 ? 87  HIS A CB  1 
ATOM   684  C CG  . HIS A 1 87  ? -12.648 4.501   -8.822  1.00 11.84 ? 87  HIS A CG  1 
ATOM   685  N ND1 . HIS A 1 87  ? -12.999 5.333   -9.878  1.00 15.42 ? 87  HIS A ND1 1 
ATOM   686  C CD2 . HIS A 1 87  ? -11.393 4.084   -9.074  1.00 8.19  ? 87  HIS A CD2 1 
ATOM   687  C CE1 . HIS A 1 87  ? -11.976 5.427   -10.708 1.00 6.13  ? 87  HIS A CE1 1 
ATOM   688  N NE2 . HIS A 1 87  ? -11.015 4.633   -10.273 1.00 11.94 ? 87  HIS A NE2 1 
ATOM   689  N N   . PHE A 1 88  ? -14.560 4.826   -4.726  1.00 11.10 ? 88  PHE A N   1 
ATOM   690  C CA  . PHE A 1 88  ? -15.366 4.309   -3.599  1.00 10.93 ? 88  PHE A CA  1 
ATOM   691  C C   . PHE A 1 88  ? -14.911 4.995   -2.359  1.00 12.74 ? 88  PHE A C   1 
ATOM   692  O O   . PHE A 1 88  ? -13.768 5.506   -2.315  1.00 12.78 ? 88  PHE A O   1 
ATOM   693  C CB  . PHE A 1 88  ? -15.232 2.790   -3.439  1.00 11.65 ? 88  PHE A CB  1 
ATOM   694  C CG  . PHE A 1 88  ? -15.847 2.038   -4.571  1.00 12.85 ? 88  PHE A CG  1 
ATOM   695  C CD1 . PHE A 1 88  ? -17.226 1.844   -4.626  1.00 17.99 ? 88  PHE A CD1 1 
ATOM   696  C CD2 . PHE A 1 88  ? -15.083 1.639   -5.624  1.00 10.15 ? 88  PHE A CD2 1 
ATOM   697  C CE1 . PHE A 1 88  ? -17.796 1.220   -5.729  1.00 15.78 ? 88  PHE A CE1 1 
ATOM   698  C CE2 . PHE A 1 88  ? -15.643 0.999   -6.725  1.00 15.23 ? 88  PHE A CE2 1 
ATOM   699  C CZ  . PHE A 1 88  ? -16.978 0.787   -6.768  1.00 12.11 ? 88  PHE A CZ  1 
ATOM   700  N N   . LEU A 1 89  ? -15.809 5.012   -1.362  1.00 12.31 ? 89  LEU A N   1 
ATOM   701  C CA  . LEU A 1 89  ? -15.562 5.583   -0.054  1.00 13.24 ? 89  LEU A CA  1 
ATOM   702  C C   . LEU A 1 89  ? -16.116 4.601   0.996   1.00 13.44 ? 89  LEU A C   1 
ATOM   703  O O   . LEU A 1 89  ? -17.258 4.131   0.899   1.00 12.42 ? 89  LEU A O   1 
ATOM   704  C CB  . LEU A 1 89  ? -16.275 6.932   0.095   1.00 13.18 ? 89  LEU A CB  1 
ATOM   705  C CG  . LEU A 1 89  ? -16.374 7.481   1.530   1.00 13.96 ? 89  LEU A CG  1 
ATOM   706  C CD1 . LEU A 1 89  ? -15.075 8.026   2.089   1.00 8.17  ? 89  LEU A CD1 1 
ATOM   707  C CD2 . LEU A 1 89  ? -17.440 8.552   1.598   1.00 15.80 ? 89  LEU A CD2 1 
ATOM   708  N N   . SER A 1 90  ? -15.334 4.305   2.012   1.00 13.68 ? 90  SER A N   1 
ATOM   709  C CA  . SER A 1 90  ? -15.813 3.431   3.065   1.00 13.44 ? 90  SER A CA  1 
ATOM   710  C C   . SER A 1 90  ? -15.448 4.093   4.357   1.00 14.95 ? 90  SER A C   1 
ATOM   711  O O   . SER A 1 90  ? -14.439 4.814   4.424   1.00 13.18 ? 90  SER A O   1 
ATOM   712  C CB  . SER A 1 90  ? -15.140 2.067   3.003   1.00 14.28 ? 90  SER A CB  1 
ATOM   713  O OG  . SER A 1 90  ? -15.605 1.383   1.872   1.00 12.13 ? 90  SER A OG  1 
ATOM   714  N N   . ARG A 1 91  ? -16.208 3.804   5.407   1.00 16.92 ? 91  ARG A N   1 
ATOM   715  C CA  . ARG A 1 91  ? -15.955 4.497   6.660   1.00 20.81 ? 91  ARG A CA  1 
ATOM   716  C C   . ARG A 1 91  ? -14.853 3.830   7.459   1.00 21.63 ? 91  ARG A C   1 
ATOM   717  O O   . ARG A 1 91  ? -14.260 4.498   8.256   1.00 23.97 ? 91  ARG A O   1 
ATOM   718  C CB  . ARG A 1 91  ? -17.234 5.052   7.422   1.00 22.76 ? 91  ARG A CB  1 
ATOM   719  C CG  . ARG A 1 91  ? -18.187 4.116   8.149   1.00 30.96 ? 91  ARG A CG  1 
ATOM   720  C CD  . ARG A 1 91  ? -18.362 4.299   9.726   1.00 38.68 ? 91  ARG A CD  1 
ATOM   721  N NE  . ARG A 1 91  ? -18.179 2.968   10.386  1.00 44.93 ? 91  ARG A NE  1 
ATOM   722  C CZ  . ARG A 1 91  ? -18.392 2.648   11.674  1.00 45.28 ? 91  ARG A CZ  1 
ATOM   723  N NH1 . ARG A 1 91  ? -18.150 1.408   12.079  1.00 44.92 ? 91  ARG A NH1 1 
ATOM   724  N NH2 . ARG A 1 91  ? -18.851 3.526   12.553  1.00 46.30 ? 91  ARG A NH2 1 
ATOM   725  N N   . SER A 1 92  ? -14.512 2.563   7.130   1.00 20.70 ? 92  SER A N   1 
ATOM   726  C CA  . SER A 1 92  ? -13.497 1.750   7.824   1.00 19.93 ? 92  SER A CA  1 
ATOM   727  C C   . SER A 1 92  ? -12.962 0.654   6.942   1.00 18.44 ? 92  SER A C   1 
ATOM   728  O O   . SER A 1 92  ? -13.499 0.331   5.881   1.00 17.31 ? 92  SER A O   1 
ATOM   729  C CB  . SER A 1 92  ? -14.005 1.084   9.136   1.00 19.97 ? 92  SER A CB  1 
ATOM   730  O OG  . SER A 1 92  ? -14.882 -0.011  8.903   1.00 19.43 ? 92  SER A OG  1 
ATOM   731  N N   . LEU A 1 93  ? -11.878 0.074   7.423   1.00 19.31 ? 93  LEU A N   1 
ATOM   732  C CA  . LEU A 1 93  ? -11.232 -1.009  6.739   1.00 17.92 ? 93  LEU A CA  1 
ATOM   733  C C   . LEU A 1 93  ? -12.138 -2.227  6.615   1.00 17.45 ? 93  LEU A C   1 
ATOM   734  O O   . LEU A 1 93  ? -12.270 -2.740  5.496   1.00 17.00 ? 93  LEU A O   1 
ATOM   735  C CB  . LEU A 1 93  ? -9.865  -1.358  7.381   1.00 18.58 ? 93  LEU A CB  1 
ATOM   736  C CG  . LEU A 1 93  ? -9.153  -2.464  6.559   1.00 17.24 ? 93  LEU A CG  1 
ATOM   737  C CD1 . LEU A 1 93  ? -8.840  -1.986  5.181   1.00 18.59 ? 93  LEU A CD1 1 
ATOM   738  C CD2 . LEU A 1 93  ? -7.842  -2.899  7.285   1.00 18.67 ? 93  LEU A CD2 1 
ATOM   739  N N   . ASP A 1 94  ? -12.757 -2.662  7.724   1.00 17.30 ? 94  ASP A N   1 
ATOM   740  C CA  . ASP A 1 94  ? -13.710 -3.788  7.684   1.00 19.66 ? 94  ASP A CA  1 
ATOM   741  C C   . ASP A 1 94  ? -14.830 -3.510  6.688   1.00 17.67 ? 94  ASP A C   1 
ATOM   742  O O   . ASP A 1 94  ? -15.156 -4.384  5.892   1.00 17.07 ? 94  ASP A O   1 
ATOM   743  C CB  . ASP A 1 94  ? -14.327 -4.140  9.069   1.00 20.94 ? 94  ASP A CB  1 
ATOM   744  C CG  . ASP A 1 94  ? -13.315 -4.767  10.032  1.00 26.74 ? 94  ASP A CG  1 
ATOM   745  O OD1 . ASP A 1 94  ? -13.554 -4.631  11.246  1.00 34.18 ? 94  ASP A OD1 1 
ATOM   746  O OD2 . ASP A 1 94  ? -12.290 -5.350  9.598   1.00 28.07 ? 94  ASP A OD2 1 
ATOM   747  N N   . ASP A 1 95  ? -15.378 -2.279  6.679   1.00 17.47 ? 95  ASP A N   1 
ATOM   748  C CA  . ASP A 1 95  ? -16.377 -1.944  5.645   1.00 16.12 ? 95  ASP A CA  1 
ATOM   749  C C   . ASP A 1 95  ? -15.882 -2.033  4.221   1.00 14.62 ? 95  ASP A C   1 
ATOM   750  O O   . ASP A 1 95  ? -16.619 -2.514  3.367   1.00 12.81 ? 95  ASP A O   1 
ATOM   751  C CB  . ASP A 1 95  ? -17.054 -0.575  5.826   1.00 15.49 ? 95  ASP A CB  1 
ATOM   752  C CG  . ASP A 1 95  ? -17.852 -0.483  7.099   1.00 19.06 ? 95  ASP A CG  1 
ATOM   753  O OD1 . ASP A 1 95  ? -17.970 -1.499  7.827   1.00 22.37 ? 95  ASP A OD1 1 
ATOM   754  O OD2 . ASP A 1 95  ? -18.307 0.631   7.392   1.00 17.13 ? 95  ASP A OD2 1 
ATOM   755  N N   . ALA A 1 96  ? -14.637 -1.593  3.946   1.00 13.32 ? 96  ALA A N   1 
ATOM   756  C CA  . ALA A 1 96  ? -14.090 -1.649  2.606   1.00 12.18 ? 96  ALA A CA  1 
ATOM   757  C C   . ALA A 1 96  ? -13.952 -3.126  2.161   1.00 13.68 ? 96  ALA A C   1 
ATOM   758  O O   . ALA A 1 96  ? -14.317 -3.485  1.044   1.00 13.85 ? 96  ALA A O   1 
ATOM   759  C CB  . ALA A 1 96  ? -12.638 -0.937  2.539   1.00 11.21 ? 96  ALA A CB  1 
ATOM   760  N N   . LEU A 1 97  ? -13.354 -3.956  3.004   1.00 15.31 ? 97  LEU A N   1 
ATOM   761  C CA  . LEU A 1 97  ? -13.258 -5.386  2.695   1.00 17.90 ? 97  LEU A CA  1 
ATOM   762  C C   . LEU A 1 97  ? -14.669 -6.036  2.530   1.00 20.26 ? 97  LEU A C   1 
ATOM   763  O O   . LEU A 1 97  ? -14.904 -6.723  1.549   1.00 20.29 ? 97  LEU A O   1 
ATOM   764  C CB  . LEU A 1 97  ? -12.366 -6.109  3.703   1.00 18.92 ? 97  LEU A CB  1 
ATOM   765  C CG  . LEU A 1 97  ? -10.965 -5.445  3.873   1.00 19.28 ? 97  LEU A CG  1 
ATOM   766  C CD1 . LEU A 1 97  ? -10.201 -6.184  5.016   1.00 26.46 ? 97  LEU A CD1 1 
ATOM   767  C CD2 . LEU A 1 97  ? -10.169 -5.492  2.584   1.00 19.47 ? 97  LEU A CD2 1 
ATOM   768  N N   . LYS A 1 98  ? -15.605 -5.759  3.441   1.00 21.50 ? 98  LYS A N   1 
ATOM   769  C CA  . LYS A 1 98  ? -16.984 -6.235  3.248   1.00 24.35 ? 98  LYS A CA  1 
ATOM   770  C C   . LYS A 1 98  ? -17.536 -5.825  1.880   1.00 25.09 ? 98  LYS A C   1 
ATOM   771  O O   . LYS A 1 98  ? -18.100 -6.664  1.181   1.00 23.54 ? 98  LYS A O   1 
ATOM   772  C CB  . LYS A 1 98  ? -17.907 -5.816  4.418   1.00 24.38 ? 98  LYS A CB  1 
ATOM   773  C CG  . LYS A 1 98  ? -17.688 -6.685  5.638   1.00 30.84 ? 98  LYS A CG  1 
ATOM   774  C CD  . LYS A 1 98  ? -18.804 -6.508  6.689   1.00 37.85 ? 98  LYS A CD  1 
ATOM   775  C CE  . LYS A 1 98  ? -18.461 -7.239  8.018   1.00 40.22 ? 98  LYS A CE  1 
ATOM   776  N NZ  . LYS A 1 98  ? -17.265 -6.661  8.803   1.00 41.87 ? 98  LYS A NZ  1 
ATOM   777  N N   . LEU A 1 99  ? -17.322 -4.556  1.464   1.00 25.95 ? 99  LEU A N   1 
ATOM   778  C CA  . LEU A 1 99  ? -17.737 -4.044  0.135   1.00 27.45 ? 99  LEU A CA  1 
ATOM   779  C C   . LEU A 1 99  ? -17.197 -4.850  -1.053  1.00 29.05 ? 99  LEU A C   1 
ATOM   780  O O   . LEU A 1 99  ? -17.801 -4.966  -2.129  1.00 27.88 ? 99  LEU A O   1 
ATOM   781  C CB  . LEU A 1 99  ? -17.306 -2.584  0.010   1.00 28.10 ? 99  LEU A CB  1 
ATOM   782  C CG  . LEU A 1 99  ? -18.008 -1.514  -0.844  1.00 30.04 ? 99  LEU A CG  1 
ATOM   783  C CD1 . LEU A 1 99  ? -17.135 -0.222  -0.862  1.00 30.22 ? 99  LEU A CD1 1 
ATOM   784  C CD2 . LEU A 1 99  ? -18.273 -1.956  -2.236  1.00 34.05 ? 99  LEU A CD2 1 
ATOM   785  N N   . THR A 1 100 ? -16.035 -5.409  -0.845  1.00 30.49 ? 100 THR A N   1 
ATOM   786  C CA  . THR A 1 100 ? -15.369 -6.222  -1.843  1.00 33.11 ? 100 THR A CA  1 
ATOM   787  C C   . THR A 1 100 ? -16.125 -7.546  -2.177  1.00 35.63 ? 100 THR A C   1 
ATOM   788  O O   . THR A 1 100 ? -15.907 -8.149  -3.241  1.00 37.28 ? 100 THR A O   1 
ATOM   789  C CB  . THR A 1 100 ? -13.955 -6.382  -1.288  1.00 32.85 ? 100 THR A CB  1 
ATOM   790  O OG1 . THR A 1 100 ? -13.117 -5.392  -1.906  1.00 30.50 ? 100 THR A OG1 1 
ATOM   791  C CG2 . THR A 1 100 ? -13.418 -7.752  -1.373  1.00 34.20 ? 100 THR A CG2 1 
ATOM   792  N N   . GLU A 1 101 ? -17.042 -7.952  -1.294  1.00 38.16 ? 101 GLU A N   1 
ATOM   793  C CA  . GLU A 1 101 ? -18.021 -9.074  -1.531  1.00 40.01 ? 101 GLU A CA  1 
ATOM   794  C C   . GLU A 1 101 ? -19.335 -8.681  -2.208  1.00 40.87 ? 101 GLU A C   1 
ATOM   795  O O   . GLU A 1 101 ? -20.003 -9.535  -2.748  1.00 42.53 ? 101 GLU A O   1 
ATOM   796  C CB  . GLU A 1 101 ? -18.399 -9.813  -0.238  1.00 39.85 ? 101 GLU A CB  1 
ATOM   797  C CG  . GLU A 1 101 ? -17.415 -9.746  0.905   1.00 40.41 ? 101 GLU A CG  1 
ATOM   798  C CD  . GLU A 1 101 ? -16.094 -10.420 0.606   1.00 43.19 ? 101 GLU A CD  1 
ATOM   799  O OE1 . GLU A 1 101 ? -15.822 -10.782 -0.571  1.00 44.35 ? 101 GLU A OE1 1 
ATOM   800  O OE2 . GLU A 1 101 ? -15.315 -10.584 1.581   1.00 46.86 ? 101 GLU A OE2 1 
ATOM   801  N N   . GLN A 1 102 ? -19.708 -7.407  -2.177  1.00 42.18 ? 102 GLN A N   1 
ATOM   802  C CA  . GLN A 1 102 ? -20.957 -6.934  -2.807  1.00 43.08 ? 102 GLN A CA  1 
ATOM   803  C C   . GLN A 1 102 ? -21.059 -7.248  -4.315  1.00 43.47 ? 102 GLN A C   1 
ATOM   804  O O   . GLN A 1 102 ? -20.038 -7.495  -4.967  1.00 44.25 ? 102 GLN A O   1 
ATOM   805  C CB  . GLN A 1 102 ? -21.220 -5.413  -2.529  1.00 43.40 ? 102 GLN A CB  1 
ATOM   806  C CG  . GLN A 1 102 ? -21.291 -5.032  -1.014  1.00 44.43 ? 102 GLN A CG  1 
ATOM   807  C CD  . GLN A 1 102 ? -22.031 -6.081  -0.208  1.00 46.11 ? 102 GLN A CD  1 
ATOM   808  O OE1 . GLN A 1 102 ? -23.256 -6.056  -0.157  1.00 47.51 ? 102 GLN A OE1 1 
ATOM   809  N NE2 . GLN A 1 102 ? -21.295 -7.032  0.396   1.00 45.32 ? 102 GLN A NE2 1 
ATOM   810  N N   . PRO A 1 103 ? -22.294 -7.241  -4.863  1.00 43.42 ? 103 PRO A N   1 
ATOM   811  C CA  . PRO A 1 103 ? -22.438 -7.406  -6.307  1.00 43.33 ? 103 PRO A CA  1 
ATOM   812  C C   . PRO A 1 103 ? -21.595 -6.415  -7.117  1.00 42.49 ? 103 PRO A C   1 
ATOM   813  O O   . PRO A 1 103 ? -20.923 -6.823  -8.072  1.00 42.45 ? 103 PRO A O   1 
ATOM   814  C CB  . PRO A 1 103 ? -23.952 -7.191  -6.556  1.00 43.21 ? 103 PRO A CB  1 
ATOM   815  C CG  . PRO A 1 103 ? -24.558 -6.775  -5.222  1.00 44.55 ? 103 PRO A CG  1 
ATOM   816  C CD  . PRO A 1 103 ? -23.599 -7.342  -4.179  1.00 43.79 ? 103 PRO A CD  1 
ATOM   817  N N   . GLU A 1 104 ? -21.592 -5.142  -6.730  1.00 41.63 ? 104 GLU A N   1 
ATOM   818  C CA  . GLU A 1 104 ? -20.847 -4.157  -7.526  1.00 41.09 ? 104 GLU A CA  1 
ATOM   819  C C   . GLU A 1 104 ? -19.299 -4.373  -7.657  1.00 39.88 ? 104 GLU A C   1 
ATOM   820  O O   . GLU A 1 104 ? -18.679 -3.790  -8.568  1.00 40.71 ? 104 GLU A O   1 
ATOM   821  C CB  . GLU A 1 104 ? -21.264 -2.675  -7.239  1.00 41.23 ? 104 GLU A CB  1 
ATOM   822  C CG  . GLU A 1 104 ? -21.254 -2.131  -5.789  1.00 42.21 ? 104 GLU A CG  1 
ATOM   823  C CD  . GLU A 1 104 ? -21.326 -0.570  -5.715  1.00 43.79 ? 104 GLU A CD  1 
ATOM   824  O OE1 . GLU A 1 104 ? -21.271 0.002   -4.588  1.00 44.05 ? 104 GLU A OE1 1 
ATOM   825  O OE2 . GLU A 1 104 ? -21.417 0.108   -6.778  1.00 42.78 ? 104 GLU A OE2 1 
ATOM   826  N N   . LEU A 1 105 ? -18.694 -5.219  -6.812  1.00 37.33 ? 105 LEU A N   1 
ATOM   827  C CA  . LEU A 1 105 ? -17.224 -5.354  -6.778  1.00 35.37 ? 105 LEU A CA  1 
ATOM   828  C C   . LEU A 1 105 ? -16.692 -6.780  -6.742  1.00 34.15 ? 105 LEU A C   1 
ATOM   829  O O   . LEU A 1 105 ? -15.527 -7.009  -7.055  1.00 33.72 ? 105 LEU A O   1 
ATOM   830  C CB  . LEU A 1 105 ? -16.608 -4.582  -5.609  1.00 35.60 ? 105 LEU A CB  1 
ATOM   831  C CG  . LEU A 1 105 ? -16.315 -3.070  -5.708  1.00 35.67 ? 105 LEU A CG  1 
ATOM   832  C CD1 . LEU A 1 105 ? -15.612 -2.651  -4.443  1.00 36.29 ? 105 LEU A CD1 1 
ATOM   833  C CD2 . LEU A 1 105 ? -15.495 -2.720  -6.942  1.00 35.31 ? 105 LEU A CD2 1 
ATOM   834  N N   . ALA A 1 106 ? -17.538 -7.727  -6.349  1.00 33.83 ? 106 ALA A N   1 
ATOM   835  C CA  . ALA A 1 106 ? -17.090 -9.119  -6.113  1.00 32.94 ? 106 ALA A CA  1 
ATOM   836  C C   . ALA A 1 106 ? -16.392 -9.777  -7.295  1.00 31.63 ? 106 ALA A C   1 
ATOM   837  O O   . ALA A 1 106 ? -15.528 -10.601 -7.108  1.00 31.78 ? 106 ALA A O   1 
ATOM   838  C CB  . ALA A 1 106 ? -18.261 -10.010 -5.612  1.00 33.98 ? 106 ALA A CB  1 
ATOM   839  N N   . ASN A 1 107 ? -16.759 -9.388  -8.507  1.00 29.61 ? 107 ASN A N   1 
ATOM   840  C CA  . ASN A 1 107 ? -16.264 -10.023 -9.704  1.00 28.23 ? 107 ASN A CA  1 
ATOM   841  C C   . ASN A 1 107 ? -15.307 -9.099  -10.480 1.00 25.64 ? 107 ASN A C   1 
ATOM   842  O O   . ASN A 1 107 ? -14.821 -9.455  -11.558 1.00 24.81 ? 107 ASN A O   1 
ATOM   843  C CB  . ASN A 1 107 ? -17.464 -10.396 -10.582 1.00 29.26 ? 107 ASN A CB  1 
ATOM   844  C CG  . ASN A 1 107 ? -18.400 -9.196  -10.803 1.00 35.51 ? 107 ASN A CG  1 
ATOM   845  O OD1 . ASN A 1 107 ? -18.509 -8.299  -9.932  1.00 37.93 ? 107 ASN A OD1 1 
ATOM   846  N ND2 . ASN A 1 107 ? -19.070 -9.151  -11.990 1.00 42.48 ? 107 ASN A ND2 1 
ATOM   847  N N   . LYS A 1 108 ? -15.075 -7.910  -9.946  1.00 22.61 ? 108 LYS A N   1 
ATOM   848  C CA  . LYS A 1 108 ? -14.238 -6.913  -10.601 1.00 21.12 ? 108 LYS A CA  1 
ATOM   849  C C   . LYS A 1 108 ? -12.846 -6.796  -9.990  1.00 19.16 ? 108 LYS A C   1 
ATOM   850  O O   . LYS A 1 108 ? -11.947 -6.315  -10.665 1.00 19.18 ? 108 LYS A O   1 
ATOM   851  C CB  . LYS A 1 108 ? -14.911 -5.527  -10.556 1.00 21.56 ? 108 LYS A CB  1 
ATOM   852  C CG  . LYS A 1 108 ? -16.199 -5.511  -11.374 1.00 24.29 ? 108 LYS A CG  1 
ATOM   853  C CD  . LYS A 1 108 ? -16.889 -4.153  -11.430 1.00 30.38 ? 108 LYS A CD  1 
ATOM   854  C CE  . LYS A 1 108 ? -18.150 -4.331  -12.292 1.00 31.08 ? 108 LYS A CE  1 
ATOM   855  N NZ  . LYS A 1 108 ? -19.280 -4.869  -11.453 1.00 34.62 ? 108 LYS A NZ  1 
ATOM   856  N N   . VAL A 1 109 ? -12.710 -7.173  -8.723  1.00 16.43 ? 109 VAL A N   1 
ATOM   857  C CA  . VAL A 1 109 ? -11.487 -6.987  -7.924  1.00 15.46 ? 109 VAL A CA  1 
ATOM   858  C C   . VAL A 1 109 ? -10.628 -8.252  -7.868  1.00 14.99 ? 109 VAL A C   1 
ATOM   859  O O   . VAL A 1 109 ? -11.131 -9.329  -7.494  1.00 14.50 ? 109 VAL A O   1 
ATOM   860  C CB  . VAL A 1 109 ? -11.803 -6.495  -6.468  1.00 15.70 ? 109 VAL A CB  1 
ATOM   861  C CG1 . VAL A 1 109 ? -10.478 -6.390  -5.633  1.00 15.57 ? 109 VAL A CG1 1 
ATOM   862  C CG2 . VAL A 1 109 ? -12.498 -5.137  -6.508  1.00 17.84 ? 109 VAL A CG2 1 
ATOM   863  N N   . ASP A 1 110 ? -9.364  -8.142  -8.276  1.00 14.38 ? 110 ASP A N   1 
ATOM   864  C CA  . ASP A 1 110 ? -8.433  -9.243  -7.964  1.00 13.83 ? 110 ASP A CA  1 
ATOM   865  C C   . ASP A 1 110 ? -7.751  -8.997  -6.578  1.00 12.60 ? 110 ASP A C   1 
ATOM   866  O O   . ASP A 1 110 ? -8.372  -9.252  -5.524  1.00 12.27 ? 110 ASP A O   1 
ATOM   867  C CB  . ASP A 1 110 ? -7.478  -9.471  -9.115  1.00 13.96 ? 110 ASP A CB  1 
ATOM   868  C CG  . ASP A 1 110 ? -6.479  -10.622 -8.851  1.00 15.03 ? 110 ASP A CG  1 
ATOM   869  O OD1 . ASP A 1 110 ? -5.413  -10.587 -9.451  1.00 19.10 ? 110 ASP A OD1 1 
ATOM   870  O OD2 . ASP A 1 110 ? -6.744  -11.468 -8.013  1.00 15.57 ? 110 ASP A OD2 1 
ATOM   871  N N   . MET A 1 111 ? -6.509  -8.501  -6.594  1.00 12.07 ? 111 MET A N   1 
ATOM   872  C CA  . MET A 1 111 ? -5.743  -8.270  -5.353  1.00 10.93 ? 111 MET A CA  1 
ATOM   873  C C   . MET A 1 111 ? -6.178  -6.991  -4.699  1.00 11.36 ? 111 MET A C   1 
ATOM   874  O O   . MET A 1 111 ? -6.539  -6.026  -5.420  1.00 8.10  ? 111 MET A O   1 
ATOM   875  C CB  . MET A 1 111 ? -4.259  -8.147  -5.686  1.00 12.53 ? 111 MET A CB  1 
ATOM   876  C CG  . MET A 1 111 ? -3.673  -9.311  -6.454  1.00 16.56 ? 111 MET A CG  1 
ATOM   877  S SD  . MET A 1 111 ? -1.880  -9.145  -6.599  1.00 22.75 ? 111 MET A SD  1 
ATOM   878  C CE  . MET A 1 111 ? -1.743  -8.434  -8.129  1.00 24.34 ? 111 MET A CE  1 
ATOM   879  N N   . VAL A 1 112 ? -6.171  -6.961  -3.355  1.00 9.51  ? 112 VAL A N   1 
ATOM   880  C CA  . VAL A 1 112 ? -6.367  -5.673  -2.660  1.00 9.85  ? 112 VAL A CA  1 
ATOM   881  C C   . VAL A 1 112 ? -5.046  -5.196  -2.028  1.00 10.05 ? 112 VAL A C   1 
ATOM   882  O O   . VAL A 1 112 ? -4.281  -6.015  -1.457  1.00 9.46  ? 112 VAL A O   1 
ATOM   883  C CB  . VAL A 1 112 ? -7.666  -5.570  -1.796  1.00 12.99 ? 112 VAL A CB  1 
ATOM   884  C CG1 . VAL A 1 112 ? -8.660  -6.790  -1.866  1.00 12.73 ? 112 VAL A CG1 1 
ATOM   885  C CG2 . VAL A 1 112 ? -7.605  -4.721  -0.468  1.00 10.71 ? 112 VAL A CG2 1 
ATOM   886  N N   . TRP A 1 113 ? -4.730  -3.919  -2.303  1.00 8.54  ? 113 TRP A N   1 
ATOM   887  C CA  . TRP A 1 113 ? -3.483  -3.267  -1.848  1.00 8.32  ? 113 TRP A CA  1 
ATOM   888  C C   . TRP A 1 113 ? -3.785  -2.116  -0.917  1.00 9.76  ? 113 TRP A C   1 
ATOM   889  O O   . TRP A 1 113 ? -4.403  -1.156  -1.330  1.00 11.00 ? 113 TRP A O   1 
ATOM   890  C CB  . TRP A 1 113 ? -2.719  -2.788  -3.091  1.00 8.40  ? 113 TRP A CB  1 
ATOM   891  C CG  . TRP A 1 113 ? -2.141  -3.907  -3.876  1.00 10.62 ? 113 TRP A CG  1 
ATOM   892  C CD1 . TRP A 1 113 ? -2.692  -4.538  -5.006  1.00 8.59  ? 113 TRP A CD1 1 
ATOM   893  C CD2 . TRP A 1 113 ? -0.880  -4.544  -3.630  1.00 10.51 ? 113 TRP A CD2 1 
ATOM   894  N NE1 . TRP A 1 113 ? -1.852  -5.556  -5.423  1.00 12.86 ? 113 TRP A NE1 1 
ATOM   895  C CE2 . TRP A 1 113 ? -0.718  -5.558  -4.621  1.00 14.73 ? 113 TRP A CE2 1 
ATOM   896  C CE3 . TRP A 1 113 ? 0.142   -4.337  -2.692  1.00 12.23 ? 113 TRP A CE3 1 
ATOM   897  C CZ2 . TRP A 1 113 ? 0.410   -6.406  -4.643  1.00 14.02 ? 113 TRP A CZ2 1 
ATOM   898  C CZ3 . TRP A 1 113 ? 1.287   -5.147  -2.732  1.00 13.16 ? 113 TRP A CZ3 1 
ATOM   899  C CH2 . TRP A 1 113 ? 1.423   -6.164  -3.699  1.00 14.49 ? 113 TRP A CH2 1 
ATOM   900  N N   . ILE A 1 114 ? -3.400  -2.240  0.361   1.00 8.91  ? 114 ILE A N   1 
ATOM   901  C CA  . ILE A 1 114 ? -3.467  -1.164  1.334   1.00 9.11  ? 114 ILE A CA  1 
ATOM   902  C C   . ILE A 1 114 ? -2.198  -0.300  1.173   1.00 8.76  ? 114 ILE A C   1 
ATOM   903  O O   . ILE A 1 114 ? -1.072  -0.806  1.264   1.00 7.63  ? 114 ILE A O   1 
ATOM   904  C CB  . ILE A 1 114 ? -3.616  -1.745  2.789   1.00 10.13 ? 114 ILE A CB  1 
ATOM   905  C CG1 . ILE A 1 114 ? -4.997  -2.452  2.900   1.00 14.51 ? 114 ILE A CG1 1 
ATOM   906  C CG2 . ILE A 1 114 ? -3.346  -0.640  3.793   1.00 13.81 ? 114 ILE A CG2 1 
ATOM   907  C CD1 . ILE A 1 114 ? -5.130  -3.449  4.012   1.00 22.84 ? 114 ILE A CD1 1 
ATOM   908  N N   . VAL A 1 115 ? -2.378  0.989   0.878   1.00 8.84  ? 115 VAL A N   1 
ATOM   909  C CA  . VAL A 1 115 ? -1.255  1.860   0.485   1.00 7.85  ? 115 VAL A CA  1 
ATOM   910  C C   . VAL A 1 115 ? -1.096  3.016   1.436   1.00 8.44  ? 115 VAL A C   1 
ATOM   911  O O   . VAL A 1 115 ? -0.328  3.942   1.135   1.00 8.46  ? 115 VAL A O   1 
ATOM   912  C CB  . VAL A 1 115 ? -1.388  2.352   -1.008  1.00 8.77  ? 115 VAL A CB  1 
ATOM   913  C CG1 . VAL A 1 115 ? -1.407  1.215   -1.876  1.00 10.82 ? 115 VAL A CG1 1 
ATOM   914  C CG2 . VAL A 1 115 ? -2.646  3.239   -1.173  1.00 8.36  ? 115 VAL A CG2 1 
ATOM   915  N N   . GLY A 1 116 ? -1.753  2.901   2.602   1.00 7.75  ? 116 GLY A N   1 
ATOM   916  C CA  . GLY A 1 116 ? -1.469  3.772   3.761   1.00 11.58 ? 116 GLY A CA  1 
ATOM   917  C C   . GLY A 1 116 ? -2.667  4.586   4.165   1.00 9.33  ? 116 GLY A C   1 
ATOM   918  O O   . GLY A 1 116 ? -3.695  4.427   3.545   1.00 9.88  ? 116 GLY A O   1 
ATOM   919  N N   . GLY A 1 117 ? -2.565  5.441   5.185   1.00 10.35 ? 117 GLY A N   1 
ATOM   920  C CA  . GLY A 1 117 ? -1.310  5.689   5.934   1.00 9.27  ? 117 GLY A CA  1 
ATOM   921  C C   . GLY A 1 117 ? -1.213  4.862   7.205   1.00 9.80  ? 117 GLY A C   1 
ATOM   922  O O   . GLY A 1 117 ? -1.628  3.721   7.223   1.00 7.29  ? 117 GLY A O   1 
ATOM   923  N N   . SER A 1 118 ? -0.580  5.409   8.257   1.00 11.80 ? 118 SER A N   1 
ATOM   924  C CA  . SER A 1 118 ? -0.137  4.653   9.444   1.00 12.33 ? 118 SER A CA  1 
ATOM   925  C C   . SER A 1 118 ? -1.217  3.803   10.098  1.00 14.19 ? 118 SER A C   1 
ATOM   926  O O   . SER A 1 118 ? -1.079  2.578   10.319  1.00 13.06 ? 118 SER A O   1 
ATOM   927  C CB  . SER A 1 118 ? 0.297   5.662   10.519  1.00 14.76 ? 118 SER A CB  1 
ATOM   928  O OG  . SER A 1 118 ? 1.392   6.321   10.041  1.00 18.87 ? 118 SER A OG  1 
ATOM   929  N N   . SER A 1 119 ? -2.340  4.458   10.416  1.00 13.07 ? 119 SER A N   1 
ATOM   930  C CA  . SER A 1 119 ? -3.410  3.733   11.082  1.00 14.10 ? 119 SER A CA  1 
ATOM   931  C C   . SER A 1 119 ? -4.076  2.660   10.238  1.00 12.82 ? 119 SER A C   1 
ATOM   932  O O   . SER A 1 119 ? -4.468  1.656   10.795  1.00 13.46 ? 119 SER A O   1 
ATOM   933  C CB  . SER A 1 119 ? -4.446  4.688   11.736  1.00 14.31 ? 119 SER A CB  1 
ATOM   934  O OG  . SER A 1 119 ? -5.139  5.324   10.704  1.00 17.40 ? 119 SER A OG  1 
ATOM   935  N N   . VAL A 1 120 ? -4.158  2.816   8.916   1.00 12.39 ? 120 VAL A N   1 
ATOM   936  C CA  . VAL A 1 120 ? -4.729  1.774   8.048   1.00 12.35 ? 120 VAL A CA  1 
ATOM   937  C C   . VAL A 1 120 ? -3.732  0.565   7.947   1.00 10.75 ? 120 VAL A C   1 
ATOM   938  O O   . VAL A 1 120 ? -4.104  -0.613  8.031   1.00 11.21 ? 120 VAL A O   1 
ATOM   939  C CB  . VAL A 1 120 ? -4.945  2.318   6.612   1.00 11.73 ? 120 VAL A CB  1 
ATOM   940  C CG1 . VAL A 1 120 ? -5.593  1.242   5.717   1.00 15.60 ? 120 VAL A CG1 1 
ATOM   941  C CG2 . VAL A 1 120 ? -5.801  3.618   6.625   1.00 14.31 ? 120 VAL A CG2 1 
ATOM   942  N N   . TYR A 1 121 ? -2.455  0.868   7.795   1.00 9.56  ? 121 TYR A N   1 
ATOM   943  C CA  . TYR A 1 121 ? -1.427  -0.204  7.927   1.00 9.11  ? 121 TYR A CA  1 
ATOM   944  C C   . TYR A 1 121 ? -1.580  -0.994  9.217   1.00 8.61  ? 121 TYR A C   1 
ATOM   945  O O   . TYR A 1 121 ? -1.658  -2.229  9.204   1.00 10.32 ? 121 TYR A O   1 
ATOM   946  C CB  . TYR A 1 121 ? -0.051  0.431   7.842   1.00 8.69  ? 121 TYR A CB  1 
ATOM   947  C CG  . TYR A 1 121 ? 0.402   0.928   6.461   1.00 6.96  ? 121 TYR A CG  1 
ATOM   948  C CD1 . TYR A 1 121 ? 1.029   2.172   6.330   1.00 8.97  ? 121 TYR A CD1 1 
ATOM   949  C CD2 . TYR A 1 121 ? 0.245   0.146   5.309   1.00 7.07  ? 121 TYR A CD2 1 
ATOM   950  C CE1 . TYR A 1 121 ? 1.561   2.589   5.100   1.00 5.51  ? 121 TYR A CE1 1 
ATOM   951  C CE2 . TYR A 1 121 ? 0.690   0.602   4.036   1.00 7.36  ? 121 TYR A CE2 1 
ATOM   952  C CZ  . TYR A 1 121 ? 1.352   1.810   3.954   1.00 8.21  ? 121 TYR A CZ  1 
ATOM   953  O OH  . TYR A 1 121 ? 1.867   2.250   2.776   1.00 8.01  ? 121 TYR A OH  1 
ATOM   954  N N   . LYS A 1 122 ? -1.680  -0.288  10.325  1.00 9.43  ? 122 LYS A N   1 
ATOM   955  C CA  . LYS A 1 122 ? -1.656  -0.918  11.655  1.00 11.30 ? 122 LYS A CA  1 
ATOM   956  C C   . LYS A 1 122 ? -2.871  -1.836  11.804  1.00 11.46 ? 122 LYS A C   1 
ATOM   957  O O   . LYS A 1 122 ? -2.756  -3.007  12.221  1.00 12.56 ? 122 LYS A O   1 
ATOM   958  C CB  . LYS A 1 122 ? -1.614  0.169   12.770  1.00 12.17 ? 122 LYS A CB  1 
ATOM   959  C CG  . LYS A 1 122 ? -1.583  -0.464  14.228  1.00 16.32 ? 122 LYS A CG  1 
ATOM   960  C CD  . LYS A 1 122 ? -1.744  0.685   15.290  1.00 22.96 ? 122 LYS A CD  1 
ATOM   961  C CE  . LYS A 1 122 ? -2.123  0.131   16.628  1.00 25.31 ? 122 LYS A CE  1 
ATOM   962  N NZ  . LYS A 1 122 ? -1.016  -0.677  17.178  1.00 29.00 ? 122 LYS A NZ  1 
ATOM   963  N N   . GLU A 1 123 ? -4.024  -1.343  11.374  1.00 13.52 ? 123 GLU A N   1 
ATOM   964  C CA  . GLU A 1 123 ? -5.231  -2.190  11.500  1.00 15.76 ? 123 GLU A CA  1 
ATOM   965  C C   . GLU A 1 123 ? -5.132  -3.452  10.602  1.00 13.93 ? 123 GLU A C   1 
ATOM   966  O O   . GLU A 1 123 ? -5.386  -4.616  11.042  1.00 14.44 ? 123 GLU A O   1 
ATOM   967  C CB  . GLU A 1 123 ? -6.492  -1.369  11.111  1.00 14.74 ? 123 GLU A CB  1 
ATOM   968  C CG  . GLU A 1 123 ? -7.672  -2.216  11.426  1.00 23.54 ? 123 GLU A CG  1 
ATOM   969  C CD  . GLU A 1 123 ? -8.977  -1.497  11.173  1.00 30.40 ? 123 GLU A CD  1 
ATOM   970  O OE1 . GLU A 1 123 ? -8.937  -0.272  10.877  1.00 28.46 ? 123 GLU A OE1 1 
ATOM   971  O OE2 . GLU A 1 123 ? -10.015 -2.188  11.250  1.00 34.66 ? 123 GLU A OE2 1 
ATOM   972  N N   . ALA A 1 124 ? -4.748  -3.247  9.352   1.00 12.95 ? 124 ALA A N   1 
ATOM   973  C CA  . ALA A 1 124 ? -4.567  -4.392  8.456   1.00 13.38 ? 124 ALA A CA  1 
ATOM   974  C C   . ALA A 1 124 ? -3.603  -5.388  9.032   1.00 14.12 ? 124 ALA A C   1 
ATOM   975  O O   . ALA A 1 124 ? -3.861  -6.556  8.948   1.00 14.77 ? 124 ALA A O   1 
ATOM   976  C CB  . ALA A 1 124 ? -4.126  -4.000  7.092   1.00 12.51 ? 124 ALA A CB  1 
ATOM   977  N N   . MET A 1 125 ? -2.483  -4.928  9.597   1.00 14.42 ? 125 MET A N   1 
ATOM   978  C CA  . MET A 1 125 ? -1.375  -5.820  10.023  1.00 15.41 ? 125 MET A CA  1 
ATOM   979  C C   . MET A 1 125 ? -1.718  -6.688  11.237  1.00 17.76 ? 125 MET A C   1 
ATOM   980  O O   . MET A 1 125 ? -1.094  -7.746  11.431  1.00 18.64 ? 125 MET A O   1 
ATOM   981  C CB  . MET A 1 125 ? -0.087  -4.974  10.267  1.00 15.22 ? 125 MET A CB  1 
ATOM   982  C CG  . MET A 1 125 ? 0.456   -4.381  8.912   1.00 14.95 ? 125 MET A CG  1 
ATOM   983  S SD  . MET A 1 125 ? 1.722   -3.110  9.207   1.00 17.07 ? 125 MET A SD  1 
ATOM   984  C CE  . MET A 1 125 ? 2.867   -4.162  10.055  1.00 15.66 ? 125 MET A CE  1 
ATOM   985  N N   . ASN A 1 126 ? -2.708  -6.228  11.995  1.00 19.26 ? 126 ASN A N   1 
ATOM   986  C CA  . ASN A 1 126 ? -3.231  -6.791  13.249  1.00 22.55 ? 126 ASN A CA  1 
ATOM   987  C C   . ASN A 1 126 ? -4.541  -7.582  13.033  1.00 22.58 ? 126 ASN A C   1 
ATOM   988  O O   . ASN A 1 126 ? -5.071  -8.164  13.975  1.00 21.91 ? 126 ASN A O   1 
ATOM   989  C CB  . ASN A 1 126 ? -3.526  -5.655  14.258  1.00 22.95 ? 126 ASN A CB  1 
ATOM   990  C CG  . ASN A 1 126 ? -2.299  -5.255  15.111  1.00 28.49 ? 126 ASN A CG  1 
ATOM   991  O OD1 . ASN A 1 126 ? -1.296  -5.994  15.191  1.00 35.32 ? 126 ASN A OD1 1 
ATOM   992  N ND2 . ASN A 1 126 ? -2.371  -4.062  15.761  1.00 32.21 ? 126 ASN A ND2 1 
ATOM   993  N N   . HIS A 1 127 ? -5.020  -7.561  11.792  1.00 23.21 ? 127 HIS A N   1 
ATOM   994  C CA  . HIS A 1 127 ? -6.215  -8.258  11.335  1.00 25.88 ? 127 HIS A CA  1 
ATOM   995  C C   . HIS A 1 127 ? -5.950  -9.743  11.023  1.00 24.54 ? 127 HIS A C   1 
ATOM   996  O O   . HIS A 1 127 ? -5.157  -10.035 10.176  1.00 23.22 ? 127 HIS A O   1 
ATOM   997  C CB  . HIS A 1 127 ? -6.676  -7.572  10.052  1.00 26.99 ? 127 HIS A CB  1 
ATOM   998  C CG  . HIS A 1 127 ? -7.986  -8.052  9.512   1.00 33.42 ? 127 HIS A CG  1 
ATOM   999  N ND1 . HIS A 1 127 ? -8.344  -7.883  8.183   1.00 37.40 ? 127 HIS A ND1 1 
ATOM   1000 C CD2 . HIS A 1 127 ? -9.038  -8.665  10.113  1.00 39.09 ? 127 HIS A CD2 1 
ATOM   1001 C CE1 . HIS A 1 127 ? -9.551  -8.391  7.987   1.00 38.69 ? 127 HIS A CE1 1 
ATOM   1002 N NE2 . HIS A 1 127 ? -9.994  -8.872  9.139   1.00 41.61 ? 127 HIS A NE2 1 
ATOM   1003 N N   . PRO A 1 128 ? -6.619  -10.686 11.719  1.00 24.65 ? 128 PRO A N   1 
ATOM   1004 C CA  . PRO A 1 128 ? -6.404  -12.124 11.349  1.00 23.85 ? 128 PRO A CA  1 
ATOM   1005 C C   . PRO A 1 128 ? -6.551  -12.446 9.868   1.00 22.92 ? 128 PRO A C   1 
ATOM   1006 O O   . PRO A 1 128 ? -7.355  -11.825 9.140   1.00 23.24 ? 128 PRO A O   1 
ATOM   1007 C CB  . PRO A 1 128 ? -7.469  -12.870 12.172  1.00 24.78 ? 128 PRO A CB  1 
ATOM   1008 C CG  . PRO A 1 128 ? -7.602  -12.019 13.414  1.00 25.99 ? 128 PRO A CG  1 
ATOM   1009 C CD  . PRO A 1 128 ? -7.497  -10.556 12.903  1.00 25.21 ? 128 PRO A CD  1 
ATOM   1010 N N   . GLY A 1 129 ? -5.783  -13.430 9.427   1.00 20.55 ? 129 GLY A N   1 
ATOM   1011 C CA  . GLY A 1 129 ? -5.930  -13.929 8.095   1.00 18.11 ? 129 GLY A CA  1 
ATOM   1012 C C   . GLY A 1 129 ? -4.594  -13.899 7.368   1.00 16.43 ? 129 GLY A C   1 
ATOM   1013 O O   . GLY A 1 129 ? -3.555  -13.582 7.958   1.00 15.32 ? 129 GLY A O   1 
ATOM   1014 N N   . HIS A 1 130 ? -4.649  -14.225 6.093   1.00 14.51 ? 130 HIS A N   1 
ATOM   1015 C CA  . HIS A 1 130 ? -3.459  -14.386 5.229   1.00 14.23 ? 130 HIS A CA  1 
ATOM   1016 C C   . HIS A 1 130 ? -3.194  -12.974 4.699   1.00 12.98 ? 130 HIS A C   1 
ATOM   1017 O O   . HIS A 1 130 ? -4.105  -12.290 4.163   1.00 11.89 ? 130 HIS A O   1 
ATOM   1018 C CB  . HIS A 1 130 ? -3.825  -15.411 4.171   1.00 15.33 ? 130 HIS A CB  1 
ATOM   1019 C CG  . HIS A 1 130 ? -2.788  -15.719 3.136   1.00 14.11 ? 130 HIS A CG  1 
ATOM   1020 N ND1 . HIS A 1 130 ? -1.430  -15.490 3.294   1.00 18.09 ? 130 HIS A ND1 1 
ATOM   1021 C CD2 . HIS A 1 130 ? -2.930  -16.348 1.942   1.00 7.81  ? 130 HIS A CD2 1 
ATOM   1022 C CE1 . HIS A 1 130 ? -0.790  -15.931 2.214   1.00 8.22  ? 130 HIS A CE1 1 
ATOM   1023 N NE2 . HIS A 1 130 ? -1.687  -16.421 1.377   1.00 18.02 ? 130 HIS A NE2 1 
ATOM   1024 N N   . LEU A 1 131 ? -1.986  -12.483 4.968   1.00 10.16 ? 131 LEU A N   1 
ATOM   1025 C CA  . LEU A 1 131 ? -1.663  -11.102 4.551   1.00 8.83  ? 131 LEU A CA  1 
ATOM   1026 C C   . LEU A 1 131 ? -0.181  -11.001 4.230   1.00 9.09  ? 131 LEU A C   1 
ATOM   1027 O O   . LEU A 1 131 ? 0.655   -11.559 4.925   1.00 8.01  ? 131 LEU A O   1 
ATOM   1028 C CB  . LEU A 1 131 ? -2.029  -10.076 5.660   1.00 9.43  ? 131 LEU A CB  1 
ATOM   1029 C CG  . LEU A 1 131 ? -1.534  -8.613  5.490   1.00 11.67 ? 131 LEU A CG  1 
ATOM   1030 C CD1 . LEU A 1 131 ? -2.406  -7.977  4.433   1.00 16.98 ? 131 LEU A CD1 1 
ATOM   1031 C CD2 . LEU A 1 131 ? -1.565  -7.811  6.842   1.00 15.56 ? 131 LEU A CD2 1 
ATOM   1032 N N   . LYS A 1 132 ? 0.149   -10.265 3.177   1.00 8.66  ? 132 LYS A N   1 
ATOM   1033 C CA  . LYS A 1 132 ? 1.578   -10.078 2.853   1.00 7.02  ? 132 LYS A CA  1 
ATOM   1034 C C   . LYS A 1 132 ? 1.837   -8.609  2.944   1.00 8.36  ? 132 LYS A C   1 
ATOM   1035 O O   . LYS A 1 132 ? 0.973   -7.787  2.649   1.00 8.04  ? 132 LYS A O   1 
ATOM   1036 C CB  . LYS A 1 132 ? 1.907   -10.525 1.423   1.00 6.39  ? 132 LYS A CB  1 
ATOM   1037 C CG  . LYS A 1 132 ? 1.899   -12.090 1.287   1.00 8.05  ? 132 LYS A CG  1 
ATOM   1038 C CD  . LYS A 1 132 ? 2.660   -12.466 -0.010  1.00 19.16 ? 132 LYS A CD  1 
ATOM   1039 C CE  . LYS A 1 132 ? 1.760   -12.522 -1.183  1.00 20.17 ? 132 LYS A CE  1 
ATOM   1040 N NZ  . LYS A 1 132 ? 0.723   -13.606 -1.074  1.00 20.27 ? 132 LYS A NZ  1 
ATOM   1041 N N   . LEU A 1 133 ? 3.070   -8.298  3.313   1.00 9.33  ? 133 LEU A N   1 
ATOM   1042 C CA  . LEU A 1 133 ? 3.535   -6.932  3.305   1.00 7.99  ? 133 LEU A CA  1 
ATOM   1043 C C   . LEU A 1 133 ? 4.650   -6.812  2.310   1.00 8.44  ? 133 LEU A C   1 
ATOM   1044 O O   . LEU A 1 133 ? 5.649   -7.506  2.419   1.00 8.92  ? 133 LEU A O   1 
ATOM   1045 C CB  . LEU A 1 133 ? 4.161   -6.589  4.672   1.00 8.44  ? 133 LEU A CB  1 
ATOM   1046 C CG  . LEU A 1 133 ? 3.291   -6.350  5.901   1.00 12.79 ? 133 LEU A CG  1 
ATOM   1047 C CD1 . LEU A 1 133 ? 1.747   -6.452  5.790   1.00 9.73  ? 133 LEU A CD1 1 
ATOM   1048 C CD2 . LEU A 1 133 ? 3.921   -6.697  7.222   1.00 7.42  ? 133 LEU A CD2 1 
ATOM   1049 N N   . PHE A 1 134 ? 4.532   -5.846  1.419   1.00 6.27  ? 134 PHE A N   1 
ATOM   1050 C CA  . PHE A 1 134 ? 5.634   -5.557  0.511   1.00 6.13  ? 134 PHE A CA  1 
ATOM   1051 C C   . PHE A 1 134 ? 6.321   -4.311  0.975   1.00 7.50  ? 134 PHE A C   1 
ATOM   1052 O O   . PHE A 1 134 ? 5.783   -3.215  0.899   1.00 7.25  ? 134 PHE A O   1 
ATOM   1053 C CB  . PHE A 1 134 ? 5.142   -5.426  -0.952  1.00 6.62  ? 134 PHE A CB  1 
ATOM   1054 C CG  . PHE A 1 134 ? 4.646   -6.697  -1.503  1.00 9.39  ? 134 PHE A CG  1 
ATOM   1055 C CD1 . PHE A 1 134 ? 3.427   -7.247  -1.043  1.00 9.17  ? 134 PHE A CD1 1 
ATOM   1056 C CD2 . PHE A 1 134 ? 5.419   -7.374  -2.529  1.00 6.75  ? 134 PHE A CD2 1 
ATOM   1057 C CE1 . PHE A 1 134 ? 2.946   -8.477  -1.580  1.00 10.79 ? 134 PHE A CE1 1 
ATOM   1058 C CE2 . PHE A 1 134 ? 4.954   -8.623  -3.046  1.00 7.75  ? 134 PHE A CE2 1 
ATOM   1059 C CZ  . PHE A 1 134 ? 3.730   -9.157  -2.581  1.00 8.47  ? 134 PHE A CZ  1 
ATOM   1060 N N   . VAL A 1 135 ? 7.562   -4.467  1.419   1.00 7.81  ? 135 VAL A N   1 
ATOM   1061 C CA  . VAL A 1 135 ? 8.150   -3.379  2.170   1.00 8.89  ? 135 VAL A CA  1 
ATOM   1062 C C   . VAL A 1 135 ? 9.474   -2.989  1.492   1.00 8.49  ? 135 VAL A C   1 
ATOM   1063 O O   . VAL A 1 135 ? 10.362  -3.840  1.269   1.00 8.17  ? 135 VAL A O   1 
ATOM   1064 C CB  . VAL A 1 135 ? 8.504   -3.846  3.625   1.00 8.94  ? 135 VAL A CB  1 
ATOM   1065 C CG1 . VAL A 1 135 ? 9.319   -2.728  4.394   1.00 9.82  ? 135 VAL A CG1 1 
ATOM   1066 C CG2 . VAL A 1 135 ? 7.308   -4.249  4.443   1.00 8.25  ? 135 VAL A CG2 1 
ATOM   1067 N N   . THR A 1 136 ? 9.630   -1.716  1.146   1.00 9.03  ? 136 THR A N   1 
ATOM   1068 C CA  . THR A 1 136 ? 10.902  -1.284  0.621   1.00 9.54  ? 136 THR A CA  1 
ATOM   1069 C C   . THR A 1 136 ? 11.636  -0.635  1.800   1.00 8.09  ? 136 THR A C   1 
ATOM   1070 O O   . THR A 1 136 ? 11.143  0.337   2.387   1.00 8.17  ? 136 THR A O   1 
ATOM   1071 C CB  . THR A 1 136 ? 10.721  -0.240  -0.559  1.00 9.23  ? 136 THR A CB  1 
ATOM   1072 O OG1 . THR A 1 136 ? 9.981   -0.851  -1.641  1.00 10.23 ? 136 THR A OG1 1 
ATOM   1073 C CG2 . THR A 1 136 ? 12.079  0.279   -1.094  1.00 10.86 ? 136 THR A CG2 1 
ATOM   1074 N N   . ARG A 1 137 ? 12.838  -1.138  2.097   1.00 7.34  ? 137 ARG A N   1 
ATOM   1075 C CA  . ARG A 1 137 ? 13.675  -0.591  3.183   1.00 8.79  ? 137 ARG A CA  1 
ATOM   1076 C C   . ARG A 1 137 ? 14.567  0.446   2.577   1.00 9.30  ? 137 ARG A C   1 
ATOM   1077 O O   . ARG A 1 137 ? 15.421  0.112   1.747   1.00 9.15  ? 137 ARG A O   1 
ATOM   1078 C CB  . ARG A 1 137 ? 14.588  -1.692  3.754   1.00 9.58  ? 137 ARG A CB  1 
ATOM   1079 C CG  . ARG A 1 137 ? 13.751  -2.845  4.292   1.00 8.45  ? 137 ARG A CG  1 
ATOM   1080 C CD  . ARG A 1 137 ? 13.200  -2.480  5.698   1.00 10.21 ? 137 ARG A CD  1 
ATOM   1081 N NE  . ARG A 1 137 ? 12.478  -3.576  6.354   1.00 8.94  ? 137 ARG A NE  1 
ATOM   1082 C CZ  . ARG A 1 137 ? 11.863  -3.481  7.528   1.00 9.28  ? 137 ARG A CZ  1 
ATOM   1083 N NH1 . ARG A 1 137 ? 11.764  -2.340  8.169   1.00 7.89  ? 137 ARG A NH1 1 
ATOM   1084 N NH2 . ARG A 1 137 ? 11.259  -4.527  8.026   1.00 10.40 ? 137 ARG A NH2 1 
ATOM   1085 N N   . ILE A 1 138 ? 14.301  1.709   2.904   1.00 10.15 ? 138 ILE A N   1 
ATOM   1086 C CA  . ILE A 1 138 ? 15.143  2.785   2.461   1.00 10.59 ? 138 ILE A CA  1 
ATOM   1087 C C   . ILE A 1 138 ? 16.151  2.872   3.569   1.00 10.67 ? 138 ILE A C   1 
ATOM   1088 O O   . ILE A 1 138 ? 15.802  3.150   4.757   1.00 8.83  ? 138 ILE A O   1 
ATOM   1089 C CB  . ILE A 1 138 ? 14.387  4.143   2.391   1.00 10.65 ? 138 ILE A CB  1 
ATOM   1090 C CG1 . ILE A 1 138 ? 13.128  4.032   1.500   1.00 15.14 ? 138 ILE A CG1 1 
ATOM   1091 C CG2 . ILE A 1 138 ? 15.361  5.255   1.902   1.00 13.46 ? 138 ILE A CG2 1 
ATOM   1092 C CD1 . ILE A 1 138 ? 13.389  3.951   0.047   1.00 16.89 ? 138 ILE A CD1 1 
ATOM   1093 N N   . MET A 1 139 ? 17.396  2.590   3.204   1.00 12.36 ? 139 MET A N   1 
ATOM   1094 C CA  . MET A 1 139 ? 18.392  2.257   4.204   1.00 13.64 ? 139 MET A CA  1 
ATOM   1095 C C   . MET A 1 139 ? 19.207  3.492   4.707   1.00 16.03 ? 139 MET A C   1 
ATOM   1096 O O   . MET A 1 139 ? 20.460  3.434   4.871   1.00 16.19 ? 139 MET A O   1 
ATOM   1097 C CB  . MET A 1 139 ? 19.302  1.134   3.640   1.00 15.82 ? 139 MET A CB  1 
ATOM   1098 C CG  . MET A 1 139 ? 18.560  -0.220  3.588   1.00 15.83 ? 139 MET A CG  1 
ATOM   1099 S SD  . MET A 1 139 ? 19.760  -1.486  3.134   1.00 19.32 ? 139 MET A SD  1 
ATOM   1100 C CE  . MET A 1 139 ? 19.856  -1.094  1.427   1.00 12.61 ? 139 MET A CE  1 
ATOM   1101 N N   . GLN A 1 140 ? 18.488  4.577   4.989   1.00 14.45 ? 140 GLN A N   1 
ATOM   1102 C CA  . GLN A 1 140 ? 19.061  5.790   5.606   1.00 15.07 ? 140 GLN A CA  1 
ATOM   1103 C C   . GLN A 1 140 ? 17.987  6.309   6.546   1.00 15.52 ? 140 GLN A C   1 
ATOM   1104 O O   . GLN A 1 140 ? 16.805  5.971   6.393   1.00 15.03 ? 140 GLN A O   1 
ATOM   1105 C CB  . GLN A 1 140 ? 19.339  6.889   4.593   1.00 14.25 ? 140 GLN A CB  1 
ATOM   1106 C CG  . GLN A 1 140 ? 20.332  6.573   3.518   1.00 17.24 ? 140 GLN A CG  1 
ATOM   1107 C CD  . GLN A 1 140 ? 20.682  7.793   2.730   1.00 22.20 ? 140 GLN A CD  1 
ATOM   1108 O OE1 . GLN A 1 140 ? 20.307  8.930   3.105   1.00 22.24 ? 140 GLN A OE1 1 
ATOM   1109 N NE2 . GLN A 1 140 ? 21.412  7.592   1.630   1.00 21.75 ? 140 GLN A NE2 1 
ATOM   1110 N N   . ASP A 1 141 ? 18.400  7.169   7.483   1.00 15.39 ? 141 ASP A N   1 
ATOM   1111 C CA  . ASP A 1 141 ? 17.424  7.868   8.342   1.00 16.21 ? 141 ASP A CA  1 
ATOM   1112 C C   . ASP A 1 141 ? 16.936  9.101   7.596   1.00 15.36 ? 141 ASP A C   1 
ATOM   1113 O O   . ASP A 1 141 ? 17.711  9.800   6.920   1.00 14.19 ? 141 ASP A O   1 
ATOM   1114 C CB  . ASP A 1 141 ? 18.037  8.310   9.682   1.00 16.96 ? 141 ASP A CB  1 
ATOM   1115 C CG  . ASP A 1 141 ? 18.176  7.162   10.715  1.00 22.94 ? 141 ASP A CG  1 
ATOM   1116 O OD1 . ASP A 1 141 ? 17.512  6.115   10.614  1.00 21.51 ? 141 ASP A OD1 1 
ATOM   1117 O OD2 . ASP A 1 141 ? 18.935  7.351   11.701  1.00 26.97 ? 141 ASP A OD2 1 
ATOM   1118 N N   . PHE A 1 142 ? 15.637  9.360   7.686   1.00 14.49 ? 142 PHE A N   1 
ATOM   1119 C CA  . PHE A 1 142 ? 15.079  10.586  7.107   1.00 14.44 ? 142 PHE A CA  1 
ATOM   1120 C C   . PHE A 1 142 ? 14.074  11.209  8.085   1.00 15.28 ? 142 PHE A C   1 
ATOM   1121 O O   . PHE A 1 142 ? 13.246  10.521  8.667   1.00 12.95 ? 142 PHE A O   1 
ATOM   1122 C CB  . PHE A 1 142 ? 14.337  10.321  5.788   1.00 13.47 ? 142 PHE A CB  1 
ATOM   1123 C CG  . PHE A 1 142 ? 15.238  10.097  4.597   1.00 13.74 ? 142 PHE A CG  1 
ATOM   1124 C CD1 . PHE A 1 142 ? 15.797  11.173  3.921   1.00 15.18 ? 142 PHE A CD1 1 
ATOM   1125 C CD2 . PHE A 1 142 ? 15.572  8.791   4.190   1.00 14.20 ? 142 PHE A CD2 1 
ATOM   1126 C CE1 . PHE A 1 142 ? 16.616  10.972  2.813   1.00 14.19 ? 142 PHE A CE1 1 
ATOM   1127 C CE2 . PHE A 1 142 ? 16.441  8.564   3.104   1.00 11.43 ? 142 PHE A CE2 1 
ATOM   1128 C CZ  . PHE A 1 142 ? 16.968  9.658   2.409   1.00 10.09 ? 142 PHE A CZ  1 
ATOM   1129 N N   . GLU A 1 143 ? 14.118  12.546  8.190   1.00 13.37 ? 143 GLU A N   1 
ATOM   1130 C CA  . GLU A 1 143 ? 13.210  13.219  9.086   1.00 13.10 ? 143 GLU A CA  1 
ATOM   1131 C C   . GLU A 1 143 ? 11.778  12.925  8.614   1.00 11.14 ? 143 GLU A C   1 
ATOM   1132 O O   . GLU A 1 143 ? 11.488  13.107  7.419   1.00 11.82 ? 143 GLU A O   1 
ATOM   1133 C CB  . GLU A 1 143 ? 13.450  14.721  9.034   1.00 13.43 ? 143 GLU A CB  1 
ATOM   1134 C CG  . GLU A 1 143 ? 12.536  15.490  9.988   1.00 15.58 ? 143 GLU A CG  1 
ATOM   1135 C CD  . GLU A 1 143 ? 12.613  17.022  9.761   1.00 17.69 ? 143 GLU A CD  1 
ATOM   1136 O OE1 . GLU A 1 143 ? 12.374  17.687  10.749  1.00 23.20 ? 143 GLU A OE1 1 
ATOM   1137 O OE2 . GLU A 1 143 ? 12.915  17.520  8.647   1.00 21.88 ? 143 GLU A OE2 1 
ATOM   1138 N N   . SER A 1 144 ? 10.927  12.555  9.566   1.00 10.41 ? 144 SER A N   1 
ATOM   1139 C CA  . SER A 1 144 ? 9.585   12.054  9.248   1.00 10.95 ? 144 SER A CA  1 
ATOM   1140 C C   . SER A 1 144 ? 8.601   12.542  10.282  1.00 10.64 ? 144 SER A C   1 
ATOM   1141 O O   . SER A 1 144 ? 8.994   12.831  11.396  1.00 11.85 ? 144 SER A O   1 
ATOM   1142 C CB  . SER A 1 144 ? 9.592   10.513  9.215   1.00 8.91  ? 144 SER A CB  1 
ATOM   1143 O OG  . SER A 1 144 ? 10.359  10.093  8.108   1.00 9.39  ? 144 SER A OG  1 
ATOM   1144 N N   . ASP A 1 145 ? 7.311   12.621  9.930   1.00 9.53  ? 145 ASP A N   1 
ATOM   1145 C CA  . ASP A 1 145 ? 6.303   12.830  10.969  1.00 10.19 ? 145 ASP A CA  1 
ATOM   1146 C C   . ASP A 1 145 ? 5.176   11.779  10.953  1.00 10.76 ? 145 ASP A C   1 
ATOM   1147 O O   . ASP A 1 145 ? 4.224   11.878  11.734  1.00 12.60 ? 145 ASP A O   1 
ATOM   1148 C CB  . ASP A 1 145 ? 5.729   14.280  10.877  1.00 11.62 ? 145 ASP A CB  1 
ATOM   1149 C CG  . ASP A 1 145 ? 4.822   14.483  9.644   1.00 11.68 ? 145 ASP A CG  1 
ATOM   1150 O OD1 . ASP A 1 145 ? 4.687   13.509  8.861   1.00 8.62  ? 145 ASP A OD1 1 
ATOM   1151 O OD2 . ASP A 1 145 ? 4.298   15.604  9.415   1.00 11.10 ? 145 ASP A OD2 1 
ATOM   1152 N N   . THR A 1 146 ? 5.296   10.743  10.103  1.00 10.64 ? 146 THR A N   1 
ATOM   1153 C CA  . THR A 1 146 ? 4.356   9.643   10.141  1.00 10.45 ? 146 THR A CA  1 
ATOM   1154 C C   . THR A 1 146 ? 5.211   8.378   9.978   1.00 9.17  ? 146 THR A C   1 
ATOM   1155 O O   . THR A 1 146 ? 6.232   8.411   9.270   1.00 7.74  ? 146 THR A O   1 
ATOM   1156 C CB  . THR A 1 146 ? 3.211   9.818   9.079   1.00 11.77 ? 146 THR A CB  1 
ATOM   1157 O OG1 . THR A 1 146 ? 2.307   8.712   9.211   1.00 20.14 ? 146 THR A OG1 1 
ATOM   1158 C CG2 . THR A 1 146 ? 3.690   9.855   7.645   1.00 12.30 ? 146 THR A CG2 1 
ATOM   1159 N N   . PHE A 1 147 ? 4.843   7.320   10.682  1.00 7.96  ? 147 PHE A N   1 
ATOM   1160 C CA  . PHE A 1 147 ? 5.703   6.166   10.805  1.00 7.22  ? 147 PHE A CA  1 
ATOM   1161 C C   . PHE A 1 147 ? 4.960   4.854   10.465  1.00 9.38  ? 147 PHE A C   1 
ATOM   1162 O O   . PHE A 1 147 ? 3.754   4.729   10.696  1.00 10.34 ? 147 PHE A O   1 
ATOM   1163 C CB  . PHE A 1 147 ? 6.309   6.126   12.213  1.00 9.84  ? 147 PHE A CB  1 
ATOM   1164 C CG  . PHE A 1 147 ? 7.178   7.305   12.520  1.00 6.43  ? 147 PHE A CG  1 
ATOM   1165 C CD1 . PHE A 1 147 ? 6.618   8.546   12.880  1.00 14.70 ? 147 PHE A CD1 1 
ATOM   1166 C CD2 . PHE A 1 147 ? 8.551   7.214   12.345  1.00 13.92 ? 147 PHE A CD2 1 
ATOM   1167 C CE1 . PHE A 1 147 ? 7.479   9.687   13.100  1.00 12.24 ? 147 PHE A CE1 1 
ATOM   1168 C CE2 . PHE A 1 147 ? 9.397   8.325   12.584  1.00 12.41 ? 147 PHE A CE2 1 
ATOM   1169 C CZ  . PHE A 1 147 ? 8.845   9.538   12.960  1.00 13.42 ? 147 PHE A CZ  1 
ATOM   1170 N N   . PHE A 1 148 ? 5.705   3.863   9.972   1.00 8.44  ? 148 PHE A N   1 
ATOM   1171 C CA  . PHE A 1 148 ? 5.158   2.541   9.796   1.00 8.58  ? 148 PHE A CA  1 
ATOM   1172 C C   . PHE A 1 148 ? 5.018   1.816   11.138  1.00 9.73  ? 148 PHE A C   1 
ATOM   1173 O O   . PHE A 1 148 ? 5.870   1.955   12.047  1.00 7.62  ? 148 PHE A O   1 
ATOM   1174 C CB  . PHE A 1 148 ? 6.008   1.745   8.802   1.00 8.77  ? 148 PHE A CB  1 
ATOM   1175 C CG  . PHE A 1 148 ? 5.308   0.535   8.200   1.00 6.01  ? 148 PHE A CG  1 
ATOM   1176 C CD1 . PHE A 1 148 ? 4.201   0.702   7.370   1.00 8.57  ? 148 PHE A CD1 1 
ATOM   1177 C CD2 . PHE A 1 148 ? 5.800   -0.752  8.433   1.00 8.48  ? 148 PHE A CD2 1 
ATOM   1178 C CE1 . PHE A 1 148 ? 3.556   -0.378  6.778   1.00 10.46 ? 148 PHE A CE1 1 
ATOM   1179 C CE2 . PHE A 1 148 ? 5.151   -1.865  7.854   1.00 9.80  ? 148 PHE A CE2 1 
ATOM   1180 C CZ  . PHE A 1 148 ? 4.040   -1.678  7.030   1.00 13.18 ? 148 PHE A CZ  1 
ATOM   1181 N N   . PRO A 1 149 ? 3.927   1.085   11.306  1.00 8.80  ? 149 PRO A N   1 
ATOM   1182 C CA  . PRO A 1 149 ? 3.821   0.395   12.563  1.00 11.04 ? 149 PRO A CA  1 
ATOM   1183 C C   . PRO A 1 149 ? 4.824   -0.769  12.669  1.00 11.26 ? 149 PRO A C   1 
ATOM   1184 O O   . PRO A 1 149 ? 5.326   -1.290  11.662  1.00 7.98  ? 149 PRO A O   1 
ATOM   1185 C CB  . PRO A 1 149 ? 2.423   -0.233  12.517  1.00 11.91 ? 149 PRO A CB  1 
ATOM   1186 C CG  . PRO A 1 149 ? 1.704   0.384   11.417  1.00 11.55 ? 149 PRO A CG  1 
ATOM   1187 C CD  . PRO A 1 149 ? 2.719   0.949   10.468  1.00 9.27  ? 149 PRO A CD  1 
ATOM   1188 N N   . GLU A 1 150 ? 5.008   -1.226  13.901  1.00 10.81 ? 150 GLU A N   1 
ATOM   1189 C CA  . GLU A 1 150 ? 5.865   -2.384  14.159  1.00 12.02 ? 150 GLU A CA  1 
ATOM   1190 C C   . GLU A 1 150 ? 5.467   -3.622  13.358  1.00 10.04 ? 150 GLU A C   1 
ATOM   1191 O O   . GLU A 1 150 ? 4.299   -3.987  13.296  1.00 12.19 ? 150 GLU A O   1 
ATOM   1192 C CB  . GLU A 1 150 ? 5.882   -2.696  15.673  1.00 11.67 ? 150 GLU A CB  1 
ATOM   1193 C CG  . GLU A 1 150 ? 6.894   -3.798  15.971  1.00 17.16 ? 150 GLU A CG  1 
ATOM   1194 C CD  . GLU A 1 150 ? 6.847   -4.229  17.404  1.00 21.04 ? 150 GLU A CD  1 
ATOM   1195 O OE1 . GLU A 1 150 ? 7.699   -5.052  17.780  1.00 16.96 ? 150 GLU A OE1 1 
ATOM   1196 O OE2 . GLU A 1 150 ? 5.978   -3.727  18.142  1.00 21.64 ? 150 GLU A OE2 1 
ATOM   1197 N N   . ILE A 1 151 ? 6.434   -4.254  12.707  1.00 9.04  ? 151 ILE A N   1 
ATOM   1198 C CA  . ILE A 1 151 ? 6.206   -5.551  12.087  1.00 8.99  ? 151 ILE A CA  1 
ATOM   1199 C C   . ILE A 1 151 ? 6.555   -6.648  13.111  1.00 8.90  ? 151 ILE A C   1 
ATOM   1200 O O   . ILE A 1 151 ? 7.719   -6.823  13.420  1.00 9.84  ? 151 ILE A O   1 
ATOM   1201 C CB  . ILE A 1 151 ? 7.102   -5.731  10.805  1.00 8.69  ? 151 ILE A CB  1 
ATOM   1202 C CG1 . ILE A 1 151 ? 6.768   -4.593  9.816   1.00 10.88 ? 151 ILE A CG1 1 
ATOM   1203 C CG2 . ILE A 1 151 ? 6.883   -7.181  10.191  1.00 10.74 ? 151 ILE A CG2 1 
ATOM   1204 C CD1 . ILE A 1 151 ? 7.732   -4.434  8.677   1.00 13.31 ? 151 ILE A CD1 1 
ATOM   1205 N N   . ASP A 1 152 ? 5.556   -7.411  13.531  1.00 9.24  ? 152 ASP A N   1 
ATOM   1206 C CA  . ASP A 1 152 ? 5.761   -8.556  14.426  1.00 9.45  ? 152 ASP A CA  1 
ATOM   1207 C C   . ASP A 1 152 ? 6.282   -9.757  13.687  1.00 8.76  ? 152 ASP A C   1 
ATOM   1208 O O   . ASP A 1 152 ? 5.533   -10.480 12.991  1.00 9.03  ? 152 ASP A O   1 
ATOM   1209 C CB  . ASP A 1 152 ? 4.455   -8.879  15.135  1.00 9.98  ? 152 ASP A CB  1 
ATOM   1210 C CG  . ASP A 1 152 ? 4.582   -10.058 16.093  1.00 14.70 ? 152 ASP A CG  1 
ATOM   1211 O OD1 . ASP A 1 152 ? 3.537   -10.478 16.600  1.00 15.58 ? 152 ASP A OD1 1 
ATOM   1212 O OD2 . ASP A 1 152 ? 5.707   -10.535 16.346  1.00 10.57 ? 152 ASP A OD2 1 
ATOM   1213 N N   . LEU A 1 153 ? 7.583   -10.015 13.854  1.00 8.66  ? 153 LEU A N   1 
ATOM   1214 C CA  . LEU A 1 153 ? 8.223   -11.035 13.080  1.00 9.77  ? 153 LEU A CA  1 
ATOM   1215 C C   . LEU A 1 153 ? 7.905   -12.400 13.651  1.00 8.71  ? 153 LEU A C   1 
ATOM   1216 O O   . LEU A 1 153 ? 8.253   -13.373 13.011  1.00 10.76 ? 153 LEU A O   1 
ATOM   1217 C CB  . LEU A 1 153 ? 9.758   -10.815 13.040  1.00 8.66  ? 153 LEU A CB  1 
ATOM   1218 C CG  . LEU A 1 153 ? 10.101  -9.431  12.460  1.00 7.63  ? 153 LEU A CG  1 
ATOM   1219 C CD1 . LEU A 1 153 ? 11.579  -9.269  12.704  1.00 7.78  ? 153 LEU A CD1 1 
ATOM   1220 C CD2 . LEU A 1 153 ? 9.771   -9.286  10.945  1.00 3.02  ? 153 LEU A CD2 1 
ATOM   1221 N N   . GLU A 1 154 ? 7.263   -12.485 14.812  1.00 10.55 ? 154 GLU A N   1 
ATOM   1222 C CA  . GLU A 1 154 ? 6.800   -13.799 15.320  1.00 10.30 ? 154 GLU A CA  1 
ATOM   1223 C C   . GLU A 1 154 ? 5.758   -14.318 14.305  1.00 12.88 ? 154 GLU A C   1 
ATOM   1224 O O   . GLU A 1 154 ? 5.648   -15.522 14.022  1.00 12.40 ? 154 GLU A O   1 
ATOM   1225 C CB  . GLU A 1 154 ? 6.163   -13.721 16.706  1.00 10.07 ? 154 GLU A CB  1 
ATOM   1226 C CG  . GLU A 1 154 ? 7.048   -13.127 17.857  1.00 12.63 ? 154 GLU A CG  1 
ATOM   1227 C CD  . GLU A 1 154 ? 7.970   -14.158 18.623  1.00 18.87 ? 154 GLU A CD  1 
ATOM   1228 O OE1 . GLU A 1 154 ? 8.270   -13.804 19.809  1.00 14.86 ? 154 GLU A OE1 1 
ATOM   1229 O OE2 . GLU A 1 154 ? 8.315   -15.298 18.080  1.00 13.25 ? 154 GLU A OE2 1 
ATOM   1230 N N   . LYS A 1 155 ? 4.981   -13.393 13.735  1.00 10.99 ? 155 LYS A N   1 
ATOM   1231 C CA  . LYS A 1 155 ? 4.002   -13.874 12.784  1.00 11.75 ? 155 LYS A CA  1 
ATOM   1232 C C   . LYS A 1 155 ? 4.324   -13.534 11.326  1.00 10.71 ? 155 LYS A C   1 
ATOM   1233 O O   . LYS A 1 155 ? 3.880   -14.232 10.458  1.00 9.74  ? 155 LYS A O   1 
ATOM   1234 C CB  . LYS A 1 155 ? 2.632   -13.343 13.169  1.00 12.60 ? 155 LYS A CB  1 
ATOM   1235 C CG  . LYS A 1 155 ? 2.466   -11.865 12.981  1.00 12.72 ? 155 LYS A CG  1 
ATOM   1236 C CD  . LYS A 1 155 ? 1.164   -11.366 13.815  1.00 14.57 ? 155 LYS A CD  1 
ATOM   1237 C CE  . LYS A 1 155 ? 0.659   -10.005 13.262  1.00 21.50 ? 155 LYS A CE  1 
ATOM   1238 N NZ  . LYS A 1 155 ? -0.488  -9.476  14.055  1.00 17.34 ? 155 LYS A NZ  1 
ATOM   1239 N N   . TYR A 1 156 ? 5.036   -12.449 11.044  1.00 10.41 ? 156 TYR A N   1 
ATOM   1240 C CA  . TYR A 1 156 ? 5.363   -12.120 9.625   1.00 8.45  ? 156 TYR A CA  1 
ATOM   1241 C C   . TYR A 1 156 ? 6.697   -12.699 9.253   1.00 9.65  ? 156 TYR A C   1 
ATOM   1242 O O   . TYR A 1 156 ? 7.758   -12.236 9.749   1.00 11.44 ? 156 TYR A O   1 
ATOM   1243 C CB  . TYR A 1 156 ? 5.462   -10.606 9.491   1.00 9.66  ? 156 TYR A CB  1 
ATOM   1244 C CG  . TYR A 1 156 ? 4.105   -9.986  9.379   1.00 7.74  ? 156 TYR A CG  1 
ATOM   1245 C CD1 . TYR A 1 156 ? 3.587   -9.270  10.454  1.00 11.79 ? 156 TYR A CD1 1 
ATOM   1246 C CD2 . TYR A 1 156 ? 3.316   -10.177 8.230   1.00 10.36 ? 156 TYR A CD2 1 
ATOM   1247 C CE1 . TYR A 1 156 ? 2.334   -8.711  10.407  1.00 10.87 ? 156 TYR A CE1 1 
ATOM   1248 C CE2 . TYR A 1 156 ? 2.054   -9.594  8.149   1.00 12.82 ? 156 TYR A CE2 1 
ATOM   1249 C CZ  . TYR A 1 156 ? 1.573   -8.885  9.287   1.00 10.22 ? 156 TYR A CZ  1 
ATOM   1250 O OH  . TYR A 1 156 ? 0.343   -8.322  9.260   1.00 15.65 ? 156 TYR A OH  1 
ATOM   1251 N N   . LYS A 1 157 ? 6.683   -13.661 8.345   1.00 9.38  ? 157 LYS A N   1 
ATOM   1252 C CA  . LYS A 1 157 ? 7.928   -14.268 7.896   1.00 9.41  ? 157 LYS A CA  1 
ATOM   1253 C C   . LYS A 1 157 ? 8.464   -13.499 6.643   1.00 7.45  ? 157 LYS A C   1 
ATOM   1254 O O   . LYS A 1 157 ? 7.772   -13.351 5.633   1.00 7.26  ? 157 LYS A O   1 
ATOM   1255 C CB  . LYS A 1 157 ? 7.623   -15.714 7.540   1.00 12.04 ? 157 LYS A CB  1 
ATOM   1256 C CG  . LYS A 1 157 ? 8.795   -16.474 6.879   1.00 17.73 ? 157 LYS A CG  1 
ATOM   1257 C CD  . LYS A 1 157 ? 8.476   -17.977 6.751   1.00 25.31 ? 157 LYS A CD  1 
ATOM   1258 C CE  . LYS A 1 157 ? 8.237   -18.383 5.272   1.00 23.81 ? 157 LYS A CE  1 
ATOM   1259 N NZ  . LYS A 1 157 ? 9.501   -19.232 4.915   1.00 26.02 ? 157 LYS A NZ  1 
ATOM   1260 N N   . LEU A 1 158 ? 9.705   -13.066 6.704   1.00 7.36  ? 158 LEU A N   1 
ATOM   1261 C CA  . LEU A 1 158 ? 10.412  -12.509 5.548   1.00 6.62  ? 158 LEU A CA  1 
ATOM   1262 C C   . LEU A 1 158 ? 10.663  -13.645 4.543   1.00 8.70  ? 158 LEU A C   1 
ATOM   1263 O O   . LEU A 1 158 ? 11.273  -14.678 4.879   1.00 7.43  ? 158 LEU A O   1 
ATOM   1264 C CB  . LEU A 1 158 ? 11.749  -11.933 6.022   1.00 6.43  ? 158 LEU A CB  1 
ATOM   1265 C CG  . LEU A 1 158 ? 12.591  -11.318 4.931   1.00 6.39  ? 158 LEU A CG  1 
ATOM   1266 C CD1 . LEU A 1 158 ? 11.863  -10.201 3.935   1.00 7.39  ? 158 LEU A CD1 1 
ATOM   1267 C CD2 . LEU A 1 158 ? 13.931  -10.809 5.631   1.00 6.98  ? 158 LEU A CD2 1 
ATOM   1268 N N   . LEU A 1 159 ? 10.165  -13.492 3.342   1.00 8.39  ? 159 LEU A N   1 
ATOM   1269 C CA  . LEU A 1 159 ? 10.326  -14.513 2.324   1.00 8.89  ? 159 LEU A CA  1 
ATOM   1270 C C   . LEU A 1 159 ? 11.729  -14.435 1.704   1.00 10.86 ? 159 LEU A C   1 
ATOM   1271 O O   . LEU A 1 159 ? 12.220  -13.332 1.435   1.00 10.70 ? 159 LEU A O   1 
ATOM   1272 C CB  . LEU A 1 159 ? 9.245   -14.339 1.243   1.00 8.87  ? 159 LEU A CB  1 
ATOM   1273 C CG  . LEU A 1 159 ? 7.808   -14.338 1.770   1.00 9.78  ? 159 LEU A CG  1 
ATOM   1274 C CD1 . LEU A 1 159 ? 6.877   -14.223 0.527   1.00 10.44 ? 159 LEU A CD1 1 
ATOM   1275 C CD2 . LEU A 1 159 ? 7.543   -15.630 2.585   1.00 8.68  ? 159 LEU A CD2 1 
ATOM   1276 N N   . PRO A 1 160 ? 12.329  -15.599 1.402   1.00 11.82 ? 160 PRO A N   1 
ATOM   1277 C CA  . PRO A 1 160 ? 13.721  -15.666 0.906   1.00 13.23 ? 160 PRO A CA  1 
ATOM   1278 C C   . PRO A 1 160 ? 13.882  -15.132 -0.552  1.00 13.72 ? 160 PRO A C   1 
ATOM   1279 O O   . PRO A 1 160 ? 14.975  -14.779 -0.954  1.00 14.63 ? 160 PRO A O   1 
ATOM   1280 C CB  . PRO A 1 160 ? 14.101  -17.154 1.016   1.00 14.52 ? 160 PRO A CB  1 
ATOM   1281 C CG  . PRO A 1 160 ? 12.741  -17.956 1.029   1.00 14.76 ? 160 PRO A CG  1 
ATOM   1282 C CD  . PRO A 1 160 ? 11.675  -16.929 1.544   1.00 13.44 ? 160 PRO A CD  1 
ATOM   1283 N N   . GLU A 1 161 ? 12.785  -15.054 -1.295  1.00 13.20 ? 161 GLU A N   1 
ATOM   1284 C CA  . GLU A 1 161 ? 12.692  -14.295 -2.517  1.00 13.49 ? 161 GLU A CA  1 
ATOM   1285 C C   . GLU A 1 161 ? 11.199  -14.292 -2.986  1.00 12.71 ? 161 GLU A C   1 
ATOM   1286 O O   . GLU A 1 161 ? 10.352  -14.944 -2.416  1.00 12.70 ? 161 GLU A O   1 
ATOM   1287 C CB  . GLU A 1 161 ? 13.598  -14.875 -3.617  1.00 15.87 ? 161 GLU A CB  1 
ATOM   1288 C CG  . GLU A 1 161 ? 13.251  -16.380 -3.899  1.00 15.44 ? 161 GLU A CG  1 
ATOM   1289 C CD  . GLU A 1 161 ? 14.093  -16.966 -5.022  1.00 22.70 ? 161 GLU A CD  1 
ATOM   1290 O OE1 . GLU A 1 161 ? 14.729  -16.191 -5.791  1.00 24.46 ? 161 GLU A OE1 1 
ATOM   1291 O OE2 . GLU A 1 161 ? 14.116  -18.207 -5.121  1.00 18.33 ? 161 GLU A OE2 1 
ATOM   1292 N N   . TYR A 1 162 ? 10.912  -13.566 -4.048  1.00 11.77 ? 162 TYR A N   1 
ATOM   1293 C CA  . TYR A 1 162 ? 9.539   -13.495 -4.502  1.00 12.33 ? 162 TYR A CA  1 
ATOM   1294 C C   . TYR A 1 162 ? 9.576   -13.183 -5.998  1.00 12.33 ? 162 TYR A C   1 
ATOM   1295 O O   . TYR A 1 162 ? 10.307  -12.293 -6.396  1.00 13.24 ? 162 TYR A O   1 
ATOM   1296 C CB  . TYR A 1 162 ? 8.725   -12.418 -3.724  1.00 9.79  ? 162 TYR A CB  1 
ATOM   1297 C CG  . TYR A 1 162 ? 7.245   -12.624 -3.873  1.00 9.71  ? 162 TYR A CG  1 
ATOM   1298 C CD1 . TYR A 1 162 ? 6.574   -13.665 -3.188  1.00 8.13  ? 162 TYR A CD1 1 
ATOM   1299 C CD2 . TYR A 1 162 ? 6.529   -11.866 -4.773  1.00 10.96 ? 162 TYR A CD2 1 
ATOM   1300 C CE1 . TYR A 1 162 ? 5.203   -13.887 -3.395  1.00 8.31  ? 162 TYR A CE1 1 
ATOM   1301 C CE2 . TYR A 1 162 ? 5.178   -12.080 -4.984  1.00 13.61 ? 162 TYR A CE2 1 
ATOM   1302 C CZ  . TYR A 1 162 ? 4.527   -13.077 -4.283  1.00 11.96 ? 162 TYR A CZ  1 
ATOM   1303 O OH  . TYR A 1 162 ? 3.203   -13.258 -4.555  1.00 17.47 ? 162 TYR A OH  1 
ATOM   1304 N N   . PRO A 1 163 ? 8.786   -13.929 -6.821  1.00 13.20 ? 163 PRO A N   1 
ATOM   1305 C CA  . PRO A 1 163 ? 8.711   -13.589 -8.278  1.00 13.17 ? 163 PRO A CA  1 
ATOM   1306 C C   . PRO A 1 163 ? 8.392   -12.130 -8.592  1.00 13.00 ? 163 PRO A C   1 
ATOM   1307 O O   . PRO A 1 163 ? 7.438   -11.559 -8.094  1.00 13.33 ? 163 PRO A O   1 
ATOM   1308 C CB  . PRO A 1 163 ? 7.513   -14.429 -8.767  1.00 13.15 ? 163 PRO A CB  1 
ATOM   1309 C CG  . PRO A 1 163 ? 7.489   -15.576 -7.878  1.00 10.32 ? 163 PRO A CG  1 
ATOM   1310 C CD  . PRO A 1 163 ? 7.744   -14.933 -6.490  1.00 11.00 ? 163 PRO A CD  1 
ATOM   1311 N N   . GLY A 1 164 ? 9.216   -11.520 -9.416  1.00 13.54 ? 164 GLY A N   1 
ATOM   1312 C CA  . GLY A 1 164 ? 8.916   -10.144 -9.859  1.00 14.69 ? 164 GLY A CA  1 
ATOM   1313 C C   . GLY A 1 164 ? 9.501   -9.129  -8.888  1.00 14.98 ? 164 GLY A C   1 
ATOM   1314 O O   . GLY A 1 164 ? 9.391   -7.908  -9.082  1.00 16.95 ? 164 GLY A O   1 
ATOM   1315 N N   . VAL A 1 165 ? 10.095  -9.618  -7.817  1.00 13.39 ? 165 VAL A N   1 
ATOM   1316 C CA  . VAL A 1 165 ? 10.718  -8.686  -6.880  1.00 11.51 ? 165 VAL A CA  1 
ATOM   1317 C C   . VAL A 1 165 ? 12.205  -8.867  -6.922  1.00 11.55 ? 165 VAL A C   1 
ATOM   1318 O O   . VAL A 1 165 ? 12.729  -9.943  -6.625  1.00 11.90 ? 165 VAL A O   1 
ATOM   1319 C CB  . VAL A 1 165 ? 10.131  -8.845  -5.429  1.00 11.64 ? 165 VAL A CB  1 
ATOM   1320 C CG1 . VAL A 1 165 ? 10.829  -7.941  -4.509  1.00 11.39 ? 165 VAL A CG1 1 
ATOM   1321 C CG2 . VAL A 1 165 ? 8.615   -8.486  -5.447  1.00 11.60 ? 165 VAL A CG2 1 
ATOM   1322 N N   . LEU A 1 166 ? 12.925  -7.807  -7.262  1.00 10.83 ? 166 LEU A N   1 
ATOM   1323 C CA  . LEU A 1 166 ? 14.425  -7.910  -7.200  1.00 10.59 ? 166 LEU A CA  1 
ATOM   1324 C C   . LEU A 1 166 ? 14.934  -8.135  -5.787  1.00 9.82  ? 166 LEU A C   1 
ATOM   1325 O O   . LEU A 1 166 ? 14.488  -7.462  -4.891  1.00 9.40  ? 166 LEU A O   1 
ATOM   1326 C CB  . LEU A 1 166 ? 14.985  -6.583  -7.649  1.00 9.77  ? 166 LEU A CB  1 
ATOM   1327 C CG  . LEU A 1 166 ? 15.218  -6.324  -9.146  1.00 16.98 ? 166 LEU A CG  1 
ATOM   1328 C CD1 . LEU A 1 166 ? 14.479  -7.181  -10.108 1.00 21.95 ? 166 LEU A CD1 1 
ATOM   1329 C CD2 . LEU A 1 166 ? 15.114  -4.807  -9.536  1.00 14.86 ? 166 LEU A CD2 1 
ATOM   1330 N N   . SER A 1 167 ? 15.927  -9.018  -5.587  1.00 10.31 ? 167 SER A N   1 
ATOM   1331 C CA  . SER A 1 167 ? 16.424  -9.314  -4.235  1.00 10.83 ? 167 SER A CA  1 
ATOM   1332 C C   . SER A 1 167 ? 17.673  -8.529  -3.888  1.00 12.63 ? 167 SER A C   1 
ATOM   1333 O O   . SER A 1 167 ? 18.095  -8.529  -2.726  1.00 12.06 ? 167 SER A O   1 
ATOM   1334 C CB  . SER A 1 167 ? 16.755  -10.850 -4.038  1.00 10.23 ? 167 SER A CB  1 
ATOM   1335 O OG  . SER A 1 167 ? 15.611  -11.632 -4.364  1.00 8.21  ? 167 SER A OG  1 
ATOM   1336 N N   . ASP A 1 168 ? 18.321  -7.906  -4.867  1.00 12.37 ? 168 ASP A N   1 
ATOM   1337 C CA  . ASP A 1 168 ? 19.585  -7.279  -4.501  1.00 13.16 ? 168 ASP A CA  1 
ATOM   1338 C C   . ASP A 1 168 ? 19.404  -5.771  -4.145  1.00 12.56 ? 168 ASP A C   1 
ATOM   1339 O O   . ASP A 1 168 ? 18.305  -5.208  -4.274  1.00 11.07 ? 168 ASP A O   1 
ATOM   1340 C CB  . ASP A 1 168 ? 20.668  -7.538  -5.582  1.00 13.55 ? 168 ASP A CB  1 
ATOM   1341 C CG  . ASP A 1 168 ? 20.264  -7.005  -6.939  1.00 19.20 ? 168 ASP A CG  1 
ATOM   1342 O OD1 . ASP A 1 168 ? 21.198  -6.723  -7.702  1.00 26.73 ? 168 ASP A OD1 1 
ATOM   1343 O OD2 . ASP A 1 168 ? 19.032  -6.816  -7.234  1.00 19.56 ? 168 ASP A OD2 1 
ATOM   1344 N N   . VAL A 1 169 ? 20.468  -5.130  -3.711  1.00 12.89 ? 169 VAL A N   1 
ATOM   1345 C CA  . VAL A 1 169 ? 20.384  -3.707  -3.255  1.00 12.59 ? 169 VAL A CA  1 
ATOM   1346 C C   . VAL A 1 169 ? 20.232  -2.765  -4.455  1.00 12.85 ? 169 VAL A C   1 
ATOM   1347 O O   . VAL A 1 169 ? 20.963  -2.945  -5.478  1.00 11.76 ? 169 VAL A O   1 
ATOM   1348 C CB  . VAL A 1 169 ? 21.642  -3.288  -2.412  1.00 14.01 ? 169 VAL A CB  1 
ATOM   1349 C CG1 . VAL A 1 169 ? 21.654  -1.748  -2.150  1.00 16.28 ? 169 VAL A CG1 1 
ATOM   1350 C CG2 . VAL A 1 169 ? 21.692  -4.025  -1.061  1.00 14.90 ? 169 VAL A CG2 1 
ATOM   1351 N N   . GLN A 1 170 ? 19.310  -1.788  -4.345  1.00 10.25 ? 170 GLN A N   1 
ATOM   1352 C CA  . GLN A 1 170 ? 19.055  -0.798  -5.388  1.00 9.87  ? 170 GLN A CA  1 
ATOM   1353 C C   . GLN A 1 170 ? 19.660  0.464   -4.881  1.00 10.10 ? 170 GLN A C   1 
ATOM   1354 O O   . GLN A 1 170 ? 19.899  0.619   -3.673  1.00 10.85 ? 170 GLN A O   1 
ATOM   1355 C CB  . GLN A 1 170 ? 17.517  -0.558  -5.624  1.00 9.44  ? 170 GLN A CB  1 
ATOM   1356 C CG  . GLN A 1 170 ? 16.697  -1.901  -5.747  1.00 7.34  ? 170 GLN A CG  1 
ATOM   1357 C CD  . GLN A 1 170 ? 17.121  -2.681  -6.952  1.00 12.32 ? 170 GLN A CD  1 
ATOM   1358 O OE1 . GLN A 1 170 ? 17.022  -2.180  -8.047  1.00 14.22 ? 170 GLN A OE1 1 
ATOM   1359 N NE2 . GLN A 1 170 ? 17.640  -3.921  -6.756  1.00 11.35 ? 170 GLN A NE2 1 
ATOM   1360 N N   . GLU A 1 171 ? 19.870  1.407   -5.780  1.00 12.16 ? 171 GLU A N   1 
ATOM   1361 C CA  . GLU A 1 171 ? 20.338  2.727   -5.364  1.00 12.75 ? 171 GLU A CA  1 
ATOM   1362 C C   . GLU A 1 171 ? 19.909  3.761   -6.417  1.00 13.53 ? 171 GLU A C   1 
ATOM   1363 O O   . GLU A 1 171 ? 20.079  3.538   -7.608  1.00 13.38 ? 171 GLU A O   1 
ATOM   1364 C CB  . GLU A 1 171 ? 21.854  2.740   -5.195  1.00 13.92 ? 171 GLU A CB  1 
ATOM   1365 C CG  . GLU A 1 171 ? 22.365  4.138   -4.643  1.00 14.54 ? 171 GLU A CG  1 
ATOM   1366 C CD  . GLU A 1 171 ? 23.889  4.137   -4.496  1.00 22.16 ? 171 GLU A CD  1 
ATOM   1367 O OE1 . GLU A 1 171 ? 24.472  5.209   -4.318  1.00 24.89 ? 171 GLU A OE1 1 
ATOM   1368 O OE2 . GLU A 1 171 ? 24.480  3.053   -4.591  1.00 16.09 ? 171 GLU A OE2 1 
ATOM   1369 N N   . GLU A 1 172 ? 19.275  4.837   -5.948  1.00 13.65 ? 172 GLU A N   1 
ATOM   1370 C CA  . GLU A 1 172 ? 18.940  6.004   -6.759  1.00 15.29 ? 172 GLU A CA  1 
ATOM   1371 C C   . GLU A 1 172 ? 19.236  7.263   -5.953  1.00 16.06 ? 172 GLU A C   1 
ATOM   1372 O O   . GLU A 1 172 ? 19.020  7.318   -4.745  1.00 16.78 ? 172 GLU A O   1 
ATOM   1373 C CB  . GLU A 1 172 ? 17.470  6.017   -7.144  1.00 14.67 ? 172 GLU A CB  1 
ATOM   1374 C CG  . GLU A 1 172 ? 17.026  4.847   -8.025  1.00 14.18 ? 172 GLU A CG  1 
ATOM   1375 C CD  . GLU A 1 172 ? 15.552  4.874   -8.261  1.00 17.97 ? 172 GLU A CD  1 
ATOM   1376 O OE1 . GLU A 1 172 ? 14.766  4.401   -7.388  1.00 16.40 ? 172 GLU A OE1 1 
ATOM   1377 O OE2 . GLU A 1 172 ? 15.181  5.423   -9.301  1.00 15.45 ? 172 GLU A OE2 1 
ATOM   1378 N N   . LYS A 1 173 ? 19.672  8.315   -6.631  1.00 17.12 ? 173 LYS A N   1 
ATOM   1379 C CA  . LYS A 1 173 ? 20.056  9.574   -5.958  1.00 18.18 ? 173 LYS A CA  1 
ATOM   1380 C C   . LYS A 1 173 ? 20.952  9.378   -4.756  1.00 17.78 ? 173 LYS A C   1 
ATOM   1381 O O   . LYS A 1 173 ? 20.795  10.062  -3.757  1.00 17.87 ? 173 LYS A O   1 
ATOM   1382 C CB  . LYS A 1 173 ? 18.798  10.338  -5.552  1.00 19.27 ? 173 LYS A CB  1 
ATOM   1383 C CG  . LYS A 1 173 ? 17.779  10.531  -6.678  1.00 21.07 ? 173 LYS A CG  1 
ATOM   1384 C CD  . LYS A 1 173 ? 17.771  11.951  -7.288  1.00 27.36 ? 173 LYS A CD  1 
ATOM   1385 C CE  . LYS A 1 173 ? 16.373  12.331  -7.826  1.00 27.48 ? 173 LYS A CE  1 
ATOM   1386 N NZ  . LYS A 1 173 ? 15.295  12.702  -6.767  1.00 22.65 ? 173 LYS A NZ  1 
ATOM   1387 N N   . GLY A 1 174 ? 21.860  8.410   -4.809  1.00 17.39 ? 174 GLY A N   1 
ATOM   1388 C CA  . GLY A 1 174 ? 22.793  8.149   -3.680  1.00 17.18 ? 174 GLY A CA  1 
ATOM   1389 C C   . GLY A 1 174 ? 22.207  7.419   -2.460  1.00 17.68 ? 174 GLY A C   1 
ATOM   1390 O O   . GLY A 1 174 ? 22.900  7.211   -1.422  1.00 18.37 ? 174 GLY A O   1 
ATOM   1391 N N   . ILE A 1 175 ? 20.937  6.996   -2.586  1.00 14.41 ? 175 ILE A N   1 
ATOM   1392 C CA  . ILE A 1 175 ? 20.196  6.400   -1.494  1.00 13.66 ? 175 ILE A CA  1 
ATOM   1393 C C   . ILE A 1 175 ? 20.009  4.896   -1.828  1.00 12.06 ? 175 ILE A C   1 
ATOM   1394 O O   . ILE A 1 175 ? 19.367  4.546   -2.829  1.00 11.50 ? 175 ILE A O   1 
ATOM   1395 C CB  . ILE A 1 175 ? 18.800  7.095   -1.373  1.00 13.05 ? 175 ILE A CB  1 
ATOM   1396 C CG1 . ILE A 1 175 ? 19.066  8.581   -1.053  1.00 16.30 ? 175 ILE A CG1 1 
ATOM   1397 C CG2 . ILE A 1 175 ? 17.918  6.421   -0.286  1.00 13.94 ? 175 ILE A CG2 1 
ATOM   1398 C CD1 . ILE A 1 175 ? 17.814  9.439   -1.045  1.00 16.78 ? 175 ILE A CD1 1 
ATOM   1399 N N   . LYS A 1 176 ? 20.575  4.057   -0.992  1.00 11.58 ? 176 LYS A N   1 
ATOM   1400 C CA  . LYS A 1 176 ? 20.470  2.611   -1.216  1.00 12.52 ? 176 LYS A CA  1 
ATOM   1401 C C   . LYS A 1 176 ? 19.120  2.132   -0.599  1.00 12.50 ? 176 LYS A C   1 
ATOM   1402 O O   . LYS A 1 176 ? 18.699  2.622   0.486   1.00 11.04 ? 176 LYS A O   1 
ATOM   1403 C CB  . LYS A 1 176 ? 21.630  1.960   -0.516  1.00 14.12 ? 176 LYS A CB  1 
ATOM   1404 C CG  . LYS A 1 176 ? 22.947  2.092   -1.290  1.00 17.95 ? 176 LYS A CG  1 
ATOM   1405 C CD  . LYS A 1 176 ? 24.029  1.424   -0.420  1.00 22.23 ? 176 LYS A CD  1 
ATOM   1406 C CE  . LYS A 1 176 ? 25.311  1.058   -1.183  1.00 28.67 ? 176 LYS A CE  1 
ATOM   1407 N NZ  . LYS A 1 176 ? 25.755  2.246   -1.949  1.00 34.82 ? 176 LYS A NZ  1 
ATOM   1408 N N   . TYR A 1 177 ? 18.461  1.197   -1.280  1.00 11.45 ? 177 TYR A N   1 
ATOM   1409 C CA  . TYR A 1 177 ? 17.231  0.578   -0.707  1.00 9.46  ? 177 TYR A CA  1 
ATOM   1410 C C   . TYR A 1 177 ? 17.091  -0.878  -1.222  1.00 9.46  ? 177 TYR A C   1 
ATOM   1411 O O   . TYR A 1 177 ? 17.780  -1.269  -2.141  1.00 9.50  ? 177 TYR A O   1 
ATOM   1412 C CB  . TYR A 1 177 ? 15.985  1.376   -1.055  1.00 8.56  ? 177 TYR A CB  1 
ATOM   1413 C CG  . TYR A 1 177 ? 15.681  1.569   -2.540  1.00 8.72  ? 177 TYR A CG  1 
ATOM   1414 C CD1 . TYR A 1 177 ? 14.769  0.767   -3.165  1.00 10.55 ? 177 TYR A CD1 1 
ATOM   1415 C CD2 . TYR A 1 177 ? 16.268  2.616   -3.295  1.00 9.85  ? 177 TYR A CD2 1 
ATOM   1416 C CE1 . TYR A 1 177 ? 14.466  0.903   -4.506  1.00 12.47 ? 177 TYR A CE1 1 
ATOM   1417 C CE2 . TYR A 1 177 ? 15.950  2.804   -4.644  1.00 11.62 ? 177 TYR A CE2 1 
ATOM   1418 C CZ  . TYR A 1 177 ? 15.044  1.919   -5.250  1.00 11.49 ? 177 TYR A CZ  1 
ATOM   1419 O OH  . TYR A 1 177 ? 14.672  1.991   -6.592  1.00 13.66 ? 177 TYR A OH  1 
ATOM   1420 N N   . LYS A 1 178 ? 16.216  -1.668  -0.619  1.00 7.76  ? 178 LYS A N   1 
ATOM   1421 C CA  . LYS A 1 178 ? 16.060  -3.039  -1.053  1.00 8.29  ? 178 LYS A CA  1 
ATOM   1422 C C   . LYS A 1 178 ? 14.615  -3.443  -0.823  1.00 7.70  ? 178 LYS A C   1 
ATOM   1423 O O   . LYS A 1 178 ? 13.894  -2.856  0.058   1.00 9.74  ? 178 LYS A O   1 
ATOM   1424 C CB  . LYS A 1 178 ? 17.049  -3.985  -0.310  1.00 6.74  ? 178 LYS A CB  1 
ATOM   1425 C CG  . LYS A 1 178 ? 16.888  -3.886  1.293   1.00 9.80  ? 178 LYS A CG  1 
ATOM   1426 C CD  . LYS A 1 178 ? 17.829  -4.834  2.052   1.00 15.19 ? 178 LYS A CD  1 
ATOM   1427 C CE  . LYS A 1 178 ? 17.666  -4.718  3.597   1.00 17.64 ? 178 LYS A CE  1 
ATOM   1428 N NZ  . LYS A 1 178 ? 18.716  -5.675  4.087   1.00 17.07 ? 178 LYS A NZ  1 
ATOM   1429 N N   . PHE A 1 179 ? 14.163  -4.424  -1.602  1.00 8.07  ? 179 PHE A N   1 
ATOM   1430 C CA  . PHE A 1 179 ? 12.734  -4.817  -1.569  1.00 8.49  ? 179 PHE A CA  1 
ATOM   1431 C C   . PHE A 1 179 ? 12.590  -6.067  -0.740  1.00 8.64  ? 179 PHE A C   1 
ATOM   1432 O O   . PHE A 1 179 ? 13.394  -6.993  -0.908  1.00 8.99  ? 179 PHE A O   1 
ATOM   1433 C CB  . PHE A 1 179 ? 12.219  -5.134  -3.008  1.00 6.67  ? 179 PHE A CB  1 
ATOM   1434 C CG  . PHE A 1 179 ? 12.319  -3.976  -3.975  1.00 8.42  ? 179 PHE A CG  1 
ATOM   1435 C CD1 . PHE A 1 179 ? 13.115  -4.087  -5.147  1.00 7.89  ? 179 PHE A CD1 1 
ATOM   1436 C CD2 . PHE A 1 179 ? 11.586  -2.783  -3.743  1.00 8.86  ? 179 PHE A CD2 1 
ATOM   1437 C CE1 . PHE A 1 179 ? 13.227  -3.051  -6.053  1.00 9.70  ? 179 PHE A CE1 1 
ATOM   1438 C CE2 . PHE A 1 179 ? 11.661  -1.706  -4.673  1.00 10.20 ? 179 PHE A CE2 1 
ATOM   1439 C CZ  . PHE A 1 179 ? 12.447  -1.816  -5.842  1.00 10.86 ? 179 PHE A CZ  1 
ATOM   1440 N N   . GLU A 1 180 ? 11.519  -6.160  0.061   1.00 7.69  ? 180 GLU A N   1 
ATOM   1441 C CA  . GLU A 1 180 ? 11.296  -7.341  0.957   1.00 7.91  ? 180 GLU A CA  1 
ATOM   1442 C C   . GLU A 1 180 ? 9.838   -7.707  0.863   1.00 9.10  ? 180 GLU A C   1 
ATOM   1443 O O   . GLU A 1 180 ? 8.987   -6.825  0.613   1.00 8.56  ? 180 GLU A O   1 
ATOM   1444 C CB  . GLU A 1 180 ? 11.603  -7.084  2.440   1.00 5.85  ? 180 GLU A CB  1 
ATOM   1445 C CG  . GLU A 1 180 ? 13.032  -6.641  2.647   1.00 6.37  ? 180 GLU A CG  1 
ATOM   1446 C CD  . GLU A 1 180 ? 13.373  -6.376  4.082   1.00 9.76  ? 180 GLU A CD  1 
ATOM   1447 O OE1 . GLU A 1 180 ? 14.569  -6.501  4.384   1.00 7.30  ? 180 GLU A OE1 1 
ATOM   1448 O OE2 . GLU A 1 180 ? 12.483  -6.011  4.898   1.00 12.03 ? 180 GLU A OE2 1 
ATOM   1449 N N   . VAL A 1 181 ? 9.553   -8.991  1.105   1.00 7.45  ? 181 VAL A N   1 
ATOM   1450 C CA  . VAL A 1 181 ? 8.183   -9.457  1.154   1.00 7.69  ? 181 VAL A CA  1 
ATOM   1451 C C   . VAL A 1 181 ? 8.012   -10.258 2.428   1.00 6.85  ? 181 VAL A C   1 
ATOM   1452 O O   . VAL A 1 181 ? 8.799   -11.208 2.693   1.00 8.01  ? 181 VAL A O   1 
ATOM   1453 C CB  . VAL A 1 181 ? 7.784   -10.314 -0.109  1.00 8.48  ? 181 VAL A CB  1 
ATOM   1454 C CG1 . VAL A 1 181 ? 6.300   -10.775 0.026   1.00 6.27  ? 181 VAL A CG1 1 
ATOM   1455 C CG2 . VAL A 1 181 ? 8.022   -9.515  -1.404  1.00 8.64  ? 181 VAL A CG2 1 
ATOM   1456 N N   . TYR A 1 182 ? 7.027   -9.873  3.236   1.00 8.01  ? 182 TYR A N   1 
ATOM   1457 C CA  . TYR A 1 182 ? 6.649   -10.605 4.434   1.00 6.63  ? 182 TYR A CA  1 
ATOM   1458 C C   . TYR A 1 182 ? 5.301   -11.271 4.264   1.00 8.63  ? 182 TYR A C   1 
ATOM   1459 O O   . TYR A 1 182 ? 4.413   -10.713 3.587   1.00 9.10  ? 182 TYR A O   1 
ATOM   1460 C CB  . TYR A 1 182 ? 6.552   -9.665  5.648   1.00 6.18  ? 182 TYR A CB  1 
ATOM   1461 C CG  . TYR A 1 182 ? 7.883   -9.019  5.981   1.00 6.72  ? 182 TYR A CG  1 
ATOM   1462 C CD1 . TYR A 1 182 ? 8.339   -7.917  5.234   1.00 7.51  ? 182 TYR A CD1 1 
ATOM   1463 C CD2 . TYR A 1 182 ? 8.685   -9.510  7.013   1.00 7.62  ? 182 TYR A CD2 1 
ATOM   1464 C CE1 . TYR A 1 182 ? 9.596   -7.336  5.521   1.00 8.95  ? 182 TYR A CE1 1 
ATOM   1465 C CE2 . TYR A 1 182 ? 9.951   -8.911  7.326   1.00 9.28  ? 182 TYR A CE2 1 
ATOM   1466 C CZ  . TYR A 1 182 ? 10.388  -7.852  6.537   1.00 10.53 ? 182 TYR A CZ  1 
ATOM   1467 O OH  . TYR A 1 182 ? 11.598  -7.229  6.837   1.00 7.93  ? 182 TYR A OH  1 
ATOM   1468 N N   . GLU A 1 183 ? 5.138   -12.434 4.902   1.00 8.84  ? 183 GLU A N   1 
ATOM   1469 C CA  . GLU A 1 183 ? 3.849   -13.136 4.885   1.00 10.47 ? 183 GLU A CA  1 
ATOM   1470 C C   . GLU A 1 183 ? 3.432   -13.657 6.260   1.00 10.81 ? 183 GLU A C   1 
ATOM   1471 O O   . GLU A 1 183 ? 4.243   -14.300 6.989   1.00 8.70  ? 183 GLU A O   1 
ATOM   1472 C CB  . GLU A 1 183 ? 3.966   -14.322 3.895   1.00 9.00  ? 183 GLU A CB  1 
ATOM   1473 C CG  . GLU A 1 183 ? 2.690   -15.064 3.627   1.00 11.67 ? 183 GLU A CG  1 
ATOM   1474 C CD  . GLU A 1 183 ? 2.790   -16.009 2.407   1.00 11.93 ? 183 GLU A CD  1 
ATOM   1475 O OE1 . GLU A 1 183 ? 1.740   -16.274 1.800   1.00 13.18 ? 183 GLU A OE1 1 
ATOM   1476 O OE2 . GLU A 1 183 ? 3.894   -16.474 2.052   1.00 11.84 ? 183 GLU A OE2 1 
ATOM   1477 N N   . LYS A 1 184 ? 2.154   -13.455 6.602   1.00 11.72 ? 184 LYS A N   1 
ATOM   1478 C CA  . LYS A 1 184 ? 1.600   -14.101 7.819   1.00 13.43 ? 184 LYS A CA  1 
ATOM   1479 C C   . LYS A 1 184 ? 0.380   -14.868 7.386   1.00 15.39 ? 184 LYS A C   1 
ATOM   1480 O O   . LYS A 1 184 ? -0.192  -14.576 6.345   1.00 12.55 ? 184 LYS A O   1 
ATOM   1481 C CB  . LYS A 1 184 ? 1.221   -13.093 8.913   1.00 13.42 ? 184 LYS A CB  1 
ATOM   1482 C CG  . LYS A 1 184 ? -0.042  -12.267 8.700   1.00 13.23 ? 184 LYS A CG  1 
ATOM   1483 C CD  . LYS A 1 184 ? -0.465  -11.581 10.007  1.00 13.15 ? 184 LYS A CD  1 
ATOM   1484 C CE  . LYS A 1 184 ? -1.788  -10.796 9.916   1.00 11.24 ? 184 LYS A CE  1 
ATOM   1485 N NZ  . LYS A 1 184 ? -2.996  -11.704 9.682   1.00 8.67  ? 184 LYS A NZ  1 
ATOM   1486 N N   . ASN A 1 185 ? -0.039  -15.829 8.216   1.00 17.89 ? 185 ASN A N   1 
ATOM   1487 C CA  . ASN A 1 185 ? -1.380  -16.406 8.066   1.00 18.34 ? 185 ASN A CA  1 
ATOM   1488 C C   . ASN A 1 185 ? -1.820  -16.820 9.436   1.00 19.55 ? 185 ASN A C   1 
ATOM   1489 O O   . ASN A 1 185 ? -1.340  -17.816 9.985   1.00 20.68 ? 185 ASN A O   1 
ATOM   1490 C CB  . ASN A 1 185 ? -1.297  -17.620 7.133   1.00 18.67 ? 185 ASN A CB  1 
ATOM   1491 C CG  . ASN A 1 185 ? -2.646  -18.086 6.621   1.00 22.68 ? 185 ASN A CG  1 
ATOM   1492 O OD1 . ASN A 1 185 ? -2.786  -19.235 6.223   1.00 30.93 ? 185 ASN A OD1 1 
ATOM   1493 N ND2 . ASN A 1 185 ? -3.630  -17.207 6.612   1.00 19.15 ? 185 ASN A ND2 1 
ATOM   1494 N N   . ASP A 1 186 ? -2.721  -16.067 10.029  1.00 20.60 ? 186 ASP A N   1 
ATOM   1495 C CA  . ASP A 1 186 ? -3.085  -16.378 11.424  1.00 22.25 ? 186 ASP A CA  1 
ATOM   1496 C C   . ASP A 1 186 ? -4.587  -16.166 11.567  1.00 22.77 ? 186 ASP A C   1 
ATOM   1497 O O   . ASP A 1 186 ? -5.178  -16.011 12.631  1.00 22.95 ? 186 ASP A O   1 
ATOM   1498 C CB  . ASP A 1 186 ? -2.236  -15.572 12.442  1.00 21.62 ? 186 ASP A CB  1 
ATOM   1499 C CG  . ASP A 1 186 ? -2.471  -14.066 12.335  1.00 20.79 ? 186 ASP A CG  1 
ATOM   1500 O OD1 . ASP A 1 186 ? -3.265  -13.671 11.469  1.00 21.85 ? 186 ASP A OD1 1 
ATOM   1501 O OD2 . ASP A 1 186 ? -1.883  -13.268 13.100  1.00 18.08 ? 186 ASP A OD2 1 
ATOM   1502 O OXT . ASP A 1 186 ? -5.231  -16.154 10.545  1.00 22.72 ? 186 ASP A OXT 1 
HETATM 1503 N N1  . D2F B 2 .   ? 6.739   3.112   -2.446  1.00 12.81 ? 187 D2F A N1  1 
HETATM 1504 C C2  . D2F B 2 .   ? 6.285   1.882   -2.079  1.00 8.86  ? 187 D2F A C2  1 
HETATM 1505 N N3  . D2F B 2 .   ? 5.102   1.729   -1.436  1.00 7.57  ? 187 D2F A N3  1 
HETATM 1506 C C4  . D2F B 2 .   ? 4.308   2.781   -1.197  1.00 9.56  ? 187 D2F A C4  1 
HETATM 1507 C C5  . D2F B 2 .   ? 4.716   4.061   -1.569  1.00 12.74 ? 187 D2F A C5  1 
HETATM 1508 C C6  . D2F B 2 .   ? 5.982   4.197   -2.204  1.00 15.18 ? 187 D2F A C6  1 
HETATM 1509 C CAA . D2F B 2 .   ? -1.126  6.039   -2.726  1.00 18.90 ? 187 D2F A CAA 1 
HETATM 1510 C CAB . D2F B 2 .   ? 6.221   8.806   -4.801  1.00 22.09 ? 187 D2F A CAB 1 
HETATM 1511 N NAC . D2F B 2 .   ? 7.058   0.825   -2.338  1.00 6.33  ? 187 D2F A NAC 1 
HETATM 1512 N NAD . D2F B 2 .   ? 6.457   5.394   -2.604  1.00 16.81 ? 187 D2F A NAD 1 
HETATM 1513 C CAE . D2F B 2 .   ? 3.696   6.378   -1.349  1.00 16.42 ? 187 D2F A CAE 1 
HETATM 1514 C CAF . D2F B 2 .   ? 3.600   11.246  -2.870  1.00 29.59 ? 187 D2F A CAF 1 
HETATM 1515 C CAG . D2F B 2 .   ? 2.549   10.714  -2.132  1.00 29.20 ? 187 D2F A CAG 1 
HETATM 1516 C CAH . D2F B 2 .   ? 4.506   10.389  -3.480  1.00 26.82 ? 187 D2F A CAH 1 
HETATM 1517 C CAI . D2F B 2 .   ? 2.397   9.336   -1.979  1.00 26.73 ? 187 D2F A CAI 1 
HETATM 1518 C CAJ . D2F B 2 .   ? 2.715   4.251   -0.610  1.00 11.38 ? 187 D2F A CAJ 1 
HETATM 1519 C CAK . D2F B 2 .   ? 0.363   6.129   -2.521  1.00 16.47 ? 187 D2F A CAK 1 
HETATM 1520 C CAL . D2F B 2 .   ? 1.097   6.474   -3.824  1.00 15.33 ? 187 D2F A CAL 1 
HETATM 1521 C CAM . D2F B 2 .   ? 2.594   6.210   -3.635  1.00 16.29 ? 187 D2F A CAM 1 
HETATM 1522 O OAP . D2F B 2 .   ? 5.237   8.170   -3.936  1.00 23.33 ? 187 D2F A OAP 1 
HETATM 1523 O OAQ . D2F B 2 .   ? 3.097   2.887   -0.629  1.00 12.12 ? 187 D2F A OAQ 1 
HETATM 1524 C CAR . D2F B 2 .   ? 3.168   7.046   -2.462  1.00 18.30 ? 187 D2F A CAR 1 
HETATM 1525 C CAT . D2F B 2 .   ? 3.701   4.943   -1.181  1.00 14.36 ? 187 D2F A CAT 1 
HETATM 1526 C CAV . D2F B 2 .   ? 4.357   9.009   -3.330  1.00 23.01 ? 187 D2F A CAV 1 
HETATM 1527 C CAW . D2F B 2 .   ? 3.300   8.461   -2.570  1.00 23.42 ? 187 D2F A CAW 1 
HETATM 1528 P PA  . NDP C 3 .   ? -4.116  8.367   6.282   1.00 13.22 ? 188 NDP A PA  1 
HETATM 1529 O O1A . NDP C 3 .   ? -4.420  7.034   6.899   1.00 16.28 ? 188 NDP A O1A 1 
HETATM 1530 O O2A . NDP C 3 .   ? -3.940  8.319   4.823   1.00 11.76 ? 188 NDP A O2A 1 
HETATM 1531 O O5B . NDP C 3 .   ? -5.277  9.339   6.410   1.00 13.19 ? 188 NDP A O5B 1 
HETATM 1532 C C5B . NDP C 3 .   ? -5.877  9.701   7.632   1.00 23.48 ? 188 NDP A C5B 1 
HETATM 1533 C C4B . NDP C 3 .   ? -7.357  10.052  7.261   1.00 26.94 ? 188 NDP A C4B 1 
HETATM 1534 O O4B . NDP C 3 .   ? -8.228  8.975   6.561   1.00 25.22 ? 188 NDP A O4B 1 
HETATM 1535 C C3B . NDP C 3 .   ? -7.933  10.250  8.663   1.00 30.47 ? 188 NDP A C3B 1 
HETATM 1536 O O3B . NDP C 3 .   ? -7.913  11.680  9.002   1.00 33.84 ? 188 NDP A O3B 1 
HETATM 1537 C C2B . NDP C 3 .   ? -9.334  9.586   8.541   1.00 28.15 ? 188 NDP A C2B 1 
HETATM 1538 O O2B . NDP C 3 .   ? -10.248 10.422  7.915   1.00 23.80 ? 188 NDP A O2B 1 
HETATM 1539 C C1B . NDP C 3 .   ? -9.185  8.521   7.391   1.00 25.30 ? 188 NDP A C1B 1 
HETATM 1540 N N9A . NDP C 3 .   ? -8.779  7.160   7.869   1.00 28.73 ? 188 NDP A N9A 1 
HETATM 1541 C C8A . NDP C 3 .   ? -7.557  6.587   8.094   1.00 21.14 ? 188 NDP A C8A 1 
HETATM 1542 N N7A . NDP C 3 .   ? -7.888  5.310   8.507   1.00 31.21 ? 188 NDP A N7A 1 
HETATM 1543 C C5A . NDP C 3 .   ? -9.224  5.078   8.526   1.00 25.91 ? 188 NDP A C5A 1 
HETATM 1544 C C6A . NDP C 3 .   ? -10.167 4.052   8.849   1.00 30.63 ? 188 NDP A C6A 1 
HETATM 1545 N N6A . NDP C 3 .   ? -9.896  2.773   9.240   1.00 31.44 ? 188 NDP A N6A 1 
HETATM 1546 N N1A . NDP C 3 .   ? -11.492 4.345   8.732   1.00 28.75 ? 188 NDP A N1A 1 
HETATM 1547 C C2A . NDP C 3 .   ? -11.949 5.524   8.305   1.00 24.80 ? 188 NDP A C2A 1 
HETATM 1548 N N3A . NDP C 3 .   ? -11.122 6.486   8.018   1.00 21.15 ? 188 NDP A N3A 1 
HETATM 1549 C C4A . NDP C 3 .   ? -9.781  6.303   8.141   1.00 28.36 ? 188 NDP A C4A 1 
HETATM 1550 O O3  . NDP C 3 .   ? -3.026  9.313   6.901   1.00 17.76 ? 188 NDP A O3  1 
HETATM 1551 P PN  . NDP C 3 .   ? -1.472  9.407   7.542   1.00 29.08 ? 188 NDP A PN  1 
HETATM 1552 O O1N . NDP C 3 .   ? -1.253  10.821  7.987   1.00 29.86 ? 188 NDP A O1N 1 
HETATM 1553 O O2N . NDP C 3 .   ? -1.152  8.235   8.437   1.00 27.07 ? 188 NDP A O2N 1 
HETATM 1554 O O5D . NDP C 3 .   ? -0.560  9.369   6.160   1.00 26.58 ? 188 NDP A O5D 1 
HETATM 1555 C C5D . NDP C 3 .   ? -0.533  10.244  5.064   1.00 32.51 ? 188 NDP A C5D 1 
HETATM 1556 C C4D . NDP C 3 .   ? 0.950   10.468  4.698   1.00 39.22 ? 188 NDP A C4D 1 
HETATM 1557 O O4D . NDP C 3 .   ? 1.955   9.355   4.937   1.00 36.78 ? 188 NDP A O4D 1 
HETATM 1558 C C3D . NDP C 3 .   ? 0.788   10.661  3.196   1.00 40.64 ? 188 NDP A C3D 1 
HETATM 1559 O O3D . NDP C 3 .   ? 0.525   12.053  3.000   1.00 47.67 ? 188 NDP A O3D 1 
HETATM 1560 C C2D . NDP C 3 .   ? 2.116   10.211  2.533   1.00 41.59 ? 188 NDP A C2D 1 
HETATM 1561 O O2D . NDP C 3 .   ? 3.127   11.243  2.385   1.00 38.21 ? 188 NDP A O2D 1 
HETATM 1562 C C1D . NDP C 3 .   ? 2.638   9.166   3.552   1.00 40.52 ? 188 NDP A C1D 1 
HETATM 1563 N N1N . NDP C 3 .   ? 2.491   7.769   3.046   1.00 38.14 ? 188 NDP A N1N 1 
HETATM 1564 C C2N . NDP C 3 .   ? 3.701   7.137   2.695   1.00 36.71 ? 188 NDP A C2N 1 
HETATM 1565 C C3N . NDP C 3 .   ? 3.707   5.825   2.275   1.00 32.81 ? 188 NDP A C3N 1 
HETATM 1566 C C7N . NDP C 3 .   ? 5.087   5.198   1.917   1.00 28.24 ? 188 NDP A C7N 1 
HETATM 1567 O O7N . NDP C 3 .   ? 6.265   5.836   2.037   1.00 29.29 ? 188 NDP A O7N 1 
HETATM 1568 N N7N . NDP C 3 .   ? 5.061   3.963   1.581   1.00 19.58 ? 188 NDP A N7N 1 
HETATM 1569 C C4N . NDP C 3 .   ? 2.473   5.153   2.197   1.00 30.93 ? 188 NDP A C4N 1 
HETATM 1570 C C5N . NDP C 3 .   ? 1.259   5.785   2.516   1.00 34.51 ? 188 NDP A C5N 1 
HETATM 1571 C C6N . NDP C 3 .   ? 1.239   7.099   2.965   1.00 34.89 ? 188 NDP A C6N 1 
HETATM 1572 P P2B . NDP C 3 .   ? -11.394 11.249  8.529   1.00 16.57 ? 188 NDP A P2B 1 
HETATM 1573 O O1X . NDP C 3 .   ? -12.300 10.132  9.114   1.00 16.74 ? 188 NDP A O1X 1 
HETATM 1574 O O2X . NDP C 3 .   ? -11.928 11.973  7.274   1.00 17.77 ? 188 NDP A O2X 1 
HETATM 1575 O O3X . NDP C 3 .   ? -10.865 12.172  9.594   1.00 14.85 ? 188 NDP A O3X 1 
HETATM 1576 S S   . SO4 D 4 .   ? 16.737  -11.526 -8.262  1.00 45.71 ? 189 SO4 A S   1 
HETATM 1577 O O1  . SO4 D 4 .   ? 17.814  -12.400 -8.730  1.00 42.19 ? 189 SO4 A O1  1 
HETATM 1578 O O2  . SO4 D 4 .   ? 17.297  -10.380 -7.509  1.00 35.03 ? 189 SO4 A O2  1 
HETATM 1579 O O3  . SO4 D 4 .   ? 15.853  -11.024 -9.318  1.00 40.85 ? 189 SO4 A O3  1 
HETATM 1580 O O4  . SO4 D 4 .   ? 15.955  -12.458 -7.420  1.00 45.66 ? 189 SO4 A O4  1 
HETATM 1581 O O   . HOH E 5 .   ? 2.806   7.714   12.577  1.00 13.04 ? 190 HOH A O   1 
HETATM 1582 O O   . HOH E 5 .   ? -1.940  14.585  2.683   1.00 11.62 ? 191 HOH A O   1 
HETATM 1583 O O   . HOH E 5 .   ? 8.698   -4.821  -1.513  1.00 9.49  ? 192 HOH A O   1 
HETATM 1584 O O   . HOH E 5 .   ? 15.927  -6.064  -3.105  1.00 7.26  ? 193 HOH A O   1 
HETATM 1585 O O   . HOH E 5 .   ? 7.532   -2.154  -1.246  1.00 6.06  ? 194 HOH A O   1 
HETATM 1586 O O   . HOH E 5 .   ? 11.584  -10.859 0.441   1.00 8.75  ? 195 HOH A O   1 
HETATM 1587 O O   . HOH E 5 .   ? 3.003   -6.318  12.974  1.00 9.53  ? 196 HOH A O   1 
HETATM 1588 O O   . HOH E 5 .   ? 13.134  0.307   7.905   1.00 12.14 ? 197 HOH A O   1 
HETATM 1589 O O   . HOH E 5 .   ? 15.113  0.809   6.001   1.00 7.85  ? 198 HOH A O   1 
HETATM 1590 O O   . HOH E 5 .   ? -4.190  16.470  6.098   1.00 12.71 ? 199 HOH A O   1 
HETATM 1591 O O   . HOH E 5 .   ? 9.290   -6.024  15.886  1.00 11.31 ? 200 HOH A O   1 
HETATM 1592 O O   . HOH E 5 .   ? -18.455 2.232   5.222   1.00 15.04 ? 201 HOH A O   1 
HETATM 1593 O O   . HOH E 5 .   ? 11.710  -5.439  -7.700  1.00 11.03 ? 202 HOH A O   1 
HETATM 1594 O O   . HOH E 5 .   ? 4.920   -7.233  -12.241 1.00 14.80 ? 203 HOH A O   1 
HETATM 1595 O O   . HOH E 5 .   ? 16.208  -7.962  -0.705  1.00 13.32 ? 204 HOH A O   1 
HETATM 1596 O O   . HOH E 5 .   ? -3.231  7.134   9.844   1.00 19.18 ? 205 HOH A O   1 
HETATM 1597 O O   . HOH E 5 .   ? 10.279  -5.826  12.640  1.00 10.38 ? 206 HOH A O   1 
HETATM 1598 O O   . HOH E 5 .   ? 2.966   13.091  6.850   1.00 19.06 ? 207 HOH A O   1 
HETATM 1599 O O   . HOH E 5 .   ? -1.426  6.139   -12.057 1.00 19.98 ? 208 HOH A O   1 
HETATM 1600 O O   . HOH E 5 .   ? -18.201 11.548  -5.342  1.00 10.83 ? 209 HOH A O   1 
HETATM 1601 O O   . HOH E 5 .   ? 3.848   0.009   16.135  1.00 22.78 ? 210 HOH A O   1 
HETATM 1602 O O   . HOH E 5 .   ? -16.834 8.100   -7.790  1.00 13.32 ? 211 HOH A O   1 
HETATM 1603 O O   . HOH E 5 .   ? -17.315 3.739   -8.567  1.00 17.59 ? 212 HOH A O   1 
HETATM 1604 O O   . HOH E 5 .   ? -18.489 4.615   -2.414  1.00 12.30 ? 213 HOH A O   1 
HETATM 1605 O O   . HOH E 5 .   ? 23.116  -6.299  -3.623  1.00 14.36 ? 214 HOH A O   1 
HETATM 1606 O O   . HOH E 5 .   ? 9.331   -8.783  15.974  1.00 10.09 ? 215 HOH A O   1 
HETATM 1607 O O   . HOH E 5 .   ? 21.210  7.594   7.918   1.00 17.49 ? 216 HOH A O   1 
HETATM 1608 O O   . HOH E 5 .   ? -0.664  -3.979  13.830  1.00 19.35 ? 217 HOH A O   1 
HETATM 1609 O O   . HOH E 5 .   ? 4.155   -17.171 6.373   1.00 23.13 ? 218 HOH A O   1 
HETATM 1610 O O   . HOH E 5 .   ? -0.134  -11.340 -3.128  1.00 14.50 ? 219 HOH A O   1 
HETATM 1611 O O   . HOH E 5 .   ? 13.015  14.170  5.518   1.00 15.32 ? 220 HOH A O   1 
HETATM 1612 O O   . HOH E 5 .   ? 1.318   -11.447 -5.192  1.00 13.07 ? 221 HOH A O   1 
HETATM 1613 O O   . HOH E 5 .   ? 12.125  -6.189  10.672  1.00 12.66 ? 222 HOH A O   1 
HETATM 1614 O O   . HOH E 5 .   ? 9.150   -3.393  12.983  1.00 15.09 ? 223 HOH A O   1 
HETATM 1615 O O   . HOH E 5 .   ? 12.933  -11.230 -4.368  1.00 14.04 ? 224 HOH A O   1 
HETATM 1616 O O   . HOH E 5 .   ? 8.598   9.578   -6.594  1.00 14.99 ? 225 HOH A O   1 
HETATM 1617 O O   . HOH E 5 .   ? -13.337 15.282  -1.065  1.00 15.09 ? 226 HOH A O   1 
HETATM 1618 O O   . HOH E 5 .   ? 2.408   -0.360  16.506  1.00 25.34 ? 227 HOH A O   1 
HETATM 1619 O O   . HOH E 5 .   ? 15.885  11.431  11.102  1.00 27.40 ? 228 HOH A O   1 
HETATM 1620 O O   . HOH E 5 .   ? -9.315  2.013   -13.170 1.00 11.13 ? 229 HOH A O   1 
HETATM 1621 O O   . HOH E 5 .   ? 11.111  -0.073  -10.853 1.00 15.23 ? 230 HOH A O   1 
HETATM 1622 O O   . HOH E 5 .   ? -0.401  13.289  4.750   1.00 15.67 ? 231 HOH A O   1 
HETATM 1623 O O   . HOH E 5 .   ? 7.584   -9.541  17.943  1.00 14.06 ? 232 HOH A O   1 
HETATM 1624 O O   . HOH E 5 .   ? 9.220   -17.375 -2.333  1.00 17.49 ? 233 HOH A O   1 
HETATM 1625 O O   . HOH E 5 .   ? 14.841  -0.216  -8.185  1.00 17.77 ? 234 HOH A O   1 
HETATM 1626 O O   . HOH E 5 .   ? -17.222 15.735  -3.084  1.00 18.90 ? 235 HOH A O   1 
HETATM 1627 O O   . HOH E 5 .   ? -2.569  -10.709 13.223  1.00 15.33 ? 236 HOH A O   1 
HETATM 1628 O O   . HOH E 5 .   ? -14.360 9.689   -10.262 1.00 16.03 ? 237 HOH A O   1 
HETATM 1629 O O   . HOH E 5 .   ? 1.162   -9.252  16.730  1.00 20.26 ? 238 HOH A O   1 
HETATM 1630 O O   . HOH E 5 .   ? 13.330  -1.419  -10.036 1.00 13.67 ? 239 HOH A O   1 
HETATM 1631 O O   . HOH E 5 .   ? -9.295  14.568  -5.068  1.00 10.97 ? 240 HOH A O   1 
HETATM 1632 O O   . HOH E 5 .   ? 1.866   -16.142 10.586  1.00 17.97 ? 241 HOH A O   1 
HETATM 1633 O O   . HOH E 5 .   ? 6.754   -7.082  19.314  1.00 16.85 ? 242 HOH A O   1 
HETATM 1634 O O   . HOH E 5 .   ? 4.986   -17.981 3.786   1.00 17.39 ? 243 HOH A O   1 
HETATM 1635 O O   . HOH E 5 .   ? 10.403  -3.085  10.573  1.00 20.00 ? 244 HOH A O   1 
HETATM 1636 O O   . HOH E 5 .   ? -5.220  -3.460  -11.561 1.00 13.12 ? 245 HOH A O   1 
HETATM 1637 O O   . HOH E 5 .   ? -8.473  6.037   -14.015 1.00 17.29 ? 246 HOH A O   1 
HETATM 1638 O O   . HOH E 5 .   ? 8.624   7.279   -10.998 1.00 20.13 ? 247 HOH A O   1 
HETATM 1639 O O   . HOH E 5 .   ? -12.156 8.628   -11.464 1.00 18.99 ? 248 HOH A O   1 
HETATM 1640 O O   . HOH E 5 .   ? -18.891 4.934   -5.034  1.00 17.24 ? 249 HOH A O   1 
HETATM 1641 O O   . HOH E 5 .   ? 2.412   14.770  -1.575  1.00 19.24 ? 250 HOH A O   1 
HETATM 1642 O O   . HOH E 5 .   ? -6.626  -17.485 17.241  0.33 23.35 ? 251 HOH A O   1 
HETATM 1643 O O   . HOH E 5 .   ? 12.758  -12.281 -7.906  1.00 20.71 ? 252 HOH A O   1 
HETATM 1644 O O   . HOH E 5 .   ? -1.020  18.829  -7.021  1.00 27.61 ? 253 HOH A O   1 
HETATM 1645 O O   . HOH E 5 .   ? 1.082   -7.439  -8.705  1.00 21.47 ? 254 HOH A O   1 
HETATM 1646 O O   . HOH E 5 .   ? 19.166  0.597   -8.520  1.00 21.30 ? 255 HOH A O   1 
HETATM 1647 O O   . HOH E 5 .   ? -1.395  -11.894 0.511   1.00 11.33 ? 256 HOH A O   1 
HETATM 1648 O O   . HOH E 5 .   ? -1.595  19.891  -5.549  1.00 26.98 ? 257 HOH A O   1 
HETATM 1649 O O   . HOH E 5 .   ? -21.123 -4.381  -13.167 1.00 29.34 ? 258 HOH A O   1 
HETATM 1650 O O   . HOH E 5 .   ? 7.413   12.147  -5.830  1.00 20.88 ? 259 HOH A O   1 
HETATM 1651 O O   . HOH E 5 .   ? 25.077  -4.206  -2.890  1.00 20.34 ? 260 HOH A O   1 
HETATM 1652 O O   . HOH E 5 .   ? 10.598  -12.639 9.491   1.00 16.53 ? 261 HOH A O   1 
HETATM 1653 O O   . HOH E 5 .   ? -3.721  16.528  3.553   1.00 16.58 ? 262 HOH A O   1 
HETATM 1654 O O   . HOH E 5 .   ? 9.095   -1.866  -11.903 1.00 19.80 ? 263 HOH A O   1 
HETATM 1655 O O   . HOH E 5 .   ? 9.434   6.013   -2.946  1.00 19.17 ? 264 HOH A O   1 
HETATM 1656 O O   . HOH E 5 .   ? -15.923 14.153  -0.947  1.00 10.95 ? 265 HOH A O   1 
HETATM 1657 O O   . HOH E 5 .   ? -15.685 11.113  -7.539  1.00 18.29 ? 266 HOH A O   1 
HETATM 1658 O O   . HOH E 5 .   ? 22.666  2.928   3.176   1.00 15.23 ? 267 HOH A O   1 
HETATM 1659 O O   . HOH E 5 .   ? 19.467  10.569  5.143   1.00 18.24 ? 268 HOH A O   1 
HETATM 1660 O O   . HOH E 5 .   ? -8.006  4.241   -11.993 1.00 14.19 ? 269 HOH A O   1 
HETATM 1661 O O   . HOH E 5 .   ? 12.102  11.831  12.264  1.00 17.19 ? 270 HOH A O   1 
HETATM 1662 O O   . HOH E 5 .   ? 7.441   -17.068 16.840  1.00 21.47 ? 271 HOH A O   1 
HETATM 1663 O O   . HOH E 5 .   ? -6.347  -8.578  -14.899 1.00 23.15 ? 272 HOH A O   1 
HETATM 1664 O O   . HOH E 5 .   ? -0.168  15.769  1.153   1.00 17.38 ? 273 HOH A O   1 
HETATM 1665 O O   . HOH E 5 .   ? -17.859 8.248   5.244   1.00 21.41 ? 274 HOH A O   1 
HETATM 1666 O O   . HOH E 5 .   ? 5.785   0.609   -13.223 1.00 18.53 ? 275 HOH A O   1 
HETATM 1667 O O   . HOH E 5 .   ? 11.493  -12.438 -10.425 1.00 20.45 ? 276 HOH A O   1 
HETATM 1668 O O   . HOH E 5 .   ? 9.855   8.024   -4.626  1.00 20.26 ? 277 HOH A O   1 
HETATM 1669 O O   . HOH E 5 .   ? 12.434  -5.251  -12.168 1.00 21.91 ? 278 HOH A O   1 
HETATM 1670 O O   . HOH E 5 .   ? 1.901   -3.070  14.384  1.00 18.87 ? 279 HOH A O   1 
HETATM 1671 O O   . HOH E 5 .   ? 20.224  8.086   -9.768  1.00 31.61 ? 280 HOH A O   1 
HETATM 1672 O O   . HOH E 5 .   ? -3.872  -12.647 1.308   1.00 23.15 ? 281 HOH A O   1 
# 
